data_5HDT
#
_entry.id   5HDT
#
_cell.length_a   120.760
_cell.length_b   162.368
_cell.length_c   173.061
_cell.angle_alpha   90.00
_cell.angle_beta   90.00
_cell.angle_gamma   90.00
#
_symmetry.space_group_name_H-M   'P 21 21 21'
#
loop_
_entity.id
_entity.type
_entity.pdbx_description
1 polymer 'Sister chromatid cohesion protein PDS5 homolog B'
2 polymer 'Wings apart-like protein homolog'
3 non-polymer 'INOSITOL HEXAKISPHOSPHATE'
#
loop_
_entity_poly.entity_id
_entity_poly.type
_entity_poly.pdbx_seq_one_letter_code
_entity_poly.pdbx_strand_id
1 'polypeptide(L)'
;GA(MSE)DPEFGRP(MSE)EISDKISKEE(MSE)VRRLK(MSE)VVKTF(MSE)D(MSE)DQDSEEEKELYLNLALHLAS
DFFLKHPDKDVRLLVACCLADIFRIYAPEAPHTSPDKLKDIF(MSE)FITRQLKGLEDTKSPQFNRYFYLLENIAWVKSY
NICFELEDSNEIFTQLYRTLFSVINNGHNQKVH(MSE)H(MSE)VDL(MSE)SSIICEGDTVSQELLDTVLVNLVPAHKN
LNKQAYDLAKALLKRTAQAIEPYITNFFNQVL(MSE)LGKTSISDLSEHVFDLILELYNIDSHLLLSVLPQLEFKLKSND
NEERLQVVKLLAK(MSE)FGAKDSELASQNKPLWQCYLGRFNDIHVPIRLECVKFASHCL(MSE)NHPDLAKDLTEYLKV
RSHDPEEAIRHDVIVSIVTAAKKDILLVNDHLLNFVRERTLDKRWRVRKEA(MSE)(MSE)GLAQIYKKYALQSAAGKDA
AKQIAWIKDKLLHIYYQNSIDDRLLVERIFAQY(MSE)VPHNLETTER(MSE)KCLYYLYATLDLNAVKALNE(MSE)WK
CQNLLRHQVKDLLDLIKQPKTDASVKAIFSKV(MSE)VITRNLPDPGKAQDF(MSE)KKFTQVLEDDEKIRKQLEVLVSP
TCSCKQAEGCVREITKKLGNPKQPTNPFLE(MSE)IKFLLERIAPVHIDTESISALIKQVNKSIDGTADDEDEGVPTDQA
IRAGLELLKVLSFTHPISFHSAETFESLLACLK(MSE)DDEKVAEAALQIFKNTGSKIEEDFPHIRSALLPVLHHKSKKG
PPRQAKYAIHCIHAIFSSKETQFAQIFEPLHKSLDPSNLEHLITPLVTIGHIALLAPDQFAAPLKSLVATFIVKDLL
(MSE)NDRLPGKKTTKLWVPDEEVSPET(MSE)VKIQAIK(MSE)(MSE)VRWLLG(MSE)KNNHSKSGTSTLRLLTTIL
HSDGDLTEQGKISKPD(MSE)SRLRLAAGSAIVKLAQEPCYHEIITLEQYQLCALAINDECYQVRQVFAQKLHKGLSRLR
LPLEY(MSE)AICALCAKDPVKERRAHARQCLVKNINVRREYLKQHAAVSEKLLSLLPEYVVPYTIHLLAHDPDYVKVQD
IEQLKDVKECLWFVLEIL(MSE)AKNENNSHAFIRK(MSE)VENIKQTKDAQGPDDAK(MSE)NEKLYTVCDVA(MSE)N
II(MSE)SKSTTYSLESPKDPVLPARFFTQPDKNFSNTKNYLPPE(MSE)KSFF
;
A,B
2 'polypeptide(L)' MTSRFGKTYSRKGGNGSSKFDEVFSNKRTTLST E
#
loop_
_chem_comp.id
_chem_comp.type
_chem_comp.name
_chem_comp.formula
IHP non-polymer 'INOSITOL HEXAKISPHOSPHATE' 'C6 H18 O24 P6'
#
# COMPACT_ATOMS: atom_id res chain seq x y z
N MSE A 11 4.76 40.97 73.42
CA MSE A 11 4.55 39.62 73.89
C MSE A 11 3.11 39.17 73.67
O MSE A 11 2.79 37.99 73.77
CB MSE A 11 4.90 39.52 75.38
CG MSE A 11 5.11 38.10 75.89
SE MSE A 11 6.73 37.28 75.17
CE MSE A 11 6.49 35.48 75.86
HA MSE A 11 5.14 39.02 73.41
HB2 MSE A 11 5.72 40.01 75.54
HB3 MSE A 11 4.18 39.91 75.90
HG2 MSE A 11 5.20 38.11 76.86
HG3 MSE A 11 4.36 37.55 75.63
HE1 MSE A 11 7.23 34.92 75.57
HE2 MSE A 11 6.45 35.51 76.83
HE3 MSE A 11 5.66 35.11 75.51
N GLU A 12 2.24 40.13 73.34
CA GLU A 12 0.83 39.84 73.08
C GLU A 12 0.43 40.31 71.69
N ILE A 13 -0.33 39.47 71.00
CA ILE A 13 -0.91 39.81 69.70
C ILE A 13 -2.36 39.37 69.67
N SER A 14 -3.26 40.33 69.47
CA SER A 14 -4.69 40.06 69.54
C SER A 14 -5.47 41.08 68.72
N ASP A 15 -6.80 40.95 68.75
CA ASP A 15 -7.68 41.83 68.00
C ASP A 15 -7.94 43.15 68.73
N LYS A 16 -7.36 43.30 69.92
CA LYS A 16 -7.55 44.51 70.72
C LYS A 16 -6.64 45.63 70.22
N ILE A 17 -5.40 45.27 69.91
CA ILE A 17 -4.37 46.24 69.54
C ILE A 17 -4.68 46.90 68.20
N SER A 18 -4.20 48.14 68.03
CA SER A 18 -4.30 48.84 66.76
C SER A 18 -3.60 48.05 65.67
N LYS A 19 -4.06 48.20 64.43
CA LYS A 19 -3.51 47.42 63.32
C LYS A 19 -2.01 47.68 63.14
N GLU A 20 -1.61 48.94 63.30
CA GLU A 20 -0.20 49.30 63.14
C GLU A 20 0.67 48.63 64.18
N GLU A 21 0.25 48.70 65.44
CA GLU A 21 1.04 48.16 66.55
C GLU A 21 1.09 46.64 66.50
N MSE A 22 0.03 46.02 65.99
CA MSE A 22 -0.01 44.56 65.86
C MSE A 22 1.05 44.09 64.88
O MSE A 22 1.82 43.18 65.19
CB MSE A 22 -1.39 44.10 65.39
CG MSE A 22 -1.58 42.58 65.45
SE MSE A 22 -3.01 41.96 64.28
CE MSE A 22 -4.42 43.17 64.85
H MSE A 22 -0.67 46.42 65.70
HA MSE A 22 0.17 44.17 66.73
HB2 MSE A 22 -2.07 44.50 65.97
HB3 MSE A 22 -1.53 44.39 64.48
HG2 MSE A 22 -0.75 42.15 65.17
HG3 MSE A 22 -1.80 42.32 66.35
HE1 MSE A 22 -5.22 42.98 64.34
HE2 MSE A 22 -4.58 43.04 65.80
HE3 MSE A 22 -4.14 44.08 64.70
N VAL A 23 1.08 44.70 63.71
CA VAL A 23 2.09 44.39 62.71
C VAL A 23 3.48 44.62 63.28
N ARG A 24 3.65 45.76 63.95
CA ARG A 24 4.92 46.12 64.57
C ARG A 24 5.38 45.02 65.52
N ARG A 25 4.43 44.43 66.25
CA ARG A 25 4.74 43.35 67.17
C ARG A 25 5.04 42.05 66.42
N LEU A 26 4.26 41.78 65.37
CA LEU A 26 4.45 40.56 64.57
C LEU A 26 5.84 40.53 63.95
N LYS A 27 6.24 41.64 63.35
CA LYS A 27 7.53 41.71 62.66
C LYS A 27 8.69 41.46 63.62
N MSE A 28 8.44 41.67 64.92
CA MSE A 28 9.43 41.32 65.94
C MSE A 28 9.33 39.84 66.27
O MSE A 28 10.35 39.16 66.43
CB MSE A 28 9.21 42.15 67.21
CG MSE A 28 9.50 43.64 67.05
SE MSE A 28 9.38 44.57 68.76
CE MSE A 28 10.85 43.69 69.69
H MSE A 28 7.72 42.00 65.23
HA MSE A 28 10.31 41.52 65.60
HB2 MSE A 28 8.29 42.06 67.49
HB3 MSE A 28 9.79 41.81 67.91
HG2 MSE A 28 10.39 43.75 66.70
HG3 MSE A 28 8.85 44.02 66.45
HE1 MSE A 28 10.92 44.06 70.58
HE2 MSE A 28 10.67 42.74 69.74
HE3 MSE A 28 11.67 43.84 69.20
N VAL A 29 8.10 39.35 66.39
CA VAL A 29 7.85 37.95 66.70
C VAL A 29 8.42 37.04 65.62
N VAL A 30 8.48 37.54 64.38
CA VAL A 30 9.08 36.78 63.29
C VAL A 30 10.57 36.56 63.54
N LYS A 31 11.25 37.60 64.02
CA LYS A 31 12.68 37.54 64.25
C LYS A 31 13.05 36.55 65.35
N THR A 32 12.33 36.60 66.46
CA THR A 32 12.62 35.71 67.57
C THR A 32 12.36 34.26 67.19
N PHE A 33 11.27 34.01 66.47
CA PHE A 33 10.95 32.65 66.01
C PHE A 33 11.97 32.18 64.98
N MSE A 34 12.48 33.12 64.20
CA MSE A 34 13.47 32.80 63.17
C MSE A 34 14.80 32.45 63.81
O MSE A 34 15.54 31.59 63.31
CB MSE A 34 13.63 33.99 62.22
CG MSE A 34 14.68 33.80 61.14
SE MSE A 34 14.84 35.34 59.95
CE MSE A 34 12.98 35.58 59.46
H MSE A 34 12.27 33.95 64.23
HA MSE A 34 13.16 32.05 62.66
HB2 MSE A 34 12.79 34.16 61.79
HB3 MSE A 34 13.89 34.78 62.74
HG2 MSE A 34 15.55 33.65 61.55
HG3 MSE A 34 14.45 33.03 60.60
HE1 MSE A 34 12.90 36.33 58.85
HE2 MSE A 34 12.65 34.77 59.03
HE3 MSE A 34 12.46 35.76 60.27
N ASP A 35 15.12 33.11 64.93
CA ASP A 35 16.41 32.96 65.58
C ASP A 35 16.40 31.86 66.65
N MSE A 36 15.20 31.46 67.07
CA MSE A 36 15.06 30.44 68.11
C MSE A 36 15.67 29.12 67.66
O MSE A 36 15.90 28.90 66.47
CB MSE A 36 13.59 30.25 68.46
CG MSE A 36 13.35 29.67 69.84
SE MSE A 36 11.48 29.71 70.39
CE MSE A 36 11.12 31.63 70.21
H MSE A 36 14.46 31.76 66.78
HA MSE A 36 15.52 30.74 68.91
HB2 MSE A 36 13.14 31.10 68.42
HB3 MSE A 36 13.19 29.64 67.82
HG2 MSE A 36 13.64 28.75 69.85
HG3 MSE A 36 13.86 30.18 70.49
HE1 MSE A 36 10.19 31.80 70.44
HE2 MSE A 36 11.72 32.11 70.79
HE3 MSE A 36 11.27 31.88 69.28
N ASP A 37 15.95 28.24 68.63
CA ASP A 37 16.56 26.94 68.35
C ASP A 37 15.71 25.81 68.90
N GLN A 38 15.85 24.64 68.29
CA GLN A 38 15.14 23.45 68.75
C GLN A 38 15.59 23.05 70.15
N ASP A 39 16.80 23.50 70.51
CA ASP A 39 17.41 23.14 71.79
C ASP A 39 16.84 23.96 72.94
N SER A 40 16.54 25.24 72.67
CA SER A 40 16.08 26.15 73.71
C SER A 40 14.74 25.73 74.31
N GLU A 41 14.77 24.74 75.18
CA GLU A 41 13.55 24.27 75.86
C GLU A 41 12.88 25.39 76.64
N GLU A 42 13.70 26.27 77.20
CA GLU A 42 13.21 27.35 78.05
C GLU A 42 12.32 28.32 77.26
N GLU A 43 12.86 28.84 76.17
CA GLU A 43 12.16 29.83 75.36
C GLU A 43 10.95 29.22 74.64
N LYS A 44 11.02 27.92 74.39
CA LYS A 44 9.93 27.22 73.72
C LYS A 44 8.71 27.12 74.62
N GLU A 45 8.90 26.64 75.85
CA GLU A 45 7.81 26.54 76.82
C GLU A 45 7.20 27.91 77.07
N LEU A 46 8.02 28.95 76.95
CA LEU A 46 7.57 30.31 77.17
C LEU A 46 6.68 30.80 76.03
N TYR A 47 7.14 30.61 74.81
CA TYR A 47 6.44 31.10 73.62
C TYR A 47 5.39 30.12 73.09
N LEU A 48 5.29 28.95 73.70
CA LEU A 48 4.39 27.91 73.22
C LEU A 48 2.95 28.39 73.11
N ASN A 49 2.51 29.21 74.06
CA ASN A 49 1.13 29.68 74.07
C ASN A 49 0.88 30.66 72.93
N LEU A 50 1.91 31.44 72.58
CA LEU A 50 1.82 32.38 71.47
C LEU A 50 1.81 31.64 70.14
N ALA A 51 2.60 30.57 70.06
CA ALA A 51 2.64 29.73 68.87
C ALA A 51 1.26 29.14 68.58
N LEU A 52 0.61 28.63 69.63
CA LEU A 52 -0.73 28.06 69.48
C LEU A 52 -1.74 29.13 69.07
N HIS A 53 -1.48 30.37 69.48
CA HIS A 53 -2.42 31.46 69.24
C HIS A 53 -2.30 32.02 67.83
N LEU A 54 -1.09 32.05 67.31
CA LEU A 54 -0.85 32.58 65.97
C LEU A 54 -1.58 31.76 64.90
N ALA A 55 -1.94 30.53 65.24
CA ALA A 55 -2.70 29.67 64.33
C ALA A 55 -4.18 30.01 64.35
N SER A 56 -4.58 30.94 65.22
CA SER A 56 -5.99 31.32 65.36
C SER A 56 -6.61 31.76 64.05
N ASP A 57 -7.91 31.51 63.91
CA ASP A 57 -8.64 31.83 62.69
C ASP A 57 -8.65 33.35 62.43
N PHE A 58 -8.31 34.13 63.44
CA PHE A 58 -8.22 35.58 63.29
C PHE A 58 -7.05 35.97 62.40
N PHE A 59 -6.03 35.13 62.38
CA PHE A 59 -4.84 35.38 61.58
C PHE A 59 -4.94 34.72 60.20
N LEU A 60 -5.37 33.46 60.19
CA LEU A 60 -5.42 32.68 58.95
C LEU A 60 -6.37 33.28 57.91
N LYS A 61 -7.27 34.15 58.36
CA LYS A 61 -8.26 34.77 57.48
C LYS A 61 -8.19 36.29 57.55
N HIS A 62 -7.11 36.82 58.11
CA HIS A 62 -6.93 38.26 58.22
C HIS A 62 -6.90 38.89 56.83
N PRO A 63 -7.75 39.90 56.58
CA PRO A 63 -7.84 40.45 55.22
C PRO A 63 -6.58 41.21 54.76
N ASP A 64 -5.66 41.49 55.67
CA ASP A 64 -4.44 42.19 55.32
C ASP A 64 -3.39 41.22 54.81
N LYS A 65 -2.89 41.49 53.60
CA LYS A 65 -1.91 40.63 52.95
C LYS A 65 -0.61 40.52 53.73
N ASP A 66 -0.20 41.62 54.38
CA ASP A 66 1.07 41.65 55.09
C ASP A 66 1.02 40.84 56.39
N VAL A 67 -0.16 40.77 57.01
CA VAL A 67 -0.30 40.02 58.25
C VAL A 67 -0.23 38.52 58.00
N ARG A 68 -1.01 38.03 57.03
CA ARG A 68 -1.02 36.62 56.69
C ARG A 68 0.40 36.13 56.36
N LEU A 69 1.16 36.98 55.67
CA LEU A 69 2.53 36.65 55.32
C LEU A 69 3.39 36.45 56.56
N LEU A 70 3.35 37.42 57.46
CA LEU A 70 4.12 37.35 58.70
C LEU A 70 3.72 36.14 59.53
N VAL A 71 2.43 35.87 59.61
CA VAL A 71 1.91 34.74 60.38
C VAL A 71 2.36 33.43 59.76
N ALA A 72 2.39 33.38 58.42
CA ALA A 72 2.85 32.20 57.71
C ALA A 72 4.28 31.87 58.06
N CYS A 73 5.14 32.89 58.02
CA CYS A 73 6.55 32.72 58.39
C CYS A 73 6.71 32.17 59.80
N CYS A 74 5.92 32.70 60.73
CA CYS A 74 5.94 32.24 62.12
C CYS A 74 5.60 30.76 62.21
N LEU A 75 4.45 30.40 61.65
CA LEU A 75 3.96 29.02 61.69
C LEU A 75 4.99 28.06 61.14
N ALA A 76 5.71 28.50 60.10
CA ALA A 76 6.76 27.69 59.52
C ALA A 76 7.85 27.39 60.54
N ASP A 77 8.41 28.44 61.14
CA ASP A 77 9.43 28.25 62.16
C ASP A 77 8.89 27.50 63.38
N ILE A 78 7.63 27.78 63.73
CA ILE A 78 6.99 27.09 64.84
C ILE A 78 6.99 25.57 64.61
N PHE A 79 6.92 25.17 63.34
CA PHE A 79 7.02 23.76 62.98
C PHE A 79 8.48 23.31 63.05
N ARG A 80 9.39 24.22 62.70
CA ARG A 80 10.82 23.92 62.73
C ARG A 80 11.30 23.68 64.14
N ILE A 81 10.93 24.60 65.03
CA ILE A 81 11.44 24.60 66.41
C ILE A 81 10.97 23.38 67.19
N TYR A 82 9.71 22.99 66.99
CA TYR A 82 9.08 21.98 67.83
C TYR A 82 9.17 20.57 67.23
N ALA A 83 9.80 20.45 66.07
CA ALA A 83 9.88 19.16 65.38
C ALA A 83 10.68 18.14 66.18
N PRO A 84 10.38 16.84 66.00
CA PRO A 84 9.30 16.29 65.17
C PRO A 84 7.94 16.22 65.86
N GLU A 85 7.76 16.99 66.94
CA GLU A 85 6.50 17.00 67.68
C GLU A 85 5.87 18.39 67.71
N ALA A 86 5.07 18.68 66.69
CA ALA A 86 4.42 19.98 66.56
C ALA A 86 3.49 20.26 67.75
N PRO A 87 3.17 21.54 67.99
CA PRO A 87 2.31 21.90 69.12
C PRO A 87 0.83 21.74 68.81
N HIS A 88 0.43 22.11 67.60
CA HIS A 88 -0.97 21.98 67.18
C HIS A 88 -1.30 20.51 66.94
N THR A 89 -2.26 19.99 67.70
CA THR A 89 -2.61 18.58 67.65
C THR A 89 -3.90 18.33 66.89
N SER A 90 -4.81 19.30 66.91
CA SER A 90 -6.11 19.17 66.25
C SER A 90 -5.97 19.01 64.74
N PRO A 91 -6.39 17.85 64.19
CA PRO A 91 -6.28 17.64 62.74
C PRO A 91 -7.04 18.66 61.90
N ASP A 92 -8.23 19.05 62.35
CA ASP A 92 -9.02 20.05 61.63
C ASP A 92 -8.28 21.38 61.59
N LYS A 93 -7.60 21.70 62.68
CA LYS A 93 -6.83 22.93 62.77
C LYS A 93 -5.54 22.81 61.99
N LEU A 94 -4.93 21.63 62.06
CA LEU A 94 -3.67 21.35 61.38
C LEU A 94 -3.87 21.38 59.86
N LYS A 95 -5.09 21.13 59.42
CA LYS A 95 -5.44 21.21 58.01
C LYS A 95 -5.61 22.66 57.56
N ASP A 96 -6.17 23.49 58.42
CA ASP A 96 -6.39 24.90 58.09
C ASP A 96 -5.07 25.62 57.89
N ILE A 97 -4.06 25.23 58.66
CA ILE A 97 -2.75 25.86 58.60
C ILE A 97 -2.06 25.63 57.26
N PHE A 98 -1.98 24.37 56.85
CA PHE A 98 -1.20 24.02 55.67
C PHE A 98 -1.88 24.48 54.38
N MSE A 99 -3.21 24.54 54.40
CA MSE A 99 -3.92 25.12 53.26
C MSE A 99 -3.69 26.62 53.22
O MSE A 99 -3.54 27.21 52.15
CB MSE A 99 -5.42 24.81 53.35
CG MSE A 99 -5.77 23.36 53.08
SE MSE A 99 -7.67 23.12 52.73
CE MSE A 99 -8.39 24.18 54.19
H MSE A 99 -3.71 24.26 55.04
HA MSE A 99 -3.59 24.72 52.44
HB2 MSE A 99 -5.73 25.03 54.23
HB3 MSE A 99 -5.89 25.35 52.69
HG2 MSE A 99 -5.27 23.05 52.30
HG3 MSE A 99 -5.54 22.82 53.86
HE1 MSE A 99 -9.36 24.16 54.16
HE2 MSE A 99 -8.09 23.81 55.04
HE3 MSE A 99 -8.08 25.09 54.11
N PHE A 100 -3.66 27.23 54.40
CA PHE A 100 -3.39 28.66 54.53
C PHE A 100 -2.01 28.99 53.99
N ILE A 101 -1.03 28.15 54.33
CA ILE A 101 0.34 28.35 53.85
C ILE A 101 0.41 28.27 52.33
N THR A 102 -0.31 27.32 51.76
CA THR A 102 -0.32 27.13 50.31
C THR A 102 -0.87 28.37 49.59
N ARG A 103 -1.87 29.01 50.20
CA ARG A 103 -2.43 30.22 49.63
C ARG A 103 -1.42 31.35 49.64
N GLN A 104 -0.55 31.35 50.64
CA GLN A 104 0.48 32.39 50.77
C GLN A 104 1.60 32.19 49.74
N LEU A 105 1.87 30.93 49.39
CA LEU A 105 2.92 30.65 48.42
C LEU A 105 2.60 31.23 47.05
N LYS A 106 1.36 31.69 46.86
CA LYS A 106 0.99 32.39 45.65
C LYS A 106 1.83 33.66 45.48
N GLY A 107 2.27 34.22 46.59
CA GLY A 107 3.03 35.45 46.58
C GLY A 107 4.40 35.32 45.94
N LEU A 108 4.84 34.09 45.74
CA LEU A 108 6.13 33.83 45.12
C LEU A 108 6.16 34.32 43.68
N GLU A 109 4.99 34.48 43.07
CA GLU A 109 4.91 34.79 41.65
C GLU A 109 5.42 36.20 41.33
N ASP A 110 5.12 37.16 42.18
CA ASP A 110 5.54 38.54 41.96
C ASP A 110 6.97 38.78 42.47
N THR A 111 7.94 38.55 41.60
CA THR A 111 9.35 38.69 41.95
C THR A 111 9.80 40.14 42.08
N LYS A 112 8.93 41.07 41.67
CA LYS A 112 9.25 42.49 41.70
C LYS A 112 8.73 43.17 42.98
N SER A 113 7.87 42.47 43.72
CA SER A 113 7.32 43.03 44.95
C SER A 113 8.38 43.10 46.04
N PRO A 114 8.29 44.12 46.91
CA PRO A 114 9.27 44.22 48.01
C PRO A 114 9.12 43.12 49.05
N GLN A 115 7.98 42.42 49.05
CA GLN A 115 7.72 41.36 50.02
C GLN A 115 8.20 40.00 49.53
N PHE A 116 8.74 39.95 48.32
CA PHE A 116 9.10 38.66 47.70
C PHE A 116 10.07 37.86 48.56
N ASN A 117 11.10 38.51 49.08
CA ASN A 117 12.13 37.82 49.85
C ASN A 117 11.57 37.16 51.10
N ARG A 118 10.46 37.68 51.61
CA ARG A 118 9.78 37.05 52.74
C ARG A 118 9.06 35.78 52.29
N TYR A 119 8.40 35.84 51.15
CA TYR A 119 7.75 34.66 50.58
C TYR A 119 8.80 33.60 50.28
N PHE A 120 9.98 34.04 49.88
CA PHE A 120 11.07 33.13 49.59
C PHE A 120 11.56 32.46 50.87
N TYR A 121 11.59 33.23 51.96
CA TYR A 121 11.98 32.67 53.26
C TYR A 121 10.97 31.62 53.70
N LEU A 122 9.71 31.86 53.39
CA LEU A 122 8.65 30.89 53.71
C LEU A 122 8.89 29.61 52.94
N LEU A 123 9.10 29.74 51.63
CA LEU A 123 9.39 28.60 50.77
C LEU A 123 10.62 27.86 51.27
N GLU A 124 11.69 28.60 51.51
CA GLU A 124 12.96 28.01 51.93
C GLU A 124 12.81 27.24 53.23
N ASN A 125 11.95 27.73 54.12
CA ASN A 125 11.77 27.11 55.43
C ASN A 125 11.01 25.78 55.37
N ILE A 126 9.81 25.80 54.80
CA ILE A 126 9.00 24.59 54.71
C ILE A 126 9.68 23.52 53.87
N ALA A 127 10.55 23.96 52.97
CA ALA A 127 11.32 23.04 52.14
C ALA A 127 12.40 22.34 52.95
N TRP A 128 13.12 23.11 53.76
CA TRP A 128 14.20 22.58 54.59
C TRP A 128 13.66 21.69 55.71
N VAL A 129 12.53 22.09 56.28
CA VAL A 129 11.97 21.41 57.45
C VAL A 129 11.09 20.21 57.07
N LYS A 130 10.59 20.21 55.84
CA LYS A 130 9.65 19.19 55.39
C LYS A 130 8.40 19.20 56.28
N SER A 131 7.89 20.40 56.54
CA SER A 131 6.76 20.60 57.44
C SER A 131 5.51 19.89 56.92
N TYR A 132 5.34 19.89 55.59
CA TYR A 132 4.13 19.34 54.97
C TYR A 132 3.99 17.83 55.20
N ASN A 133 5.08 17.16 55.53
CA ASN A 133 5.02 15.72 55.81
C ASN A 133 4.10 15.41 56.97
N ILE A 134 3.83 16.42 57.78
CA ILE A 134 2.89 16.29 58.90
C ILE A 134 1.51 15.88 58.40
N CYS A 135 1.20 16.22 57.17
CA CYS A 135 -0.14 16.00 56.61
C CYS A 135 -0.37 14.56 56.14
N PHE A 136 0.66 13.71 56.17
CA PHE A 136 0.50 12.32 55.75
C PHE A 136 -0.60 11.62 56.56
N GLU A 137 -0.77 12.03 57.80
CA GLU A 137 -1.71 11.36 58.69
C GLU A 137 -3.12 11.95 58.62
N LEU A 138 -3.25 13.11 58.00
CA LEU A 138 -4.54 13.77 57.86
C LEU A 138 -5.39 13.12 56.78
N GLU A 139 -6.69 13.10 56.99
CA GLU A 139 -7.60 12.41 56.07
C GLU A 139 -7.64 13.10 54.70
N ASP A 140 -7.40 14.41 54.69
CA ASP A 140 -7.46 15.21 53.47
C ASP A 140 -6.09 15.49 52.90
N SER A 141 -5.15 14.57 53.13
CA SER A 141 -3.77 14.73 52.69
C SER A 141 -3.67 14.96 51.18
N ASN A 142 -4.43 14.19 50.41
CA ASN A 142 -4.33 14.27 48.95
C ASN A 142 -4.80 15.61 48.41
N GLU A 143 -5.82 16.20 49.04
CA GLU A 143 -6.30 17.50 48.62
C GLU A 143 -5.26 18.56 48.91
N ILE A 144 -4.57 18.41 50.03
CA ILE A 144 -3.54 19.35 50.44
C ILE A 144 -2.34 19.29 49.50
N PHE A 145 -1.85 18.08 49.25
CA PHE A 145 -0.68 17.90 48.41
C PHE A 145 -0.96 18.25 46.96
N THR A 146 -2.17 17.96 46.50
CA THR A 146 -2.55 18.27 45.13
C THR A 146 -2.61 19.78 44.93
N GLN A 147 -3.22 20.47 45.89
CA GLN A 147 -3.34 21.93 45.80
C GLN A 147 -1.99 22.60 45.95
N LEU A 148 -1.09 21.96 46.70
CA LEU A 148 0.27 22.45 46.84
C LEU A 148 1.01 22.37 45.51
N TYR A 149 0.95 21.21 44.86
CA TYR A 149 1.62 21.00 43.59
C TYR A 149 1.12 21.95 42.52
N ARG A 150 -0.20 22.11 42.42
CA ARG A 150 -0.78 23.02 41.43
C ARG A 150 -0.27 24.45 41.65
N THR A 151 -0.24 24.88 42.90
CA THR A 151 0.22 26.22 43.24
C THR A 151 1.66 26.44 42.77
N LEU A 152 2.55 25.53 43.15
CA LEU A 152 3.97 25.67 42.83
C LEU A 152 4.19 25.71 41.31
N PHE A 153 3.46 24.89 40.58
CA PHE A 153 3.60 24.85 39.13
C PHE A 153 2.96 26.06 38.46
N SER A 154 2.10 26.78 39.19
CA SER A 154 1.40 27.93 38.63
C SER A 154 2.07 29.26 38.98
N VAL A 155 3.03 29.23 39.90
CA VAL A 155 3.74 30.44 40.31
C VAL A 155 5.12 30.53 39.68
N ILE A 156 5.71 29.38 39.37
CA ILE A 156 7.07 29.36 38.81
C ILE A 156 7.13 30.09 37.48
N ASN A 157 8.09 31.00 37.36
CA ASN A 157 8.26 31.78 36.14
C ASN A 157 9.74 32.10 35.91
N ASN A 158 10.02 32.83 34.83
CA ASN A 158 11.39 33.16 34.46
C ASN A 158 12.06 34.14 35.42
N GLY A 159 11.32 34.63 36.40
CA GLY A 159 11.85 35.56 37.38
C GLY A 159 12.49 34.89 38.58
N HIS A 160 12.37 33.57 38.66
CA HIS A 160 12.87 32.80 39.80
C HIS A 160 14.26 32.20 39.53
N ASN A 161 15.19 32.42 40.46
CA ASN A 161 16.50 31.81 40.36
C ASN A 161 16.43 30.32 40.66
N GLN A 162 17.56 29.63 40.54
CA GLN A 162 17.59 28.18 40.71
C GLN A 162 17.34 27.73 42.14
N LYS A 163 17.56 28.63 43.10
CA LYS A 163 17.29 28.33 44.50
C LYS A 163 15.79 28.11 44.71
N VAL A 164 14.97 28.90 44.03
CA VAL A 164 13.52 28.70 44.07
C VAL A 164 13.17 27.34 43.51
N HIS A 165 13.68 27.04 42.31
CA HIS A 165 13.48 25.74 41.68
C HIS A 165 13.91 24.60 42.60
N MSE A 166 15.05 24.78 43.27
CA MSE A 166 15.63 23.74 44.10
C MSE A 166 14.78 23.46 45.33
O MSE A 166 14.59 22.31 45.72
CB MSE A 166 17.04 24.13 44.51
CG MSE A 166 17.81 23.05 45.26
SE MSE A 166 19.63 23.58 45.67
CE MSE A 166 20.27 23.89 43.85
H MSE A 166 15.51 25.50 43.23
HA MSE A 166 15.69 22.92 43.57
HB2 MSE A 166 17.55 24.35 43.72
HB3 MSE A 166 16.99 24.91 45.10
HG2 MSE A 166 17.35 22.86 46.10
HG3 MSE A 166 17.84 22.24 44.71
HE1 MSE A 166 21.20 24.18 43.89
HE2 MSE A 166 20.20 23.07 43.35
HE3 MSE A 166 19.73 24.59 43.44
N HIS A 167 14.28 24.53 45.96
CA HIS A 167 13.47 24.40 47.16
C HIS A 167 12.13 23.72 46.86
N MSE A 168 11.57 24.01 45.69
CA MSE A 168 10.29 23.43 45.29
C MSE A 168 10.44 21.93 45.03
O MSE A 168 9.53 21.16 45.36
CB MSE A 168 9.76 24.13 44.05
CG MSE A 168 9.28 25.56 44.32
SE MSE A 168 8.39 26.36 42.79
CE MSE A 168 7.92 28.08 43.57
H MSE A 168 11.91 24.55 45.11
HA MSE A 168 9.66 23.57 46.01
HB2 MSE A 168 10.46 24.19 43.39
HB3 MSE A 168 9.01 23.63 43.70
HG2 MSE A 168 8.65 25.53 45.06
HG3 MSE A 168 10.05 26.11 44.56
HE1 MSE A 168 7.46 28.62 42.91
HE2 MSE A 168 7.36 27.94 44.35
HE3 MSE A 168 8.74 28.54 43.85
N VAL A 169 11.57 21.52 44.47
CA VAL A 169 11.83 20.10 44.25
C VAL A 169 12.03 19.38 45.57
N ASP A 170 12.81 19.98 46.47
CA ASP A 170 13.01 19.43 47.81
C ASP A 170 11.68 19.22 48.52
N LEU A 171 10.83 20.24 48.43
CA LEU A 171 9.53 20.23 49.09
C LEU A 171 8.63 19.13 48.53
N MSE A 172 8.56 19.02 47.21
CA MSE A 172 7.67 18.07 46.56
C MSE A 172 8.23 16.66 46.55
O MSE A 172 7.47 15.68 46.56
CB MSE A 172 7.37 18.52 45.13
CG MSE A 172 6.52 19.78 45.04
SE MSE A 172 6.09 20.32 43.21
CE MSE A 172 7.84 20.94 42.66
H MSE A 172 9.03 19.50 46.66
HA MSE A 172 6.83 18.07 47.03
HB2 MSE A 172 8.22 18.71 44.67
HB3 MSE A 172 6.91 17.81 44.66
HG2 MSE A 172 5.68 19.62 45.50
HG3 MSE A 172 7.00 20.51 45.45
HE1 MSE A 172 7.79 21.25 41.75
HE2 MSE A 172 8.11 21.66 43.24
HE3 MSE A 172 8.48 20.20 42.73
N SER A 173 9.55 16.53 46.51
CA SER A 173 10.20 15.22 46.51
C SER A 173 9.89 14.45 47.78
N SER A 174 9.97 15.14 48.91
CA SER A 174 9.75 14.53 50.21
C SER A 174 8.39 13.86 50.28
N ILE A 175 7.37 14.56 49.79
CA ILE A 175 6.00 14.07 49.83
C ILE A 175 5.84 12.75 49.08
N ILE A 176 6.60 12.56 48.00
CA ILE A 176 6.53 11.34 47.21
C ILE A 176 7.37 10.23 47.82
N CYS A 177 8.62 10.56 48.13
CA CYS A 177 9.58 9.57 48.62
C CYS A 177 9.20 9.00 49.97
N GLU A 178 8.71 9.86 50.86
CA GLU A 178 8.43 9.47 52.24
C GLU A 178 6.93 9.28 52.50
N GLY A 179 6.13 9.43 51.46
CA GLY A 179 4.70 9.26 51.57
C GLY A 179 4.29 7.81 51.40
N ASP A 180 3.05 7.49 51.78
CA ASP A 180 2.54 6.14 51.65
C ASP A 180 2.22 5.80 50.21
N THR A 181 1.73 6.79 49.48
CA THR A 181 1.23 6.57 48.13
C THR A 181 1.24 7.84 47.29
N VAL A 182 0.93 7.69 46.00
CA VAL A 182 0.75 8.80 45.10
C VAL A 182 -0.48 8.54 44.25
N SER A 183 -1.53 9.31 44.51
CA SER A 183 -2.77 9.19 43.75
C SER A 183 -2.53 9.60 42.31
N GLN A 184 -3.42 9.17 41.43
CA GLN A 184 -3.33 9.53 40.02
C GLN A 184 -3.48 11.04 39.87
N GLU A 185 -4.34 11.63 40.69
CA GLU A 185 -4.59 13.07 40.66
C GLU A 185 -3.31 13.85 40.96
N LEU A 186 -2.62 13.46 42.02
CA LEU A 186 -1.37 14.10 42.40
C LEU A 186 -0.30 13.91 41.33
N LEU A 187 -0.24 12.70 40.78
CA LEU A 187 0.72 12.39 39.71
C LEU A 187 0.45 13.25 38.48
N ASP A 188 -0.82 13.51 38.20
CA ASP A 188 -1.22 14.30 37.04
C ASP A 188 -0.79 15.77 37.14
N THR A 189 -0.70 16.30 38.36
CA THR A 189 -0.27 17.69 38.53
C THR A 189 1.17 17.86 38.06
N VAL A 190 1.90 16.76 37.96
CA VAL A 190 3.29 16.78 37.53
C VAL A 190 3.40 16.48 36.04
N LEU A 191 2.68 15.46 35.58
CA LEU A 191 2.78 15.02 34.19
C LEU A 191 2.13 15.97 33.21
N VAL A 192 1.15 16.73 33.66
CA VAL A 192 0.44 17.65 32.76
C VAL A 192 1.40 18.70 32.20
N ASN A 193 2.44 19.02 32.96
CA ASN A 193 3.41 20.01 32.53
C ASN A 193 4.27 19.51 31.37
N LEU A 194 4.23 18.20 31.13
CA LEU A 194 5.05 17.57 30.09
C LEU A 194 4.33 17.51 28.75
N VAL A 195 3.00 17.55 28.80
CA VAL A 195 2.18 17.57 27.59
C VAL A 195 2.67 18.67 26.64
N PRO A 196 2.80 18.36 25.34
CA PRO A 196 3.37 19.33 24.39
C PRO A 196 2.70 20.70 24.42
N ALA A 197 1.38 20.75 24.53
CA ALA A 197 0.65 22.01 24.55
C ALA A 197 1.06 22.89 25.74
N HIS A 198 1.21 22.28 26.90
CA HIS A 198 1.60 23.01 28.11
C HIS A 198 3.09 23.34 28.11
N LYS A 199 3.90 22.37 27.69
CA LYS A 199 5.35 22.57 27.61
C LYS A 199 5.68 23.77 26.74
N ASN A 200 4.83 24.05 25.76
CA ASN A 200 5.06 25.13 24.81
C ASN A 200 4.82 26.49 25.43
N LEU A 201 3.73 26.63 26.17
CA LEU A 201 3.33 27.91 26.75
C LEU A 201 3.99 28.18 28.10
N ASN A 202 4.68 27.18 28.66
CA ASN A 202 5.26 27.31 29.99
C ASN A 202 6.48 26.42 30.18
N LYS A 203 7.64 26.94 29.81
CA LYS A 203 8.88 26.17 29.90
C LYS A 203 9.34 26.00 31.34
N GLN A 204 8.94 26.93 32.20
CA GLN A 204 9.39 26.94 33.58
C GLN A 204 8.75 25.79 34.36
N ALA A 205 7.44 25.66 34.24
CA ALA A 205 6.73 24.56 34.85
C ALA A 205 7.24 23.23 34.30
N TYR A 206 7.63 23.24 33.02
CA TYR A 206 8.15 22.05 32.38
C TYR A 206 9.49 21.63 32.98
N ASP A 207 10.40 22.59 33.15
CA ASP A 207 11.72 22.30 33.71
C ASP A 207 11.59 21.81 35.15
N LEU A 208 10.61 22.35 35.87
CA LEU A 208 10.41 22.01 37.27
C LEU A 208 9.91 20.58 37.41
N ALA A 209 9.01 20.18 36.52
CA ALA A 209 8.49 18.82 36.50
C ALA A 209 9.59 17.82 36.20
N LYS A 210 10.46 18.15 35.24
CA LYS A 210 11.57 17.27 34.89
C LYS A 210 12.50 17.08 36.08
N ALA A 211 12.83 18.17 36.76
CA ALA A 211 13.72 18.11 37.91
C ALA A 211 13.11 17.25 39.01
N LEU A 212 11.80 17.36 39.17
CA LEU A 212 11.07 16.59 40.19
C LEU A 212 11.09 15.10 39.89
N LEU A 213 10.66 14.74 38.68
CA LEU A 213 10.59 13.35 38.25
C LEU A 213 11.97 12.70 38.29
N LYS A 214 13.00 13.46 37.92
CA LYS A 214 14.37 12.95 37.93
C LYS A 214 14.83 12.68 39.36
N ARG A 215 14.51 13.60 40.27
CA ARG A 215 14.90 13.49 41.67
C ARG A 215 14.24 12.28 42.34
N THR A 216 13.02 11.97 41.93
CA THR A 216 12.21 10.95 42.58
C THR A 216 11.91 9.77 41.66
N ALA A 217 12.85 9.47 40.76
CA ALA A 217 12.63 8.44 39.75
C ALA A 217 12.33 7.07 40.37
N GLN A 218 13.17 6.66 41.30
CA GLN A 218 13.01 5.36 41.97
C GLN A 218 11.66 5.28 42.67
N ALA A 219 11.29 6.36 43.34
CA ALA A 219 10.12 6.37 44.21
C ALA A 219 8.81 6.44 43.43
N ILE A 220 8.82 7.07 42.27
CA ILE A 220 7.59 7.34 41.52
C ILE A 220 7.35 6.36 40.37
N GLU A 221 8.34 5.56 40.04
CA GLU A 221 8.23 4.60 38.94
C GLU A 221 7.00 3.71 39.01
N PRO A 222 6.67 3.18 40.21
CA PRO A 222 5.49 2.31 40.30
C PRO A 222 4.18 2.99 39.92
N TYR A 223 4.03 4.27 40.23
CA TYR A 223 2.80 4.99 39.96
C TYR A 223 2.73 5.40 38.48
N ILE A 224 3.89 5.60 37.88
CA ILE A 224 3.98 5.83 36.44
C ILE A 224 3.66 4.54 35.70
N THR A 225 4.27 3.45 36.15
CA THR A 225 4.01 2.13 35.58
C THR A 225 2.52 1.78 35.67
N ASN A 226 1.91 2.12 36.80
CA ASN A 226 0.50 1.85 37.01
C ASN A 226 -0.37 2.73 36.11
N PHE A 227 0.12 3.92 35.81
CA PHE A 227 -0.64 4.84 34.96
C PHE A 227 -0.74 4.31 33.54
N PHE A 228 0.40 3.94 32.97
CA PHE A 228 0.45 3.47 31.59
C PHE A 228 -0.19 2.10 31.43
N ASN A 229 -0.02 1.24 32.43
CA ASN A 229 -0.59 -0.10 32.38
C ASN A 229 -2.12 -0.07 32.35
N GLN A 230 -2.70 0.96 32.96
CA GLN A 230 -4.15 1.10 33.02
C GLN A 230 -4.74 1.56 31.68
N VAL A 231 -4.01 2.43 30.99
CA VAL A 231 -4.52 3.05 29.77
C VAL A 231 -4.10 2.28 28.52
N LEU A 232 -2.85 1.81 28.48
CA LEU A 232 -2.36 1.07 27.32
C LEU A 232 -2.94 -0.34 27.27
N MSE A 233 -2.67 -1.12 28.32
CA MSE A 233 -3.04 -2.52 28.33
C MSE A 233 -4.54 -2.73 28.54
O MSE A 233 -5.19 -3.42 27.77
CB MSE A 233 -2.28 -3.25 29.45
CG MSE A 233 -0.80 -2.91 29.51
SE MSE A 233 0.16 -3.41 27.89
CE MSE A 233 0.62 -5.25 28.37
H MSE A 233 -2.28 -0.85 29.04
HA MSE A 233 -2.79 -2.93 27.49
HB2 MSE A 233 -2.67 -3.01 30.31
HB3 MSE A 233 -2.36 -4.21 29.31
HG2 MSE A 233 -0.69 -1.96 29.64
HG3 MSE A 233 -0.39 -3.39 30.26
HE1 MSE A 233 1.12 -5.65 27.64
HE2 MSE A 233 1.16 -5.24 29.17
HE3 MSE A 233 -0.20 -5.75 28.53
N LEU A 234 -5.07 -2.10 29.58
CA LEU A 234 -6.45 -2.33 29.99
C LEU A 234 -7.43 -1.33 29.37
N GLY A 235 -6.90 -0.36 28.64
CA GLY A 235 -7.73 0.57 27.88
C GLY A 235 -8.60 1.50 28.71
N LYS A 236 -8.26 1.68 29.98
CA LYS A 236 -9.02 2.59 30.84
C LYS A 236 -8.58 4.04 30.60
N THR A 237 -9.43 4.82 29.94
CA THR A 237 -9.12 6.21 29.62
C THR A 237 -9.68 7.17 30.67
N SER A 238 -10.68 6.71 31.42
CA SER A 238 -11.33 7.54 32.43
C SER A 238 -10.39 7.81 33.61
N ILE A 239 -9.33 7.04 33.71
CA ILE A 239 -8.39 7.15 34.81
C ILE A 239 -7.79 8.55 34.93
N SER A 240 -7.59 9.20 33.80
CA SER A 240 -6.93 10.50 33.76
C SER A 240 -7.31 11.28 32.50
N ASP A 241 -7.22 12.60 32.59
CA ASP A 241 -7.46 13.47 31.44
C ASP A 241 -6.23 13.54 30.54
N LEU A 242 -5.15 12.89 30.97
CA LEU A 242 -3.90 12.85 30.21
C LEU A 242 -3.76 11.54 29.45
N SER A 243 -4.87 10.81 29.30
CA SER A 243 -4.84 9.50 28.66
C SER A 243 -4.50 9.60 27.18
N GLU A 244 -4.87 10.72 26.56
CA GLU A 244 -4.65 10.90 25.13
C GLU A 244 -3.19 11.22 24.80
N HIS A 245 -2.44 11.67 25.80
CA HIS A 245 -1.06 12.12 25.59
C HIS A 245 -0.02 11.08 26.00
N VAL A 246 -0.44 9.83 26.19
CA VAL A 246 0.46 8.80 26.69
C VAL A 246 1.76 8.67 25.89
N PHE A 247 1.67 8.66 24.57
CA PHE A 247 2.85 8.48 23.74
C PHE A 247 3.77 9.70 23.82
N ASP A 248 3.18 10.89 23.87
CA ASP A 248 3.95 12.11 24.06
C ASP A 248 4.66 12.07 25.41
N LEU A 249 3.98 11.53 26.41
CA LEU A 249 4.52 11.46 27.77
C LEU A 249 5.64 10.42 27.89
N ILE A 250 5.47 9.26 27.25
CA ILE A 250 6.50 8.21 27.30
C ILE A 250 7.81 8.73 26.73
N LEU A 251 7.71 9.53 25.67
CA LEU A 251 8.91 10.08 25.04
C LEU A 251 9.58 11.07 25.98
N GLU A 252 8.78 11.97 26.55
CA GLU A 252 9.29 12.95 27.49
C GLU A 252 9.94 12.28 28.69
N LEU A 253 9.29 11.23 29.20
CA LEU A 253 9.77 10.53 30.38
C LEU A 253 11.08 9.78 30.13
N TYR A 254 11.22 9.19 28.95
CA TYR A 254 12.42 8.43 28.64
C TYR A 254 13.66 9.33 28.68
N ASN A 255 13.50 10.56 28.21
CA ASN A 255 14.62 11.50 28.15
C ASN A 255 15.00 12.03 29.52
N ILE A 256 14.02 12.13 30.42
CA ILE A 256 14.28 12.56 31.79
C ILE A 256 15.12 11.52 32.52
N ASP A 257 14.65 10.28 32.50
CA ASP A 257 15.36 9.17 33.12
C ASP A 257 14.82 7.85 32.57
N SER A 258 15.73 6.97 32.16
CA SER A 258 15.33 5.71 31.55
C SER A 258 14.58 4.82 32.53
N HIS A 259 14.93 4.91 33.81
CA HIS A 259 14.35 4.07 34.84
C HIS A 259 12.84 4.29 35.00
N LEU A 260 12.38 5.46 34.60
CA LEU A 260 10.95 5.79 34.72
C LEU A 260 10.09 4.84 33.88
N LEU A 261 10.66 4.34 32.79
CA LEU A 261 9.95 3.43 31.89
C LEU A 261 10.42 1.99 32.05
N LEU A 262 10.99 1.67 33.21
CA LEU A 262 11.49 0.34 33.50
C LEU A 262 10.48 -0.75 33.12
N SER A 263 9.24 -0.58 33.55
CA SER A 263 8.19 -1.56 33.31
C SER A 263 7.26 -1.15 32.17
N VAL A 264 7.62 -0.09 31.45
CA VAL A 264 6.81 0.40 30.34
C VAL A 264 7.36 -0.11 29.00
N LEU A 265 8.68 -0.34 28.95
CA LEU A 265 9.29 -0.85 27.72
C LEU A 265 8.77 -2.25 27.38
N PRO A 266 8.59 -3.12 28.40
CA PRO A 266 7.93 -4.39 28.11
C PRO A 266 6.49 -4.22 27.62
N GLN A 267 5.83 -3.14 28.04
CA GLN A 267 4.45 -2.88 27.61
C GLN A 267 4.42 -2.42 26.15
N LEU A 268 5.51 -1.82 25.70
CA LEU A 268 5.63 -1.39 24.31
C LEU A 268 5.95 -2.57 23.42
N GLU A 269 6.83 -3.45 23.92
CA GLU A 269 7.18 -4.67 23.21
C GLU A 269 5.93 -5.52 22.93
N PHE A 270 4.98 -5.48 23.86
CA PHE A 270 3.73 -6.20 23.70
C PHE A 270 2.84 -5.53 22.66
N LYS A 271 2.91 -4.20 22.60
CA LYS A 271 2.05 -3.42 21.72
C LYS A 271 2.50 -3.52 20.25
N LEU A 272 3.76 -3.88 20.03
CA LEU A 272 4.26 -4.11 18.68
C LEU A 272 3.56 -5.32 18.06
N LYS A 273 3.08 -6.22 18.90
CA LYS A 273 2.40 -7.42 18.44
C LYS A 273 0.91 -7.18 18.26
N SER A 274 0.47 -5.93 18.46
CA SER A 274 -0.93 -5.58 18.32
C SER A 274 -1.45 -5.82 16.91
N ASN A 275 -2.73 -6.14 16.80
CA ASN A 275 -3.38 -6.31 15.51
C ASN A 275 -3.98 -5.01 15.00
N ASP A 276 -3.99 -3.99 15.84
CA ASP A 276 -4.52 -2.69 15.46
C ASP A 276 -3.44 -1.91 14.71
N ASN A 277 -3.63 -1.76 13.41
CA ASN A 277 -2.60 -1.16 12.55
C ASN A 277 -2.23 0.26 12.98
N GLU A 278 -3.25 1.06 13.30
CA GLU A 278 -3.01 2.44 13.70
C GLU A 278 -2.26 2.51 15.03
N GLU A 279 -2.64 1.64 15.96
CA GLU A 279 -1.96 1.58 17.26
C GLU A 279 -0.54 1.06 17.10
N ARG A 280 -0.38 0.05 16.26
CA ARG A 280 0.94 -0.52 16.00
C ARG A 280 1.84 0.53 15.37
N LEU A 281 1.27 1.31 14.44
CA LEU A 281 2.00 2.38 13.79
C LEU A 281 2.52 3.41 14.78
N GLN A 282 1.69 3.78 15.75
CA GLN A 282 2.05 4.81 16.72
C GLN A 282 3.19 4.37 17.63
N VAL A 283 3.20 3.10 18.00
CA VAL A 283 4.28 2.55 18.81
C VAL A 283 5.59 2.58 18.03
N VAL A 284 5.52 2.31 16.73
CA VAL A 284 6.71 2.33 15.87
C VAL A 284 7.22 3.76 15.70
N LYS A 285 6.31 4.71 15.48
CA LYS A 285 6.68 6.12 15.39
C LYS A 285 7.39 6.56 16.66
N LEU A 286 6.86 6.11 17.80
CA LEU A 286 7.43 6.46 19.09
C LEU A 286 8.82 5.86 19.26
N LEU A 287 8.91 4.55 19.12
CA LEU A 287 10.17 3.84 19.30
C LEU A 287 11.24 4.33 18.33
N ALA A 288 10.81 4.83 17.18
CA ALA A 288 11.74 5.40 16.22
C ALA A 288 12.49 6.58 16.83
N LYS A 289 11.75 7.48 17.46
CA LYS A 289 12.35 8.64 18.12
C LYS A 289 13.25 8.20 19.27
N MSE A 290 12.82 7.19 20.02
CA MSE A 290 13.59 6.72 21.16
C MSE A 290 14.90 6.07 20.72
O MSE A 290 15.96 6.39 21.25
CB MSE A 290 12.78 5.71 21.97
CG MSE A 290 11.48 6.25 22.53
SE MSE A 290 11.04 5.35 24.19
CE MSE A 290 9.15 5.05 23.88
H MSE A 290 12.08 6.77 19.89
HA MSE A 290 13.79 7.47 21.73
HB2 MSE A 290 12.56 4.95 21.41
HB3 MSE A 290 13.32 5.40 22.72
HG2 MSE A 290 11.58 7.20 22.71
HG3 MSE A 290 10.77 6.10 21.89
HE1 MSE A 290 8.77 4.59 24.65
HE2 MSE A 290 8.70 5.90 23.75
HE3 MSE A 290 9.03 4.51 23.08
N PHE A 291 14.82 5.16 19.77
CA PHE A 291 16.00 4.47 19.25
C PHE A 291 16.90 5.42 18.45
N GLY A 292 16.26 6.32 17.70
CA GLY A 292 16.98 7.17 16.77
C GLY A 292 17.76 8.33 17.39
N ALA A 293 17.30 8.82 18.53
CA ALA A 293 17.91 9.98 19.18
C ALA A 293 19.42 9.79 19.33
N LYS A 294 20.17 10.89 19.22
CA LYS A 294 21.63 10.83 19.13
C LYS A 294 22.28 10.18 20.36
N ASP A 295 21.86 10.60 21.55
CA ASP A 295 22.47 10.13 22.78
C ASP A 295 21.82 8.84 23.29
N SER A 296 20.80 8.37 22.59
CA SER A 296 20.03 7.22 23.05
C SER A 296 20.88 5.97 23.18
N GLU A 297 20.47 5.09 24.08
CA GLU A 297 21.17 3.83 24.34
C GLU A 297 20.15 2.73 24.61
N LEU A 298 18.96 2.87 24.04
CA LEU A 298 17.87 1.93 24.26
C LEU A 298 18.18 0.56 23.64
N ALA A 299 18.93 0.58 22.54
CA ALA A 299 19.26 -0.66 21.83
C ALA A 299 20.21 -1.53 22.65
N SER A 300 21.17 -0.91 23.32
CA SER A 300 22.13 -1.63 24.15
C SER A 300 21.51 -2.10 25.47
N GLN A 301 20.58 -1.31 25.98
CA GLN A 301 19.98 -1.58 27.28
C GLN A 301 18.80 -2.56 27.19
N ASN A 302 18.21 -2.67 26.00
CA ASN A 302 17.07 -3.55 25.79
C ASN A 302 17.12 -4.20 24.41
N LYS A 303 17.91 -5.26 24.28
CA LYS A 303 18.10 -5.95 23.01
C LYS A 303 16.82 -6.58 22.46
N PRO A 304 16.03 -7.25 23.32
CA PRO A 304 14.80 -7.86 22.80
C PRO A 304 13.85 -6.84 22.16
N LEU A 305 13.79 -5.64 22.73
CA LEU A 305 12.92 -4.59 22.19
C LEU A 305 13.47 -4.12 20.86
N TRP A 306 14.79 -4.05 20.76
CA TRP A 306 15.47 -3.66 19.52
C TRP A 306 15.16 -4.66 18.42
N GLN A 307 15.29 -5.94 18.72
CA GLN A 307 15.05 -7.00 17.74
C GLN A 307 13.56 -7.09 17.38
N CYS A 308 12.72 -6.88 18.39
CA CYS A 308 11.28 -6.92 18.17
C CYS A 308 10.86 -5.71 17.34
N TYR A 309 11.65 -4.64 17.40
CA TYR A 309 11.38 -3.42 16.65
C TYR A 309 11.82 -3.56 15.19
N LEU A 310 13.04 -4.03 14.98
CA LEU A 310 13.57 -4.25 13.64
C LEU A 310 12.66 -5.19 12.83
N GLY A 311 11.95 -6.06 13.52
CA GLY A 311 11.03 -6.98 12.87
C GLY A 311 9.92 -6.27 12.13
N ARG A 312 9.69 -5.00 12.46
CA ARG A 312 8.61 -4.24 11.85
C ARG A 312 8.98 -3.68 10.47
N PHE A 313 10.25 -3.81 10.10
CA PHE A 313 10.65 -3.52 8.73
C PHE A 313 9.86 -4.38 7.74
N ASN A 314 9.42 -5.55 8.20
CA ASN A 314 8.67 -6.49 7.37
C ASN A 314 7.17 -6.44 7.62
N ASP A 315 6.71 -5.36 8.24
CA ASP A 315 5.29 -5.21 8.54
C ASP A 315 4.49 -5.16 7.24
N ILE A 316 3.29 -5.72 7.27
CA ILE A 316 2.39 -5.68 6.13
C ILE A 316 1.90 -4.27 5.83
N HIS A 317 1.79 -3.46 6.89
CA HIS A 317 1.23 -2.12 6.78
C HIS A 317 2.28 -1.14 6.23
N VAL A 318 1.97 -0.51 5.11
CA VAL A 318 2.94 0.31 4.39
C VAL A 318 3.50 1.46 5.25
N PRO A 319 2.64 2.20 5.95
CA PRO A 319 3.15 3.31 6.77
C PRO A 319 4.16 2.88 7.84
N ILE A 320 4.07 1.64 8.31
CA ILE A 320 5.01 1.16 9.31
C ILE A 320 6.36 0.89 8.65
N ARG A 321 6.32 0.25 7.49
CA ARG A 321 7.52 0.02 6.70
C ARG A 321 8.18 1.35 6.35
N LEU A 322 7.39 2.29 5.88
CA LEU A 322 7.88 3.60 5.49
C LEU A 322 8.53 4.32 6.66
N GLU A 323 7.97 4.14 7.85
CA GLU A 323 8.51 4.77 9.05
C GLU A 323 9.84 4.14 9.44
N CYS A 324 9.93 2.82 9.33
CA CYS A 324 11.18 2.12 9.64
C CYS A 324 12.28 2.50 8.66
N VAL A 325 11.90 2.77 7.43
CA VAL A 325 12.85 3.12 6.38
C VAL A 325 13.36 4.55 6.56
N LYS A 326 12.44 5.45 6.90
CA LYS A 326 12.83 6.82 7.22
C LYS A 326 13.73 6.84 8.45
N PHE A 327 13.40 5.98 9.41
CA PHE A 327 14.16 5.88 10.65
C PHE A 327 15.60 5.45 10.41
N ALA A 328 15.81 4.65 9.37
CA ALA A 328 17.13 4.08 9.09
C ALA A 328 18.17 5.17 8.81
N SER A 329 17.73 6.29 8.25
CA SER A 329 18.64 7.38 7.94
C SER A 329 19.24 7.93 9.24
N HIS A 330 18.38 8.23 10.20
CA HIS A 330 18.82 8.76 11.49
C HIS A 330 19.69 7.76 12.24
N CYS A 331 19.32 6.48 12.17
CA CYS A 331 20.08 5.44 12.84
C CYS A 331 21.48 5.33 12.26
N LEU A 332 21.58 5.38 10.94
CA LEU A 332 22.87 5.28 10.25
C LEU A 332 23.78 6.44 10.63
N MSE A 333 23.18 7.62 10.80
CA MSE A 333 23.94 8.83 11.10
C MSE A 333 24.33 8.93 12.58
O MSE A 333 25.42 9.40 12.89
CB MSE A 333 23.14 10.07 10.70
CG MSE A 333 23.00 10.26 9.20
SE MSE A 333 22.14 11.95 8.71
CE MSE A 333 20.31 11.56 9.26
H MSE A 333 22.33 7.74 10.76
HA MSE A 333 24.74 8.82 10.57
HB2 MSE A 333 22.23 9.99 11.07
HB3 MSE A 333 23.57 10.85 11.07
HG2 MSE A 333 23.88 10.25 8.81
HG3 MSE A 333 22.47 9.54 8.84
HE1 MSE A 333 19.75 12.33 9.08
HE2 MSE A 333 19.99 10.80 8.76
HE3 MSE A 333 20.30 11.36 10.21
N ASN A 334 23.45 8.48 13.46
CA ASN A 334 23.64 8.65 14.90
C ASN A 334 24.19 7.41 15.61
N HIS A 335 24.01 6.24 14.99
CA HIS A 335 24.38 4.98 15.62
C HIS A 335 25.09 4.05 14.63
N PRO A 336 26.36 4.36 14.29
CA PRO A 336 27.16 3.55 13.39
C PRO A 336 27.21 2.07 13.78
N ASP A 337 27.29 1.80 15.07
CA ASP A 337 27.42 0.43 15.56
C ASP A 337 26.15 -0.39 15.34
N LEU A 338 25.04 0.29 15.08
CA LEU A 338 23.77 -0.37 14.81
C LEU A 338 23.51 -0.50 13.31
N ALA A 339 24.41 0.05 12.50
CA ALA A 339 24.26 0.02 11.05
C ALA A 339 24.19 -1.41 10.51
N LYS A 340 24.93 -2.30 11.15
CA LYS A 340 25.03 -3.68 10.66
C LYS A 340 23.70 -4.43 10.81
N ASP A 341 22.89 -4.02 11.77
CA ASP A 341 21.61 -4.66 12.00
C ASP A 341 20.54 -4.18 11.02
N LEU A 342 20.90 -3.24 10.16
CA LEU A 342 19.96 -2.64 9.21
C LEU A 342 20.14 -3.15 7.79
N THR A 343 21.35 -3.63 7.48
CA THR A 343 21.72 -3.97 6.11
C THR A 343 20.75 -4.97 5.46
N GLU A 344 20.39 -6.01 6.22
CA GLU A 344 19.51 -7.05 5.69
C GLU A 344 18.11 -6.52 5.41
N TYR A 345 17.63 -5.63 6.27
CA TYR A 345 16.27 -5.09 6.12
C TYR A 345 16.20 -4.06 5.00
N LEU A 346 17.27 -3.29 4.83
CA LEU A 346 17.33 -2.31 3.77
C LEU A 346 17.45 -2.98 2.40
N LYS A 347 17.98 -4.20 2.38
CA LYS A 347 18.10 -4.98 1.15
C LYS A 347 16.73 -5.34 0.59
N VAL A 348 15.93 -6.02 1.40
CA VAL A 348 14.61 -6.48 0.94
C VAL A 348 13.67 -5.33 0.64
N ARG A 349 13.82 -4.22 1.36
CA ARG A 349 12.95 -3.07 1.17
C ARG A 349 13.29 -2.30 -0.09
N SER A 350 14.52 -2.50 -0.59
CA SER A 350 14.90 -1.89 -1.85
C SER A 350 14.19 -2.58 -3.01
N HIS A 351 13.58 -3.74 -2.73
CA HIS A 351 12.81 -4.49 -3.73
C HIS A 351 11.31 -4.41 -3.46
N ASP A 352 10.92 -3.49 -2.58
CA ASP A 352 9.54 -3.41 -2.11
C ASP A 352 8.54 -3.20 -3.26
N PRO A 353 7.33 -3.77 -3.15
CA PRO A 353 6.29 -3.51 -4.16
C PRO A 353 5.89 -2.05 -4.22
N GLU A 354 5.97 -1.36 -3.09
CA GLU A 354 5.58 0.04 -3.01
C GLU A 354 6.73 0.94 -3.42
N GLU A 355 6.49 1.74 -4.45
CA GLU A 355 7.48 2.69 -4.96
C GLU A 355 8.00 3.62 -3.87
N ALA A 356 7.11 4.05 -2.98
CA ALA A 356 7.45 5.01 -1.93
C ALA A 356 8.51 4.46 -0.99
N ILE A 357 8.45 3.16 -0.74
CA ILE A 357 9.40 2.51 0.15
C ILE A 357 10.75 2.32 -0.54
N ARG A 358 10.73 1.87 -1.79
CA ARG A 358 11.96 1.75 -2.57
C ARG A 358 12.66 3.11 -2.68
N HIS A 359 11.87 4.14 -2.93
CA HIS A 359 12.39 5.49 -3.05
C HIS A 359 13.06 5.95 -1.75
N ASP A 360 12.40 5.73 -0.62
CA ASP A 360 12.89 6.23 0.65
C ASP A 360 14.07 5.43 1.20
N VAL A 361 14.24 4.19 0.75
CA VAL A 361 15.44 3.43 1.11
C VAL A 361 16.67 4.12 0.52
N ILE A 362 16.50 4.69 -0.68
CA ILE A 362 17.58 5.41 -1.33
C ILE A 362 17.89 6.70 -0.60
N VAL A 363 16.85 7.46 -0.27
CA VAL A 363 17.03 8.73 0.43
C VAL A 363 17.76 8.56 1.75
N SER A 364 17.46 7.47 2.46
CA SER A 364 18.09 7.22 3.74
C SER A 364 19.57 6.90 3.60
N ILE A 365 19.91 6.03 2.66
CA ILE A 365 21.29 5.65 2.43
C ILE A 365 22.11 6.83 1.92
N VAL A 366 21.56 7.57 0.98
CA VAL A 366 22.25 8.73 0.41
C VAL A 366 22.45 9.82 1.46
N THR A 367 21.38 10.14 2.20
CA THR A 367 21.45 11.16 3.24
C THR A 367 22.56 10.88 4.24
N ALA A 368 22.68 9.63 4.66
CA ALA A 368 23.76 9.23 5.56
C ALA A 368 25.11 9.40 4.86
N ALA A 369 25.17 8.98 3.59
CA ALA A 369 26.41 9.03 2.83
C ALA A 369 26.91 10.46 2.63
N LYS A 370 26.00 11.37 2.36
CA LYS A 370 26.36 12.76 2.10
C LYS A 370 26.89 13.44 3.36
N LYS A 371 26.46 12.97 4.53
CA LYS A 371 27.00 13.46 5.79
C LYS A 371 28.41 12.93 5.98
N ASP A 372 28.56 11.62 5.77
CA ASP A 372 29.86 10.97 5.86
C ASP A 372 29.79 9.59 5.19
N ILE A 373 30.66 9.37 4.21
CA ILE A 373 30.62 8.14 3.42
C ILE A 373 30.95 6.91 4.28
N LEU A 374 31.65 7.13 5.39
CA LEU A 374 32.02 6.03 6.28
C LEU A 374 30.82 5.48 7.04
N LEU A 375 29.70 6.21 7.00
CA LEU A 375 28.48 5.78 7.67
C LEU A 375 27.71 4.74 6.85
N VAL A 376 28.06 4.61 5.58
CA VAL A 376 27.45 3.62 4.69
C VAL A 376 28.51 2.66 4.18
N ASN A 377 28.19 1.38 4.15
CA ASN A 377 29.11 0.36 3.68
C ASN A 377 28.94 0.13 2.17
N ASP A 378 29.61 -0.89 1.65
CA ASP A 378 29.55 -1.21 0.23
C ASP A 378 28.19 -1.79 -0.15
N HIS A 379 27.57 -2.51 0.78
CA HIS A 379 26.29 -3.16 0.52
C HIS A 379 25.18 -2.15 0.28
N LEU A 380 25.21 -1.05 1.03
CA LEU A 380 24.16 -0.05 0.94
C LEU A 380 24.29 0.75 -0.35
N LEU A 381 25.53 1.01 -0.78
CA LEU A 381 25.74 1.72 -2.04
C LEU A 381 25.39 0.83 -3.22
N ASN A 382 25.59 -0.47 -3.06
CA ASN A 382 25.21 -1.42 -4.10
C ASN A 382 23.69 -1.47 -4.26
N PHE A 383 22.96 -1.22 -3.18
CA PHE A 383 21.50 -1.16 -3.24
C PHE A 383 21.07 0.05 -4.07
N VAL A 384 21.72 1.18 -3.84
CA VAL A 384 21.42 2.38 -4.62
C VAL A 384 21.76 2.13 -6.09
N ARG A 385 22.88 1.46 -6.33
CA ARG A 385 23.28 1.10 -7.68
C ARG A 385 22.18 0.28 -8.35
N GLU A 386 21.74 -0.77 -7.67
CA GLU A 386 20.70 -1.65 -8.20
C GLU A 386 19.41 -0.90 -8.52
N ARG A 387 19.20 0.25 -7.88
CA ARG A 387 17.96 1.01 -8.08
C ARG A 387 18.02 1.96 -9.27
N THR A 388 19.20 2.17 -9.84
CA THR A 388 19.30 2.93 -11.08
C THR A 388 18.62 2.17 -12.22
N LEU A 389 18.43 0.86 -12.02
CA LEU A 389 17.74 0.01 -12.98
C LEU A 389 16.30 -0.27 -12.54
N ASP A 390 15.82 0.49 -11.56
CA ASP A 390 14.45 0.35 -11.08
C ASP A 390 13.45 0.58 -12.21
N LYS A 391 12.26 0.03 -12.07
CA LYS A 391 11.25 0.12 -13.11
C LYS A 391 10.56 1.48 -13.13
N ARG A 392 10.57 2.16 -11.98
CA ARG A 392 9.96 3.49 -11.87
C ARG A 392 11.01 4.57 -12.08
N TRP A 393 10.73 5.47 -13.02
CA TRP A 393 11.63 6.57 -13.32
C TRP A 393 11.96 7.41 -12.09
N ARG A 394 10.94 7.69 -11.28
CA ARG A 394 11.13 8.54 -10.11
C ARG A 394 12.12 7.93 -9.13
N VAL A 395 12.18 6.60 -9.10
CA VAL A 395 13.10 5.90 -8.22
C VAL A 395 14.54 5.94 -8.76
N ARG A 396 14.72 5.55 -10.01
CA ARG A 396 16.06 5.53 -10.59
C ARG A 396 16.59 6.94 -10.79
N LYS A 397 15.69 7.91 -10.92
CA LYS A 397 16.08 9.32 -10.93
C LYS A 397 16.71 9.68 -9.59
N GLU A 398 16.20 9.09 -8.51
CA GLU A 398 16.67 9.39 -7.16
C GLU A 398 18.03 8.72 -6.90
N ALA A 399 18.20 7.51 -7.44
CA ALA A 399 19.42 6.75 -7.21
C ALA A 399 20.60 7.35 -7.96
N MSE A 400 20.38 7.75 -9.20
CA MSE A 400 21.44 8.34 -10.03
C MSE A 400 21.90 9.66 -9.44
O MSE A 400 23.10 9.93 -9.36
CB MSE A 400 20.95 8.55 -11.46
CG MSE A 400 20.66 7.26 -12.20
SE MSE A 400 19.66 7.56 -13.85
CE MSE A 400 19.27 5.71 -14.33
H MSE A 400 19.62 7.69 -9.60
HA MSE A 400 22.19 7.73 -10.05
HB2 MSE A 400 20.14 9.07 -11.44
HB3 MSE A 400 21.64 9.02 -11.95
HG2 MSE A 400 21.50 6.83 -12.44
HG3 MSE A 400 20.13 6.67 -11.64
HE1 MSE A 400 18.76 5.71 -15.16
HE2 MSE A 400 20.10 5.24 -14.45
HE3 MSE A 400 18.75 5.31 -13.62
N MSE A 401 20.94 10.50 -9.04
CA MSE A 401 21.26 11.77 -8.42
C MSE A 401 22.01 11.55 -7.12
O MSE A 401 22.91 12.32 -6.77
CB MSE A 401 19.99 12.57 -8.17
CG MSE A 401 19.36 13.16 -9.42
SE MSE A 401 20.52 14.44 -10.34
CE MSE A 401 20.91 15.65 -8.86
H MSE A 401 20.10 10.35 -9.12
HA MSE A 401 21.82 12.29 -9.02
HB2 MSE A 401 19.33 11.99 -7.75
HB3 MSE A 401 20.20 13.31 -7.57
HG2 MSE A 401 19.16 12.44 -10.04
HG3 MSE A 401 18.54 13.63 -9.17
HE1 MSE A 401 21.49 16.36 -9.18
HE2 MSE A 401 20.08 16.03 -8.54
HE3 MSE A 401 21.34 15.16 -8.15
N GLY A 402 21.65 10.49 -6.40
CA GLY A 402 22.33 10.13 -5.17
C GLY A 402 23.79 9.82 -5.41
N LEU A 403 24.05 8.92 -6.36
CA LEU A 403 25.40 8.53 -6.69
C LEU A 403 26.21 9.69 -7.26
N ALA A 404 25.54 10.58 -7.99
CA ALA A 404 26.19 11.76 -8.53
C ALA A 404 26.72 12.64 -7.40
N GLN A 405 25.85 12.95 -6.44
CA GLN A 405 26.20 13.80 -5.32
C GLN A 405 27.29 13.18 -4.46
N ILE A 406 27.29 11.84 -4.39
CA ILE A 406 28.32 11.13 -3.66
C ILE A 406 29.66 11.25 -4.38
N TYR A 407 29.64 11.07 -5.70
CA TYR A 407 30.84 11.19 -6.52
C TYR A 407 31.47 12.57 -6.38
N LYS A 408 30.65 13.61 -6.50
CA LYS A 408 31.13 14.98 -6.48
C LYS A 408 31.82 15.30 -5.16
N LYS A 409 31.43 14.64 -4.10
CA LYS A 409 32.01 14.89 -2.78
C LYS A 409 33.23 14.00 -2.51
N TYR A 410 33.04 12.70 -2.62
CA TYR A 410 34.03 11.74 -2.11
C TYR A 410 34.99 11.20 -3.17
N ALA A 411 34.77 11.56 -4.43
CA ALA A 411 35.65 11.13 -5.52
C ALA A 411 36.32 12.33 -6.19
N LEU A 412 35.50 13.27 -6.66
CA LEU A 412 36.01 14.46 -7.30
C LEU A 412 36.84 15.31 -6.34
N GLN A 413 36.28 15.54 -5.15
CA GLN A 413 36.90 16.42 -4.17
C GLN A 413 37.70 15.67 -3.10
N SER A 414 37.54 14.35 -3.04
CA SER A 414 38.24 13.53 -2.06
C SER A 414 37.99 14.06 -0.65
N ALA A 415 36.72 14.21 -0.29
CA ALA A 415 36.34 14.82 0.97
C ALA A 415 36.55 13.89 2.16
N ALA A 416 36.81 12.61 1.88
CA ALA A 416 36.99 11.61 2.94
C ALA A 416 38.32 10.88 2.78
N GLY A 417 39.26 11.50 2.06
CA GLY A 417 40.57 10.91 1.85
C GLY A 417 40.64 10.14 0.55
N LYS A 418 41.79 9.53 0.29
CA LYS A 418 42.04 8.84 -0.97
C LYS A 418 41.54 7.40 -0.96
N ASP A 419 41.61 6.74 0.19
CA ASP A 419 41.17 5.36 0.29
C ASP A 419 39.65 5.25 0.17
N ALA A 420 38.95 6.31 0.56
CA ALA A 420 37.50 6.35 0.44
C ALA A 420 37.07 6.57 -1.01
N ALA A 421 37.90 7.29 -1.76
CA ALA A 421 37.61 7.60 -3.15
C ALA A 421 37.77 6.38 -4.05
N LYS A 422 38.53 5.39 -3.59
CA LYS A 422 38.71 4.14 -4.33
C LYS A 422 37.58 3.16 -4.03
N GLN A 423 36.91 3.37 -2.90
CA GLN A 423 35.74 2.58 -2.56
C GLN A 423 34.63 2.81 -3.59
N ILE A 424 34.56 4.05 -4.09
CA ILE A 424 33.49 4.46 -5.00
C ILE A 424 34.04 4.80 -6.38
N ALA A 425 35.12 4.15 -6.78
CA ALA A 425 35.69 4.39 -8.11
C ALA A 425 34.77 3.87 -9.21
N TRP A 426 33.75 3.11 -8.83
CA TRP A 426 32.83 2.49 -9.80
C TRP A 426 31.69 3.40 -10.23
N ILE A 427 31.50 4.50 -9.52
CA ILE A 427 30.36 5.37 -9.79
C ILE A 427 30.46 6.04 -11.15
N LYS A 428 31.63 6.59 -11.47
CA LYS A 428 31.81 7.29 -12.74
C LYS A 428 31.49 6.40 -13.93
N ASP A 429 31.93 5.15 -13.87
CA ASP A 429 31.70 4.20 -14.96
C ASP A 429 30.23 3.79 -15.03
N LYS A 430 29.65 3.46 -13.88
CA LYS A 430 28.29 2.94 -13.84
C LYS A 430 27.27 3.99 -14.26
N LEU A 431 27.51 5.24 -13.87
CA LEU A 431 26.60 6.33 -14.23
C LEU A 431 26.58 6.56 -15.74
N LEU A 432 27.74 6.45 -16.37
CA LEU A 432 27.85 6.72 -17.80
C LEU A 432 27.36 5.53 -18.63
N HIS A 433 27.37 4.34 -18.05
CA HIS A 433 26.82 3.16 -18.72
C HIS A 433 25.31 3.29 -18.89
N ILE A 434 24.69 4.18 -18.11
CA ILE A 434 23.25 4.39 -18.18
C ILE A 434 22.85 5.00 -19.51
N TYR A 435 23.80 5.64 -20.19
CA TYR A 435 23.51 6.29 -21.46
C TYR A 435 23.12 5.28 -22.54
N TYR A 436 23.38 4.00 -22.29
CA TYR A 436 23.02 2.94 -23.24
C TYR A 436 21.56 2.50 -23.08
N GLN A 437 20.84 3.12 -22.15
CA GLN A 437 19.44 2.77 -21.90
C GLN A 437 18.55 3.36 -22.99
N ASN A 438 17.46 2.64 -23.29
CA ASN A 438 16.49 3.11 -24.26
C ASN A 438 15.77 4.36 -23.78
N SER A 439 15.53 4.43 -22.48
CA SER A 439 14.81 5.54 -21.87
C SER A 439 15.45 6.88 -22.19
N ILE A 440 14.67 7.77 -22.81
CA ILE A 440 15.15 9.11 -23.11
C ILE A 440 15.35 9.90 -21.82
N ASP A 441 14.51 9.64 -20.83
CA ASP A 441 14.60 10.33 -19.54
C ASP A 441 15.92 10.01 -18.85
N ASP A 442 16.34 8.75 -18.92
CA ASP A 442 17.61 8.33 -18.33
C ASP A 442 18.80 8.97 -19.02
N ARG A 443 18.84 8.84 -20.35
CA ARG A 443 19.95 9.35 -21.15
C ARG A 443 20.18 10.83 -20.94
N LEU A 444 19.09 11.61 -20.91
CA LEU A 444 19.21 13.06 -20.72
C LEU A 444 19.65 13.41 -19.30
N LEU A 445 19.37 12.52 -18.35
CA LEU A 445 19.77 12.77 -16.97
C LEU A 445 21.27 12.55 -16.79
N VAL A 446 21.80 11.56 -17.50
CA VAL A 446 23.24 11.30 -17.48
C VAL A 446 24.00 12.53 -17.98
N GLU A 447 23.43 13.21 -18.97
CA GLU A 447 24.04 14.41 -19.52
C GLU A 447 24.07 15.52 -18.49
N ARG A 448 22.96 15.70 -17.77
CA ARG A 448 22.90 16.72 -16.73
C ARG A 448 23.88 16.40 -15.61
N ILE A 449 23.96 15.13 -15.24
CA ILE A 449 24.88 14.68 -14.20
C ILE A 449 26.33 14.93 -14.60
N PHE A 450 26.65 14.62 -15.85
CA PHE A 450 28.01 14.83 -16.35
C PHE A 450 28.38 16.30 -16.33
N ALA A 451 27.42 17.16 -16.63
CA ALA A 451 27.67 18.59 -16.71
C ALA A 451 27.77 19.25 -15.32
N GLN A 452 27.13 18.65 -14.33
CA GLN A 452 27.08 19.25 -12.99
C GLN A 452 28.01 18.59 -11.98
N TYR A 453 28.08 17.27 -11.99
CA TYR A 453 28.71 16.52 -10.89
C TYR A 453 30.03 15.85 -11.26
N MSE A 454 30.20 15.50 -12.52
CA MSE A 454 31.41 14.80 -12.95
C MSE A 454 32.47 15.76 -13.50
O MSE A 454 33.64 15.68 -13.12
CB MSE A 454 31.05 13.76 -14.00
CG MSE A 454 29.98 12.80 -13.53
SE MSE A 454 29.84 11.25 -14.69
CE MSE A 454 31.63 10.51 -14.44
H MSE A 454 29.65 15.68 -13.15
HA MSE A 454 31.78 14.33 -12.19
HB2 MSE A 454 30.72 14.22 -14.79
HB3 MSE A 454 31.85 13.25 -14.23
HG2 MSE A 454 30.19 12.50 -12.64
HG3 MSE A 454 29.12 13.26 -13.53
HE1 MSE A 454 31.71 9.69 -14.96
HE2 MSE A 454 32.29 11.16 -14.72
HE3 MSE A 454 31.75 10.30 -13.49
N VAL A 455 32.04 16.65 -14.38
CA VAL A 455 32.90 17.71 -14.90
C VAL A 455 32.14 19.02 -14.81
N PRO A 456 32.05 19.59 -13.59
CA PRO A 456 31.25 20.79 -13.32
C PRO A 456 31.46 21.91 -14.33
N HIS A 457 30.36 22.45 -14.86
CA HIS A 457 30.41 23.44 -15.92
C HIS A 457 30.93 24.78 -15.41
N ASN A 458 30.66 25.07 -14.13
CA ASN A 458 31.01 26.36 -13.56
C ASN A 458 32.51 26.54 -13.34
N LEU A 459 33.26 25.46 -13.53
CA LEU A 459 34.72 25.51 -13.43
C LEU A 459 35.29 26.39 -14.54
N GLU A 460 36.40 27.05 -14.26
CA GLU A 460 37.08 27.87 -15.25
C GLU A 460 37.65 26.94 -16.32
N THR A 461 37.83 27.47 -17.54
CA THR A 461 38.20 26.66 -18.69
C THR A 461 39.37 25.72 -18.43
N THR A 462 40.50 26.27 -17.99
CA THR A 462 41.70 25.47 -17.77
C THR A 462 41.48 24.41 -16.70
N GLU A 463 40.74 24.77 -15.65
CA GLU A 463 40.41 23.83 -14.59
C GLU A 463 39.41 22.79 -15.07
N ARG A 464 38.52 23.22 -15.97
CA ARG A 464 37.45 22.36 -16.47
C ARG A 464 38.00 21.26 -17.38
N MSE A 465 39.05 21.57 -18.14
CA MSE A 465 39.65 20.59 -19.04
C MSE A 465 40.68 19.73 -18.30
O MSE A 465 40.94 18.59 -18.70
CB MSE A 465 40.31 21.28 -20.24
CG MSE A 465 39.34 22.11 -21.08
SE MSE A 465 37.71 21.16 -21.61
CE MSE A 465 38.45 19.82 -22.81
H MSE A 465 39.43 22.34 -18.16
HA MSE A 465 38.95 20.01 -19.38
HB2 MSE A 465 41.00 21.88 -19.92
HB3 MSE A 465 40.70 20.60 -20.81
HG2 MSE A 465 39.09 22.89 -20.59
HG3 MSE A 465 39.81 22.37 -21.89
HE1 MSE A 465 37.72 19.27 -23.14
HE2 MSE A 465 38.89 20.27 -23.54
HE3 MSE A 465 39.07 19.28 -22.32
N LYS A 466 41.27 20.28 -17.25
CA LYS A 466 42.14 19.49 -16.38
C LYS A 466 41.30 18.40 -15.73
N CYS A 467 40.08 18.75 -15.35
CA CYS A 467 39.15 17.81 -14.75
C CYS A 467 38.77 16.73 -15.75
N LEU A 468 38.34 17.15 -16.94
CA LEU A 468 37.89 16.22 -17.97
C LEU A 468 39.01 15.31 -18.43
N TYR A 469 40.21 15.88 -18.56
CA TYR A 469 41.36 15.17 -19.08
C TYR A 469 41.68 13.93 -18.26
N TYR A 470 41.76 14.09 -16.94
CA TYR A 470 42.12 12.98 -16.06
C TYR A 470 40.93 12.04 -15.84
N LEU A 471 39.72 12.57 -15.96
CA LEU A 471 38.53 11.73 -15.89
C LEU A 471 38.50 10.76 -17.06
N TYR A 472 38.64 11.30 -18.27
CA TYR A 472 38.60 10.53 -19.49
C TYR A 472 39.69 9.46 -19.51
N ALA A 473 40.77 9.71 -18.77
CA ALA A 473 41.90 8.79 -18.73
C ALA A 473 41.66 7.62 -17.78
N THR A 474 40.64 7.74 -16.93
CA THR A 474 40.39 6.74 -15.88
C THR A 474 39.03 6.04 -16.05
N LEU A 475 38.33 6.33 -17.14
CA LEU A 475 37.01 5.75 -17.36
C LEU A 475 37.07 4.35 -17.97
N ASP A 476 36.03 3.57 -17.73
CA ASP A 476 35.84 2.27 -18.33
C ASP A 476 35.84 2.38 -19.86
N LEU A 477 36.01 1.26 -20.55
CA LEU A 477 36.01 1.26 -22.00
C LEU A 477 34.64 1.66 -22.55
N ASN A 478 33.58 1.09 -21.97
CA ASN A 478 32.22 1.42 -22.39
C ASN A 478 31.81 2.79 -21.90
N ALA A 479 32.48 3.28 -20.87
CA ALA A 479 32.20 4.61 -20.33
C ALA A 479 32.62 5.69 -21.33
N VAL A 480 33.84 5.58 -21.85
CA VAL A 480 34.31 6.57 -22.82
C VAL A 480 33.52 6.48 -24.11
N LYS A 481 33.10 5.26 -24.47
CA LYS A 481 32.25 5.06 -25.64
C LYS A 481 30.93 5.82 -25.44
N ALA A 482 30.35 5.70 -24.26
CA ALA A 482 29.10 6.38 -23.94
C ALA A 482 29.29 7.88 -24.05
N LEU A 483 30.45 8.35 -23.61
CA LEU A 483 30.75 9.77 -23.59
C LEU A 483 30.96 10.29 -25.02
N ASN A 484 31.52 9.44 -25.88
CA ASN A 484 31.69 9.80 -27.28
C ASN A 484 30.34 9.89 -27.99
N GLU A 485 29.47 8.91 -27.71
CA GLU A 485 28.13 8.90 -28.28
C GLU A 485 27.33 10.12 -27.83
N MSE A 486 27.59 10.58 -26.62
CA MSE A 486 26.92 11.76 -26.10
C MSE A 486 27.32 13.02 -26.87
O MSE A 486 26.47 13.84 -27.22
CB MSE A 486 27.23 11.94 -24.62
CG MSE A 486 26.50 13.10 -23.96
SE MSE A 486 27.25 13.49 -22.23
CE MSE A 486 27.07 11.71 -21.43
H MSE A 486 28.16 10.22 -26.07
HA MSE A 486 25.96 11.64 -26.18
HB2 MSE A 486 26.97 11.13 -24.15
HB3 MSE A 486 28.18 12.10 -24.52
HG2 MSE A 486 26.60 13.88 -24.52
HG3 MSE A 486 25.57 12.86 -23.85
HE1 MSE A 486 27.42 11.72 -20.53
HE2 MSE A 486 26.14 11.46 -21.43
HE3 MSE A 486 27.58 11.07 -21.96
N TRP A 487 28.62 13.19 -27.11
CA TRP A 487 29.12 14.29 -27.91
C TRP A 487 28.44 14.29 -29.27
N LYS A 488 28.43 13.11 -29.89
CA LYS A 488 27.93 12.93 -31.24
C LYS A 488 26.45 13.24 -31.35
N CYS A 489 25.67 12.86 -30.33
CA CYS A 489 24.23 13.10 -30.33
C CYS A 489 23.88 14.58 -30.23
N GLN A 490 24.63 15.33 -29.41
CA GLN A 490 24.42 16.75 -29.29
C GLN A 490 24.75 17.44 -30.60
N ASN A 491 25.87 17.05 -31.20
CA ASN A 491 26.29 17.58 -32.49
C ASN A 491 25.18 17.44 -33.52
N LEU A 492 24.60 16.25 -33.57
CA LEU A 492 23.51 15.95 -34.48
C LEU A 492 22.29 16.81 -34.17
N LEU A 493 22.02 17.03 -32.89
CA LEU A 493 20.87 17.84 -32.48
C LEU A 493 21.06 19.32 -32.78
N ARG A 494 22.26 19.83 -32.52
CA ARG A 494 22.57 21.22 -32.83
C ARG A 494 22.39 21.47 -34.32
N HIS A 495 22.82 20.51 -35.14
CA HIS A 495 22.67 20.62 -36.59
C HIS A 495 21.20 20.62 -37.00
N GLN A 496 20.41 19.80 -36.33
CA GLN A 496 18.99 19.72 -36.63
C GLN A 496 18.28 21.04 -36.32
N VAL A 497 18.74 21.73 -35.29
CA VAL A 497 18.14 23.00 -34.91
C VAL A 497 18.52 24.10 -35.91
N LYS A 498 19.78 24.13 -36.33
CA LYS A 498 20.21 25.12 -37.32
C LYS A 498 19.46 24.90 -38.62
N ASP A 499 19.21 23.64 -38.96
CA ASP A 499 18.44 23.32 -40.15
C ASP A 499 17.02 23.85 -40.03
N LEU A 500 16.44 23.73 -38.84
CA LEU A 500 15.08 24.20 -38.60
C LEU A 500 15.00 25.71 -38.75
N LEU A 501 16.01 26.41 -38.22
CA LEU A 501 16.06 27.87 -38.30
C LEU A 501 16.19 28.32 -39.76
N ASP A 502 17.00 27.61 -40.52
CA ASP A 502 17.18 27.94 -41.93
C ASP A 502 15.89 27.73 -42.72
N LEU A 503 15.12 26.71 -42.34
CA LEU A 503 13.83 26.46 -42.99
C LEU A 503 12.84 27.57 -42.70
N ILE A 504 12.86 28.07 -41.46
CA ILE A 504 11.94 29.13 -41.05
C ILE A 504 12.28 30.45 -41.75
N LYS A 505 13.55 30.63 -42.09
CA LYS A 505 13.99 31.85 -42.75
C LYS A 505 13.58 31.90 -44.22
N GLN A 506 13.20 30.75 -44.77
CA GLN A 506 12.79 30.68 -46.17
C GLN A 506 11.43 31.34 -46.40
N PRO A 507 11.15 31.74 -47.65
CA PRO A 507 9.79 32.16 -47.99
C PRO A 507 8.79 31.04 -47.73
N LYS A 508 7.74 31.32 -46.97
CA LYS A 508 6.83 30.29 -46.50
C LYS A 508 5.91 29.78 -47.60
N THR A 509 6.13 28.52 -47.99
CA THR A 509 5.24 27.80 -48.90
C THR A 509 4.67 26.56 -48.23
N ASP A 510 3.70 25.92 -48.88
CA ASP A 510 3.13 24.67 -48.37
C ASP A 510 4.22 23.59 -48.25
N ALA A 511 5.24 23.70 -49.09
CA ALA A 511 6.33 22.73 -49.10
C ALA A 511 7.24 22.88 -47.88
N SER A 512 7.65 24.12 -47.59
CA SER A 512 8.54 24.37 -46.46
C SER A 512 7.80 24.11 -45.15
N VAL A 513 6.51 24.41 -45.13
CA VAL A 513 5.69 24.13 -43.95
C VAL A 513 5.76 22.65 -43.59
N LYS A 514 5.78 21.81 -44.60
CA LYS A 514 5.87 20.37 -44.39
C LYS A 514 7.29 19.98 -43.97
N ALA A 515 8.28 20.61 -44.59
CA ALA A 515 9.67 20.36 -44.23
C ALA A 515 9.93 20.73 -42.78
N ILE A 516 9.34 21.85 -42.35
CA ILE A 516 9.50 22.31 -40.98
C ILE A 516 8.87 21.32 -40.00
N PHE A 517 7.73 20.76 -40.38
CA PHE A 517 7.05 19.81 -39.51
C PHE A 517 7.87 18.53 -39.37
N SER A 518 8.53 18.13 -40.45
CA SER A 518 9.39 16.94 -40.42
C SER A 518 10.55 17.16 -39.46
N LYS A 519 11.20 18.32 -39.54
CA LYS A 519 12.32 18.64 -38.68
C LYS A 519 11.89 18.66 -37.22
N VAL A 520 10.75 19.30 -36.96
CA VAL A 520 10.20 19.35 -35.62
C VAL A 520 9.98 17.94 -35.07
N MSE A 521 9.40 17.09 -35.90
CA MSE A 521 9.09 15.72 -35.52
C MSE A 521 10.36 14.96 -35.17
O MSE A 521 10.35 14.07 -34.30
CB MSE A 521 8.35 15.02 -36.66
CG MSE A 521 7.81 13.63 -36.31
SE MSE A 521 6.82 12.83 -37.79
CE MSE A 521 8.21 12.89 -39.17
H MSE A 521 9.16 17.29 -36.70
HA MSE A 521 8.51 15.73 -34.75
HB2 MSE A 521 7.59 15.57 -36.92
HB3 MSE A 521 8.95 14.92 -37.42
HG2 MSE A 521 8.56 13.05 -36.11
HG3 MSE A 521 7.22 13.70 -35.56
HE1 MSE A 521 7.86 12.52 -40.00
HE2 MSE A 521 8.47 13.83 -39.31
HE3 MSE A 521 8.98 12.38 -38.87
N VAL A 522 11.47 15.29 -35.82
CA VAL A 522 12.75 14.63 -35.58
C VAL A 522 13.37 15.08 -34.26
N ILE A 523 13.27 16.37 -33.98
CA ILE A 523 13.84 16.93 -32.76
C ILE A 523 13.15 16.40 -31.50
N THR A 524 11.83 16.22 -31.59
CA THR A 524 11.05 15.79 -30.43
C THR A 524 11.37 14.37 -29.99
N ARG A 525 11.87 13.55 -30.92
CA ARG A 525 12.30 12.20 -30.57
C ARG A 525 13.50 12.26 -29.62
N ASN A 526 14.14 13.42 -29.54
CA ASN A 526 15.26 13.65 -28.63
C ASN A 526 14.85 14.48 -27.43
N LEU A 527 13.55 14.44 -27.09
CA LEU A 527 13.03 15.19 -25.95
C LEU A 527 12.13 14.28 -25.10
N PRO A 528 12.03 14.57 -23.80
CA PRO A 528 11.21 13.75 -22.91
C PRO A 528 9.71 14.03 -23.07
N ASP A 529 8.89 12.99 -22.95
CA ASP A 529 7.45 13.11 -23.08
C ASP A 529 7.07 13.60 -24.48
N PRO A 530 7.30 12.76 -25.50
CA PRO A 530 7.02 13.13 -26.90
C PRO A 530 5.54 13.39 -27.17
N GLY A 531 4.67 13.00 -26.24
CA GLY A 531 3.25 13.26 -26.36
C GLY A 531 2.94 14.74 -26.23
N LYS A 532 3.81 15.45 -25.50
CA LYS A 532 3.65 16.89 -25.29
C LYS A 532 4.68 17.68 -26.09
N ALA A 533 5.81 17.05 -26.39
CA ALA A 533 6.90 17.72 -27.10
C ALA A 533 6.49 18.14 -28.51
N GLN A 534 5.77 17.26 -29.21
CA GLN A 534 5.30 17.53 -30.56
C GLN A 534 4.45 18.80 -30.58
N ASP A 535 3.59 18.94 -29.58
CA ASP A 535 2.70 20.09 -29.49
C ASP A 535 3.43 21.34 -29.00
N PHE A 536 4.44 21.15 -28.15
CA PHE A 536 5.21 22.26 -27.63
C PHE A 536 6.14 22.83 -28.70
N MSE A 537 6.62 21.96 -29.58
CA MSE A 537 7.50 22.41 -30.65
C MSE A 537 6.71 23.11 -31.75
O MSE A 537 7.25 23.94 -32.47
CB MSE A 537 8.30 21.25 -31.24
CG MSE A 537 9.39 20.71 -30.33
SE MSE A 537 10.81 22.01 -30.03
CE MSE A 537 11.43 22.23 -31.87
H MSE A 537 6.46 21.12 -29.58
HA MSE A 537 8.14 23.05 -30.29
HB2 MSE A 537 7.68 20.51 -31.43
HB3 MSE A 537 8.72 21.53 -32.07
HG2 MSE A 537 9.01 20.48 -29.47
HG3 MSE A 537 9.78 19.92 -30.73
HE1 MSE A 537 12.17 22.88 -31.88
HE2 MSE A 537 11.73 21.38 -32.20
HE3 MSE A 537 10.70 22.56 -32.41
N LYS A 538 5.43 22.75 -31.88
CA LYS A 538 4.53 23.49 -32.75
C LYS A 538 4.46 24.94 -32.28
N LYS A 539 4.26 25.10 -30.98
CA LYS A 539 4.26 26.42 -30.35
C LYS A 539 5.62 27.08 -30.56
N PHE A 540 6.68 26.30 -30.46
CA PHE A 540 8.04 26.83 -30.56
C PHE A 540 8.34 27.37 -31.95
N THR A 541 7.94 26.64 -32.98
CA THR A 541 8.13 27.10 -34.36
C THR A 541 7.34 28.39 -34.60
N GLN A 542 6.13 28.44 -34.04
CA GLN A 542 5.28 29.61 -34.15
C GLN A 542 5.99 30.84 -33.60
N VAL A 543 6.61 30.68 -32.44
CA VAL A 543 7.34 31.77 -31.79
C VAL A 543 8.55 32.20 -32.63
N LEU A 544 9.23 31.23 -33.22
CA LEU A 544 10.42 31.51 -34.02
C LEU A 544 10.09 32.23 -35.31
N GLU A 545 8.96 31.88 -35.93
CA GLU A 545 8.52 32.55 -37.14
C GLU A 545 8.25 34.03 -36.90
N ASP A 546 7.83 34.36 -35.68
CA ASP A 546 7.43 35.71 -35.32
C ASP A 546 8.56 36.52 -34.68
N ASP A 547 9.02 36.06 -33.51
CA ASP A 547 10.05 36.78 -32.76
C ASP A 547 11.42 36.66 -33.43
N GLU A 548 11.86 37.74 -34.05
CA GLU A 548 13.13 37.76 -34.76
C GLU A 548 14.30 37.81 -33.77
N LYS A 549 14.05 38.37 -32.60
CA LYS A 549 15.09 38.53 -31.58
C LYS A 549 15.41 37.21 -30.88
N ILE A 550 14.45 36.29 -30.85
CA ILE A 550 14.67 34.96 -30.28
C ILE A 550 15.40 34.08 -31.29
N ARG A 551 15.11 34.31 -32.57
CA ARG A 551 15.81 33.60 -33.64
C ARG A 551 17.30 33.87 -33.59
N LYS A 552 17.66 35.15 -33.45
CA LYS A 552 19.06 35.55 -33.42
C LYS A 552 19.82 34.87 -32.29
N GLN A 553 19.22 34.84 -31.11
CA GLN A 553 19.87 34.24 -29.94
C GLN A 553 20.09 32.74 -30.12
N LEU A 554 19.16 32.09 -30.81
CA LEU A 554 19.27 30.66 -31.06
C LEU A 554 20.27 30.39 -32.18
N GLU A 555 20.34 31.30 -33.15
CA GLU A 555 21.33 31.21 -34.23
C GLU A 555 22.74 31.21 -33.65
N VAL A 556 22.94 32.03 -32.62
CA VAL A 556 24.24 32.16 -31.98
C VAL A 556 24.56 30.93 -31.13
N LEU A 557 23.55 30.43 -30.44
CA LEU A 557 23.72 29.28 -29.54
C LEU A 557 24.11 28.03 -30.32
N VAL A 558 23.67 27.95 -31.57
CA VAL A 558 23.86 26.74 -32.38
C VAL A 558 25.10 26.84 -33.28
N SER A 559 25.61 28.04 -33.49
CA SER A 559 26.81 28.21 -34.32
C SER A 559 27.99 27.43 -33.73
N PRO A 560 28.84 26.85 -34.60
CA PRO A 560 29.95 26.04 -34.11
C PRO A 560 31.04 26.84 -33.40
N THR A 561 30.98 28.17 -33.47
CA THR A 561 31.97 29.03 -32.81
C THR A 561 31.40 29.63 -31.53
N CYS A 562 30.35 29.03 -31.00
CA CYS A 562 29.72 29.53 -29.78
C CYS A 562 30.51 29.10 -28.55
N SER A 563 31.06 30.08 -27.83
CA SER A 563 31.80 29.79 -26.61
C SER A 563 30.83 29.42 -25.50
N CYS A 564 31.35 28.80 -24.45
CA CYS A 564 30.52 28.41 -23.33
C CYS A 564 29.91 29.63 -22.64
N LYS A 565 30.65 30.73 -22.64
CA LYS A 565 30.19 31.98 -22.04
C LYS A 565 28.99 32.55 -22.79
N GLN A 566 29.13 32.68 -24.11
CA GLN A 566 28.03 33.13 -24.95
C GLN A 566 26.79 32.29 -24.75
N ALA A 567 26.99 30.97 -24.68
CA ALA A 567 25.89 30.02 -24.53
C ALA A 567 25.09 30.31 -23.26
N GLU A 568 25.78 30.52 -22.15
CA GLU A 568 25.11 30.84 -20.90
C GLU A 568 24.28 32.11 -21.03
N GLY A 569 24.77 33.04 -21.84
CA GLY A 569 24.05 34.27 -22.09
C GLY A 569 22.84 34.06 -22.99
N CYS A 570 22.97 33.17 -23.96
CA CYS A 570 21.90 32.91 -24.92
C CYS A 570 20.71 32.21 -24.30
N VAL A 571 20.95 31.23 -23.45
CA VAL A 571 19.87 30.53 -22.77
C VAL A 571 19.17 31.48 -21.80
N ARG A 572 19.91 32.46 -21.30
CA ARG A 572 19.36 33.46 -20.39
C ARG A 572 18.33 34.32 -21.11
N GLU A 573 18.71 34.89 -22.25
CA GLU A 573 17.85 35.80 -23.00
C GLU A 573 16.61 35.09 -23.54
N ILE A 574 16.78 33.86 -24.01
CA ILE A 574 15.66 33.11 -24.57
C ILE A 574 14.67 32.74 -23.48
N THR A 575 15.17 32.30 -22.32
CA THR A 575 14.31 31.92 -21.21
C THR A 575 13.50 33.13 -20.72
N LYS A 576 14.12 34.31 -20.76
CA LYS A 576 13.45 35.54 -20.33
C LYS A 576 12.28 35.90 -21.23
N LYS A 577 12.52 35.96 -22.53
CA LYS A 577 11.51 36.42 -23.48
C LYS A 577 10.39 35.39 -23.71
N LEU A 578 10.43 34.29 -22.97
CA LEU A 578 9.37 33.28 -23.02
C LEU A 578 8.69 33.13 -21.66
N GLY A 579 9.04 34.02 -20.72
CA GLY A 579 8.45 34.00 -19.40
C GLY A 579 7.07 34.63 -19.39
N ASN A 586 3.84 27.45 -19.43
CA ASN A 586 4.70 27.21 -18.28
C ASN A 586 5.29 25.79 -18.32
N PRO A 587 4.47 24.78 -18.65
CA PRO A 587 5.09 23.49 -18.97
C PRO A 587 5.83 23.56 -20.30
N PHE A 588 5.47 24.55 -21.12
CA PHE A 588 6.13 24.81 -22.39
C PHE A 588 7.54 25.33 -22.15
N LEU A 589 7.66 26.34 -21.29
CA LEU A 589 8.95 26.92 -20.95
C LEU A 589 9.86 25.89 -20.28
N GLU A 590 9.25 24.87 -19.68
CA GLU A 590 10.00 23.79 -19.07
C GLU A 590 10.61 22.90 -20.15
N MSE A 591 9.86 22.68 -21.22
CA MSE A 591 10.29 21.80 -22.29
C MSE A 591 11.46 22.39 -23.08
O MSE A 591 12.39 21.68 -23.45
CB MSE A 591 9.12 21.53 -23.25
CG MSE A 591 9.44 20.52 -24.34
SE MSE A 591 9.65 18.71 -23.63
CE MSE A 591 7.77 18.30 -23.27
H MSE A 591 9.09 23.03 -21.34
HA MSE A 591 10.57 20.95 -21.92
HB2 MSE A 591 8.38 21.18 -22.74
HB3 MSE A 591 8.89 22.36 -23.69
HG2 MSE A 591 8.72 20.51 -24.98
HG3 MSE A 591 10.27 20.76 -24.78
HE1 MSE A 591 7.71 17.42 -22.90
HE2 MSE A 591 7.42 18.95 -22.64
HE3 MSE A 591 7.28 18.35 -24.11
N ILE A 592 11.41 23.69 -23.31
CA ILE A 592 12.44 24.35 -24.10
C ILE A 592 13.77 24.38 -23.36
N LYS A 593 13.72 24.48 -22.03
CA LYS A 593 14.93 24.46 -21.22
C LYS A 593 15.67 23.13 -21.39
N PHE A 594 14.93 22.04 -21.55
CA PHE A 594 15.55 20.75 -21.85
C PHE A 594 16.27 20.84 -23.19
N LEU A 595 15.59 21.41 -24.19
CA LEU A 595 16.19 21.57 -25.51
C LEU A 595 17.42 22.47 -25.44
N LEU A 596 17.33 23.55 -24.68
CA LEU A 596 18.40 24.54 -24.63
C LEU A 596 19.64 24.01 -23.92
N GLU A 597 19.46 23.15 -22.92
CA GLU A 597 20.61 22.63 -22.19
C GLU A 597 21.29 21.51 -22.97
N ARG A 598 20.56 20.89 -23.89
CA ARG A 598 21.13 19.84 -24.72
C ARG A 598 22.09 20.41 -25.77
N ILE A 599 21.65 21.48 -26.43
CA ILE A 599 22.39 22.04 -27.55
C ILE A 599 23.45 23.04 -27.10
N ALA A 600 23.23 23.64 -25.94
CA ALA A 600 24.14 24.66 -25.44
C ALA A 600 25.51 24.04 -25.11
N PRO A 601 26.58 24.62 -25.67
CA PRO A 601 27.91 24.10 -25.30
C PRO A 601 28.25 24.40 -23.84
N VAL A 602 28.70 23.38 -23.12
CA VAL A 602 28.97 23.50 -21.70
C VAL A 602 30.46 23.28 -21.41
N HIS A 603 31.05 22.30 -22.08
CA HIS A 603 32.43 21.91 -21.86
C HIS A 603 33.35 22.36 -23.00
N ILE A 604 32.93 22.12 -24.23
CA ILE A 604 33.78 22.29 -25.41
C ILE A 604 33.52 23.58 -26.18
N ASP A 605 34.54 24.41 -26.28
CA ASP A 605 34.55 25.55 -27.19
C ASP A 605 35.97 25.79 -27.67
N THR A 606 36.21 26.92 -28.33
CA THR A 606 37.52 27.19 -28.92
C THR A 606 38.63 27.28 -27.88
N GLU A 607 38.34 27.92 -26.75
CA GLU A 607 39.34 28.09 -25.69
C GLU A 607 39.59 26.79 -24.94
N SER A 608 38.55 25.97 -24.80
CA SER A 608 38.67 24.71 -24.09
C SER A 608 39.61 23.76 -24.82
N ILE A 609 39.43 23.65 -26.13
CA ILE A 609 40.28 22.79 -26.95
C ILE A 609 41.73 23.22 -26.80
N SER A 610 41.95 24.54 -26.76
CA SER A 610 43.29 25.08 -26.56
C SER A 610 43.85 24.67 -25.19
N ALA A 611 43.01 24.77 -24.17
CA ALA A 611 43.41 24.39 -22.82
C ALA A 611 43.70 22.89 -22.73
N LEU A 612 42.93 22.10 -23.47
CA LEU A 612 43.04 20.65 -23.40
C LEU A 612 44.28 20.14 -24.11
N ILE A 613 44.61 20.72 -25.26
CA ILE A 613 45.80 20.30 -25.98
C ILE A 613 47.04 20.72 -25.21
N LYS A 614 46.94 21.87 -24.54
CA LYS A 614 48.04 22.37 -23.71
C LYS A 614 48.23 21.48 -22.48
N GLN A 615 47.13 20.91 -21.99
CA GLN A 615 47.18 20.01 -20.84
C GLN A 615 47.88 18.71 -21.22
N VAL A 616 47.63 18.23 -22.44
CA VAL A 616 48.29 17.03 -22.93
C VAL A 616 49.76 17.33 -23.17
N ASN A 617 50.05 18.51 -23.69
CA ASN A 617 51.43 18.94 -23.89
C ASN A 617 52.21 18.91 -22.57
N LYS A 618 51.64 19.51 -21.54
CA LYS A 618 52.24 19.50 -20.22
C LYS A 618 52.57 18.07 -19.80
N SER A 619 51.62 17.18 -19.97
CA SER A 619 51.77 15.77 -19.59
C SER A 619 52.95 15.11 -20.30
N ILE A 620 53.31 15.62 -21.47
CA ILE A 620 54.39 15.02 -22.26
C ILE A 620 55.76 15.49 -21.77
N ASP A 621 55.84 16.73 -21.28
CA ASP A 621 57.10 17.29 -20.78
C ASP A 621 57.01 17.73 -19.32
N GLY A 622 57.18 16.77 -18.41
CA GLY A 622 57.19 17.04 -16.98
C GLY A 622 55.82 16.90 -16.34
N THR A 623 55.14 18.03 -16.18
CA THR A 623 53.75 18.07 -15.71
C THR A 623 53.63 17.86 -14.20
N ALA A 624 54.24 16.79 -13.67
CA ALA A 624 54.24 16.52 -12.23
C ALA A 624 52.83 16.33 -11.62
N ASP A 625 51.78 16.53 -12.41
CA ASP A 625 50.41 16.39 -11.94
C ASP A 625 49.92 14.94 -12.01
N ASP A 626 50.26 14.25 -13.09
CA ASP A 626 49.76 12.90 -13.35
C ASP A 626 49.93 11.97 -12.16
N GLU A 627 51.08 12.07 -11.51
CA GLU A 627 51.43 11.18 -10.41
C GLU A 627 50.53 11.39 -9.20
N ASP A 628 50.32 12.64 -8.80
CA ASP A 628 49.51 12.96 -7.63
C ASP A 628 48.02 12.99 -7.96
N GLU A 629 47.68 12.96 -9.24
CA GLU A 629 46.28 12.95 -9.67
C GLU A 629 45.75 11.53 -9.76
N GLY A 630 46.64 10.55 -9.68
CA GLY A 630 46.26 9.16 -9.63
C GLY A 630 46.03 8.54 -10.99
N VAL A 631 46.99 8.70 -11.89
CA VAL A 631 46.94 8.06 -13.19
C VAL A 631 48.32 8.05 -13.84
N PRO A 632 48.75 6.90 -14.38
CA PRO A 632 50.04 6.85 -15.07
C PRO A 632 50.15 7.88 -16.19
N THR A 633 51.25 8.62 -16.22
CA THR A 633 51.48 9.62 -17.26
C THR A 633 51.38 9.01 -18.66
N ASP A 634 51.55 7.70 -18.75
CA ASP A 634 51.46 6.99 -20.02
C ASP A 634 50.03 7.00 -20.55
N GLN A 635 49.12 6.37 -19.82
CA GLN A 635 47.74 6.21 -20.27
C GLN A 635 46.99 7.54 -20.33
N ALA A 636 47.45 8.51 -19.54
CA ALA A 636 46.84 9.83 -19.54
C ALA A 636 47.08 10.52 -20.89
N ILE A 637 48.31 10.40 -21.39
CA ILE A 637 48.67 10.97 -22.68
C ILE A 637 47.84 10.31 -23.78
N ARG A 638 47.79 8.99 -23.79
CA ARG A 638 47.07 8.26 -24.82
C ARG A 638 45.59 8.64 -24.81
N ALA A 639 45.02 8.76 -23.62
CA ALA A 639 43.62 9.13 -23.47
C ALA A 639 43.38 10.54 -24.00
N GLY A 640 44.29 11.45 -23.66
CA GLY A 640 44.18 12.83 -24.11
C GLY A 640 44.19 12.95 -25.63
N LEU A 641 44.94 12.09 -26.28
CA LEU A 641 45.01 12.08 -27.74
C LEU A 641 43.72 11.52 -28.33
N GLU A 642 43.20 10.47 -27.70
CA GLU A 642 41.95 9.87 -28.14
C GLU A 642 40.81 10.86 -27.95
N LEU A 643 40.84 11.59 -26.84
CA LEU A 643 39.81 12.59 -26.56
C LEU A 643 39.82 13.66 -27.63
N LEU A 644 41.00 14.15 -27.96
CA LEU A 644 41.16 15.17 -28.99
C LEU A 644 40.76 14.65 -30.36
N LYS A 645 41.07 13.38 -30.63
CA LYS A 645 40.69 12.75 -31.89
C LYS A 645 39.17 12.66 -32.00
N VAL A 646 38.53 12.36 -30.88
CA VAL A 646 37.07 12.28 -30.84
C VAL A 646 36.46 13.66 -31.05
N LEU A 647 36.96 14.64 -30.32
CA LEU A 647 36.44 15.99 -30.38
C LEU A 647 36.71 16.65 -31.73
N SER A 648 37.68 16.13 -32.47
CA SER A 648 38.00 16.67 -33.79
C SER A 648 36.91 16.28 -34.80
N PHE A 649 36.12 15.27 -34.46
CA PHE A 649 34.99 14.86 -35.30
C PHE A 649 33.71 15.58 -34.90
N THR A 650 33.50 15.76 -33.60
CA THR A 650 32.26 16.33 -33.09
C THR A 650 32.32 17.86 -33.00
N HIS A 651 33.51 18.39 -32.74
CA HIS A 651 33.72 19.84 -32.59
C HIS A 651 34.90 20.32 -33.42
N PRO A 652 34.88 20.07 -34.73
CA PRO A 652 36.02 20.40 -35.58
C PRO A 652 36.32 21.89 -35.63
N ILE A 653 35.29 22.73 -35.73
CA ILE A 653 35.51 24.18 -35.83
C ILE A 653 36.18 24.72 -34.59
N SER A 654 35.91 24.09 -33.45
CA SER A 654 36.46 24.55 -32.18
C SER A 654 37.97 24.41 -32.12
N PHE A 655 38.54 23.65 -33.05
CA PHE A 655 39.99 23.50 -33.12
C PHE A 655 40.62 24.65 -33.90
N HIS A 656 39.80 25.46 -34.55
CA HIS A 656 40.29 26.53 -35.40
C HIS A 656 40.74 27.75 -34.60
N SER A 657 41.94 27.67 -34.04
CA SER A 657 42.54 28.81 -33.36
C SER A 657 44.06 28.74 -33.50
N ALA A 658 44.71 29.90 -33.41
CA ALA A 658 46.16 29.97 -33.55
C ALA A 658 46.87 29.17 -32.46
N GLU A 659 46.34 29.23 -31.25
CA GLU A 659 46.95 28.54 -30.11
C GLU A 659 46.89 27.02 -30.29
N THR A 660 45.75 26.53 -30.76
CA THR A 660 45.56 25.09 -30.94
C THR A 660 46.47 24.55 -32.04
N PHE A 661 46.53 25.25 -33.17
CA PHE A 661 47.32 24.78 -34.30
C PHE A 661 48.81 24.87 -34.00
N GLU A 662 49.21 25.88 -33.22
CA GLU A 662 50.61 25.99 -32.80
C GLU A 662 50.98 24.84 -31.88
N SER A 663 50.07 24.48 -30.98
CA SER A 663 50.29 23.36 -30.07
C SER A 663 50.35 22.05 -30.85
N LEU A 664 49.50 21.93 -31.87
CA LEU A 664 49.47 20.73 -32.70
C LEU A 664 50.73 20.58 -33.53
N LEU A 665 51.30 21.72 -33.93
CA LEU A 665 52.53 21.71 -34.71
C LEU A 665 53.69 21.13 -33.91
N ALA A 666 53.80 21.55 -32.66
CA ALA A 666 54.83 21.04 -31.77
C ALA A 666 54.64 19.54 -31.55
N CYS A 667 53.37 19.11 -31.46
CA CYS A 667 53.06 17.70 -31.30
C CYS A 667 53.47 16.90 -32.53
N LEU A 668 53.43 17.54 -33.68
CA LEU A 668 53.74 16.89 -34.94
C LEU A 668 55.23 16.62 -35.11
N LYS A 669 56.04 17.28 -34.28
CA LYS A 669 57.49 17.15 -34.32
C LYS A 669 58.04 16.57 -33.03
N MSE A 670 57.40 15.52 -32.53
CA MSE A 670 57.70 14.97 -31.20
C MSE A 670 58.67 13.79 -31.22
O MSE A 670 59.36 13.55 -30.24
CB MSE A 670 56.41 14.55 -30.50
CG MSE A 670 55.58 15.71 -30.00
SE MSE A 670 56.27 16.50 -28.36
CE MSE A 670 54.78 17.69 -27.96
H MSE A 670 56.78 15.08 -32.94
HA MSE A 670 58.10 15.68 -30.67
HB2 MSE A 670 55.87 14.05 -31.13
HB3 MSE A 670 56.64 13.99 -29.75
HG2 MSE A 670 55.56 16.40 -30.68
HG3 MSE A 670 54.68 15.39 -29.82
HE1 MSE A 670 54.96 18.18 -27.15
HE2 MSE A 670 54.66 18.31 -28.70
HE3 MSE A 670 53.96 17.16 -27.86
N ASP A 671 58.68 13.07 -32.34
CA ASP A 671 59.39 11.79 -32.50
C ASP A 671 58.61 10.64 -31.85
N ASP A 672 57.58 10.98 -31.07
CA ASP A 672 56.65 9.98 -30.57
C ASP A 672 55.62 9.70 -31.67
N GLU A 673 55.65 8.48 -32.21
CA GLU A 673 54.81 8.14 -33.34
C GLU A 673 53.32 8.31 -33.03
N LYS A 674 52.92 7.90 -31.84
CA LYS A 674 51.50 7.95 -31.46
C LYS A 674 51.02 9.39 -31.30
N VAL A 675 51.92 10.28 -30.89
CA VAL A 675 51.58 11.69 -30.74
C VAL A 675 51.50 12.37 -32.10
N ALA A 676 52.45 12.07 -32.97
CA ALA A 676 52.48 12.62 -34.33
C ALA A 676 51.31 12.09 -35.14
N GLU A 677 51.04 10.80 -35.01
CA GLU A 677 49.92 10.16 -35.71
C GLU A 677 48.60 10.86 -35.36
N ALA A 678 48.48 11.31 -34.12
CA ALA A 678 47.26 11.96 -33.65
C ALA A 678 47.16 13.38 -34.20
N ALA A 679 48.27 14.12 -34.19
CA ALA A 679 48.28 15.49 -34.66
C ALA A 679 47.92 15.55 -36.15
N LEU A 680 48.42 14.59 -36.92
CA LEU A 680 48.14 14.54 -38.35
C LEU A 680 46.65 14.31 -38.59
N GLN A 681 46.07 13.42 -37.79
CA GLN A 681 44.66 13.07 -37.96
C GLN A 681 43.75 14.24 -37.59
N ILE A 682 44.19 15.03 -36.61
CA ILE A 682 43.44 16.19 -36.18
C ILE A 682 43.51 17.32 -37.20
N PHE A 683 44.70 17.53 -37.79
CA PHE A 683 44.85 18.52 -38.85
C PHE A 683 43.97 18.19 -40.05
N LYS A 684 43.94 16.91 -40.40
CA LYS A 684 43.12 16.41 -41.50
C LYS A 684 41.65 16.75 -41.30
N ASN A 685 41.20 16.75 -40.05
CA ASN A 685 39.79 16.92 -39.73
C ASN A 685 39.38 18.34 -39.36
N THR A 686 40.36 19.24 -39.21
CA THR A 686 40.07 20.61 -38.75
C THR A 686 40.86 21.69 -39.47
N GLY A 687 41.76 21.29 -40.36
CA GLY A 687 42.64 22.24 -41.02
C GLY A 687 42.08 22.85 -42.28
N SER A 688 40.77 22.71 -42.47
CA SER A 688 40.12 23.12 -43.72
C SER A 688 40.28 24.60 -44.06
N LYS A 689 40.60 25.43 -43.06
CA LYS A 689 40.73 26.87 -43.28
C LYS A 689 42.06 27.43 -42.76
N ILE A 690 43.03 26.54 -42.51
CA ILE A 690 44.34 26.96 -42.02
C ILE A 690 45.03 27.88 -43.02
N GLU A 691 44.96 27.52 -44.29
CA GLU A 691 45.63 28.26 -45.35
C GLU A 691 45.13 29.69 -45.45
N GLU A 692 43.86 29.89 -45.15
CA GLU A 692 43.22 31.20 -45.26
C GLU A 692 43.51 32.09 -44.06
N ASP A 693 43.32 31.55 -42.86
CA ASP A 693 43.38 32.35 -41.63
C ASP A 693 44.72 32.29 -40.91
N PHE A 694 45.52 31.26 -41.19
CA PHE A 694 46.79 31.06 -40.49
C PHE A 694 47.91 30.63 -41.44
N PRO A 695 48.36 31.55 -42.30
CA PRO A 695 49.35 31.23 -43.32
C PRO A 695 50.70 30.79 -42.75
N HIS A 696 51.07 31.28 -41.57
CA HIS A 696 52.35 30.92 -40.97
C HIS A 696 52.33 29.46 -40.50
N ILE A 697 51.15 28.99 -40.10
CA ILE A 697 50.98 27.58 -39.74
C ILE A 697 51.11 26.72 -40.99
N ARG A 698 50.41 27.12 -42.05
CA ARG A 698 50.44 26.43 -43.33
C ARG A 698 51.86 26.16 -43.81
N SER A 699 52.66 27.22 -43.88
CA SER A 699 54.02 27.13 -44.41
C SER A 699 54.92 26.32 -43.50
N ALA A 700 54.67 26.40 -42.19
CA ALA A 700 55.43 25.62 -41.22
C ALA A 700 55.09 24.14 -41.32
N LEU A 701 53.88 23.86 -41.82
CA LEU A 701 53.35 22.51 -41.86
C LEU A 701 53.79 21.75 -43.12
N LEU A 702 53.96 22.48 -44.21
CA LEU A 702 54.28 21.88 -45.52
C LEU A 702 55.47 20.93 -45.49
N PRO A 703 56.64 21.41 -45.03
CA PRO A 703 57.85 20.56 -45.06
C PRO A 703 57.68 19.26 -44.28
N VAL A 704 56.93 19.30 -43.18
CA VAL A 704 56.76 18.13 -42.34
C VAL A 704 55.92 17.09 -43.07
N LEU A 705 54.87 17.55 -43.74
CA LEU A 705 53.98 16.66 -44.46
C LEU A 705 54.70 15.95 -45.60
N HIS A 706 55.60 16.67 -46.28
CA HIS A 706 56.38 16.08 -47.36
C HIS A 706 57.34 15.03 -46.82
N HIS A 707 57.95 15.32 -45.68
CA HIS A 707 58.87 14.38 -45.05
C HIS A 707 58.14 13.09 -44.68
N LYS A 708 57.08 13.22 -43.89
CA LYS A 708 56.30 12.07 -43.45
C LYS A 708 55.72 11.30 -44.63
N SER A 709 55.38 12.03 -45.68
CA SER A 709 54.81 11.43 -46.88
C SER A 709 55.84 10.64 -47.69
N LYS A 710 57.11 10.95 -47.48
CA LYS A 710 58.19 10.32 -48.25
C LYS A 710 58.96 9.26 -47.43
N LYS A 711 59.17 9.55 -46.15
CA LYS A 711 60.01 8.70 -45.30
C LYS A 711 59.19 7.92 -44.26
N GLY A 712 57.88 8.12 -44.26
CA GLY A 712 57.01 7.39 -43.35
C GLY A 712 57.05 7.92 -41.93
N PRO A 713 56.57 7.12 -40.96
CA PRO A 713 56.02 5.77 -41.14
C PRO A 713 54.75 5.75 -42.00
N PRO A 714 54.33 4.56 -42.44
CA PRO A 714 53.15 4.40 -43.31
C PRO A 714 51.91 5.12 -42.80
N ARG A 715 51.53 4.88 -41.55
CA ARG A 715 50.34 5.49 -40.97
C ARG A 715 50.39 7.00 -41.09
N GLN A 716 51.53 7.58 -40.77
CA GLN A 716 51.70 9.04 -40.83
C GLN A 716 51.77 9.53 -42.27
N ALA A 717 52.31 8.69 -43.16
CA ALA A 717 52.40 9.03 -44.57
C ALA A 717 51.00 9.17 -45.16
N LYS A 718 50.12 8.24 -44.79
CA LYS A 718 48.73 8.28 -45.22
C LYS A 718 48.05 9.56 -44.78
N TYR A 719 48.09 9.83 -43.48
CA TYR A 719 47.46 11.02 -42.93
C TYR A 719 48.06 12.28 -43.53
N ALA A 720 49.36 12.27 -43.80
CA ALA A 720 50.04 13.41 -44.40
C ALA A 720 49.46 13.72 -45.77
N ILE A 721 49.24 12.68 -46.57
CA ILE A 721 48.67 12.86 -47.91
C ILE A 721 47.27 13.44 -47.86
N HIS A 722 46.46 13.01 -46.90
CA HIS A 722 45.11 13.53 -46.74
C HIS A 722 45.13 14.94 -46.16
N CYS A 723 46.16 15.25 -45.36
CA CYS A 723 46.35 16.60 -44.85
C CYS A 723 46.63 17.58 -45.99
N ILE A 724 47.49 17.18 -46.92
CA ILE A 724 47.81 18.01 -48.08
C ILE A 724 46.56 18.25 -48.91
N HIS A 725 45.76 17.21 -49.08
CA HIS A 725 44.52 17.29 -49.85
C HIS A 725 43.49 18.19 -49.17
N ALA A 726 43.52 18.23 -47.84
CA ALA A 726 42.50 18.93 -47.07
C ALA A 726 42.79 20.42 -46.91
N ILE A 727 44.06 20.76 -46.79
CA ILE A 727 44.46 22.12 -46.40
C ILE A 727 44.92 22.98 -47.59
N PHE A 728 45.70 22.40 -48.48
CA PHE A 728 46.40 23.17 -49.50
C PHE A 728 45.68 23.20 -50.85
N SER A 729 45.35 24.41 -51.30
CA SER A 729 44.76 24.60 -52.61
C SER A 729 45.75 24.23 -53.71
N SER A 730 47.03 24.22 -53.36
CA SER A 730 48.10 23.89 -54.30
C SER A 730 48.41 22.39 -54.28
N LYS A 731 47.47 21.60 -53.75
CA LYS A 731 47.70 20.18 -53.53
C LYS A 731 48.22 19.45 -54.77
N GLU A 732 47.84 19.92 -55.95
CA GLU A 732 48.26 19.28 -57.21
C GLU A 732 49.78 19.25 -57.33
N THR A 733 50.41 20.42 -57.24
CA THR A 733 51.85 20.51 -57.36
C THR A 733 52.55 19.83 -56.20
N GLN A 734 51.91 19.85 -55.04
CA GLN A 734 52.45 19.17 -53.86
C GLN A 734 52.58 17.68 -54.11
N PHE A 735 51.54 17.10 -54.71
CA PHE A 735 51.53 15.67 -55.01
C PHE A 735 52.58 15.32 -56.05
N ALA A 736 52.83 16.24 -56.98
CA ALA A 736 53.82 16.01 -58.03
C ALA A 736 55.22 15.85 -57.43
N GLN A 737 55.58 16.73 -56.50
CA GLN A 737 56.89 16.67 -55.85
C GLN A 737 57.06 15.38 -55.07
N ILE A 738 55.95 14.76 -54.68
CA ILE A 738 55.99 13.55 -53.88
C ILE A 738 55.93 12.31 -54.76
N PHE A 739 55.03 12.33 -55.74
CA PHE A 739 54.77 11.17 -56.57
C PHE A 739 55.96 10.79 -57.44
N GLU A 740 56.51 11.76 -58.15
CA GLU A 740 57.55 11.49 -59.15
C GLU A 740 58.80 10.85 -58.54
N PRO A 741 59.31 11.41 -57.41
CA PRO A 741 60.42 10.69 -56.76
C PRO A 741 60.05 9.29 -56.29
N LEU A 742 58.87 9.14 -55.69
CA LEU A 742 58.42 7.84 -55.20
C LEU A 742 58.13 6.89 -56.36
N HIS A 743 57.82 7.45 -57.53
CA HIS A 743 57.58 6.64 -58.72
C HIS A 743 58.86 6.00 -59.22
N LYS A 744 59.99 6.68 -59.01
CA LYS A 744 61.29 6.17 -59.43
C LYS A 744 61.81 5.10 -58.49
N SER A 745 61.66 5.32 -57.19
CA SER A 745 62.22 4.42 -56.18
C SER A 745 61.68 3.01 -56.28
N LEU A 746 60.55 2.84 -56.97
CA LEU A 746 59.93 1.52 -57.09
C LEU A 746 60.81 0.57 -57.88
N ASP A 747 61.65 -0.16 -57.15
CA ASP A 747 62.56 -1.14 -57.73
C ASP A 747 62.40 -2.47 -56.98
N PRO A 748 62.05 -3.55 -57.70
CA PRO A 748 61.85 -4.84 -57.04
C PRO A 748 63.05 -5.32 -56.22
N SER A 749 64.22 -4.75 -56.45
CA SER A 749 65.42 -5.12 -55.70
C SER A 749 65.25 -4.81 -54.21
N ASN A 750 64.57 -3.70 -53.92
CA ASN A 750 64.26 -3.32 -52.54
C ASN A 750 62.84 -3.73 -52.18
N LEU A 751 62.71 -4.59 -51.18
CA LEU A 751 61.39 -5.04 -50.71
C LEU A 751 60.99 -4.30 -49.44
N GLU A 752 61.94 -4.13 -48.53
CA GLU A 752 61.65 -3.53 -47.24
C GLU A 752 61.30 -2.04 -47.37
N HIS A 753 61.82 -1.41 -48.42
CA HIS A 753 61.66 0.03 -48.60
C HIS A 753 60.47 0.39 -49.49
N LEU A 754 59.65 -0.60 -49.84
CA LEU A 754 58.52 -0.38 -50.75
C LEU A 754 57.20 -0.19 -50.01
N ILE A 755 57.19 -0.39 -48.70
CA ILE A 755 55.96 -0.27 -47.93
C ILE A 755 55.40 1.14 -47.97
N THR A 756 56.15 2.11 -47.45
CA THR A 756 55.68 3.49 -47.36
C THR A 756 55.40 4.11 -48.74
N PRO A 757 56.30 3.90 -49.72
CA PRO A 757 56.01 4.44 -51.05
C PRO A 757 54.70 3.92 -51.65
N LEU A 758 54.40 2.64 -51.45
CA LEU A 758 53.16 2.07 -51.96
C LEU A 758 51.94 2.65 -51.25
N VAL A 759 52.07 2.90 -49.95
CA VAL A 759 50.99 3.52 -49.20
C VAL A 759 50.70 4.91 -49.73
N THR A 760 51.76 5.73 -49.83
CA THR A 760 51.64 7.11 -50.29
C THR A 760 51.04 7.18 -51.69
N ILE A 761 51.55 6.35 -52.59
CA ILE A 761 51.07 6.33 -53.97
C ILE A 761 49.59 5.92 -54.02
N GLY A 762 49.22 4.96 -53.16
CA GLY A 762 47.86 4.48 -53.13
C GLY A 762 46.86 5.57 -52.78
N HIS A 763 47.20 6.38 -51.78
CA HIS A 763 46.30 7.43 -51.33
C HIS A 763 46.29 8.59 -52.31
N ILE A 764 47.41 8.79 -53.02
CA ILE A 764 47.47 9.79 -54.08
C ILE A 764 46.57 9.35 -55.24
N ALA A 765 46.60 8.06 -55.55
CA ALA A 765 45.77 7.51 -56.61
C ALA A 765 44.28 7.63 -56.26
N LEU A 766 44.00 7.67 -54.97
CA LEU A 766 42.63 7.76 -54.47
C LEU A 766 42.12 9.19 -54.55
N LEU A 767 42.96 10.14 -54.14
CA LEU A 767 42.59 11.54 -54.04
C LEU A 767 42.87 12.32 -55.33
N ALA A 768 43.80 11.83 -56.13
CA ALA A 768 44.17 12.48 -57.39
C ALA A 768 44.18 11.46 -58.53
N PRO A 769 42.98 10.99 -58.92
CA PRO A 769 42.87 9.93 -59.93
C PRO A 769 43.26 10.40 -61.33
N ASP A 770 42.79 11.59 -61.71
CA ASP A 770 42.96 12.10 -63.06
C ASP A 770 44.36 12.65 -63.31
N GLN A 771 44.91 13.32 -62.30
CA GLN A 771 46.22 13.96 -62.43
C GLN A 771 47.33 12.94 -62.70
N PHE A 772 47.16 11.71 -62.21
CA PHE A 772 48.17 10.67 -62.35
C PHE A 772 47.61 9.41 -63.02
N ALA A 773 46.61 9.61 -63.88
CA ALA A 773 45.92 8.49 -64.53
C ALA A 773 46.86 7.57 -65.30
N ALA A 774 47.79 8.15 -66.05
CA ALA A 774 48.64 7.36 -66.93
C ALA A 774 49.80 6.68 -66.20
N PRO A 775 50.53 7.41 -65.33
CA PRO A 775 51.61 6.74 -64.59
C PRO A 775 51.12 5.59 -63.72
N LEU A 776 49.94 5.74 -63.11
CA LEU A 776 49.37 4.70 -62.27
C LEU A 776 48.99 3.47 -63.09
N LYS A 777 48.32 3.70 -64.21
CA LYS A 777 47.89 2.63 -65.10
C LYS A 777 49.07 1.77 -65.53
N SER A 778 50.20 2.42 -65.84
CA SER A 778 51.42 1.72 -66.22
C SER A 778 52.07 1.08 -64.99
N LEU A 779 52.06 1.82 -63.89
CA LEU A 779 52.65 1.36 -62.64
C LEU A 779 52.03 0.05 -62.17
N VAL A 780 50.71 -0.01 -62.19
CA VAL A 780 49.99 -1.22 -61.78
C VAL A 780 50.27 -2.36 -62.75
N ALA A 781 50.13 -2.09 -64.04
CA ALA A 781 50.25 -3.11 -65.07
C ALA A 781 51.60 -3.80 -65.09
N THR A 782 52.67 -3.02 -64.92
CA THR A 782 54.04 -3.54 -65.07
C THR A 782 54.69 -3.90 -63.73
N PHE A 783 54.66 -2.98 -62.77
CA PHE A 783 55.36 -3.18 -61.51
C PHE A 783 54.57 -4.03 -60.51
N ILE A 784 53.33 -3.65 -60.25
CA ILE A 784 52.51 -4.38 -59.28
C ILE A 784 52.22 -5.78 -59.77
N VAL A 785 51.47 -5.88 -60.86
CA VAL A 785 51.07 -7.17 -61.39
C VAL A 785 52.28 -8.02 -61.80
N LYS A 786 52.96 -7.63 -62.87
CA LYS A 786 53.96 -8.49 -63.49
C LYS A 786 55.26 -8.65 -62.68
N ASP A 787 55.77 -7.57 -62.09
CA ASP A 787 57.08 -7.62 -61.45
C ASP A 787 57.03 -8.06 -59.98
N LEU A 788 55.90 -7.79 -59.32
CA LEU A 788 55.83 -7.91 -57.85
C LEU A 788 54.97 -9.08 -57.38
N LEU A 789 53.79 -9.25 -57.98
CA LEU A 789 52.87 -10.30 -57.55
C LEU A 789 53.21 -11.67 -58.16
N MSE A 790 54.07 -11.68 -59.17
CA MSE A 790 54.36 -12.88 -59.94
C MSE A 790 55.69 -13.54 -59.56
O MSE A 790 56.08 -14.55 -60.16
CB MSE A 790 54.38 -12.57 -61.44
CG MSE A 790 53.10 -11.95 -61.96
SE MSE A 790 51.68 -13.23 -62.32
CE MSE A 790 50.55 -12.10 -63.42
H MSE A 790 54.51 -10.98 -59.44
HA MSE A 790 53.66 -13.53 -59.78
HB2 MSE A 790 55.09 -11.95 -61.62
HB3 MSE A 790 54.53 -13.40 -61.92
HG2 MSE A 790 52.76 -11.33 -61.30
HG3 MSE A 790 53.30 -11.49 -62.78
HE1 MSE A 790 49.76 -12.60 -63.70
HE2 MSE A 790 50.28 -11.31 -62.90
HE3 MSE A 790 51.05 -11.81 -64.20
N ASN A 791 56.40 -12.98 -58.59
CA ASN A 791 57.71 -13.50 -58.19
C ASN A 791 57.81 -13.74 -56.69
N ASP A 792 58.79 -14.56 -56.30
CA ASP A 792 59.03 -14.89 -54.90
C ASP A 792 60.51 -14.80 -54.59
N ARG A 793 61.04 -13.58 -54.51
CA ARG A 793 62.46 -13.36 -54.28
C ARG A 793 62.93 -13.94 -52.95
N LEU A 794 62.14 -13.77 -51.90
CA LEU A 794 62.48 -14.25 -50.57
C LEU A 794 61.41 -15.21 -50.04
N PRO A 795 61.54 -16.50 -50.36
CA PRO A 795 60.59 -17.51 -49.89
C PRO A 795 60.52 -17.59 -48.37
N GLY A 796 59.32 -17.44 -47.81
CA GLY A 796 59.12 -17.61 -46.38
C GLY A 796 59.46 -19.03 -45.97
N LYS A 797 59.81 -19.22 -44.71
CA LYS A 797 60.21 -20.53 -44.23
C LYS A 797 59.05 -21.53 -44.32
N LYS A 798 59.35 -22.75 -44.75
CA LYS A 798 58.36 -23.81 -44.82
C LYS A 798 57.92 -24.22 -43.41
N THR A 799 56.61 -24.25 -43.19
CA THR A 799 56.06 -24.54 -41.87
C THR A 799 54.70 -25.23 -41.97
N THR A 800 54.24 -25.78 -40.84
CA THR A 800 52.97 -26.48 -40.77
C THR A 800 51.84 -25.51 -40.43
N LYS A 801 52.17 -24.46 -39.70
CA LYS A 801 51.18 -23.47 -39.27
C LYS A 801 50.53 -22.76 -40.47
N LEU A 802 49.27 -22.37 -40.29
CA LEU A 802 48.52 -21.67 -41.34
C LEU A 802 48.50 -20.16 -41.10
N TRP A 803 49.07 -19.72 -39.99
CA TRP A 803 49.07 -18.31 -39.64
C TRP A 803 50.24 -17.95 -38.74
N VAL A 804 50.77 -16.75 -38.91
CA VAL A 804 51.87 -16.26 -38.09
C VAL A 804 51.65 -14.79 -37.72
N PRO A 805 52.20 -14.35 -36.58
CA PRO A 805 52.09 -12.94 -36.20
C PRO A 805 52.65 -12.00 -37.26
N ASP A 806 52.27 -10.73 -37.22
CA ASP A 806 52.71 -9.75 -38.21
C ASP A 806 54.23 -9.65 -38.28
N GLU A 807 54.90 -9.96 -37.17
CA GLU A 807 56.35 -9.86 -37.09
C GLU A 807 57.04 -10.91 -37.95
N GLU A 808 56.45 -12.09 -38.02
CA GLU A 808 57.09 -13.25 -38.65
C GLU A 808 56.68 -13.44 -40.11
N VAL A 809 55.94 -12.49 -40.67
CA VAL A 809 55.55 -12.55 -42.07
C VAL A 809 56.72 -12.09 -42.93
N SER A 810 56.93 -12.77 -44.05
CA SER A 810 57.99 -12.39 -44.98
C SER A 810 57.74 -10.98 -45.49
N PRO A 811 58.78 -10.11 -45.45
CA PRO A 811 58.61 -8.73 -45.93
C PRO A 811 58.06 -8.61 -47.35
N GLU A 812 58.26 -9.64 -48.17
CA GLU A 812 57.74 -9.63 -49.53
C GLU A 812 56.22 -9.75 -49.53
N THR A 813 55.69 -10.54 -48.60
CA THR A 813 54.25 -10.71 -48.48
C THR A 813 53.61 -9.39 -48.04
N MSE A 814 54.24 -8.73 -47.06
CA MSE A 814 53.74 -7.46 -46.56
C MSE A 814 53.67 -6.43 -47.67
O MSE A 814 52.85 -5.51 -47.63
CB MSE A 814 54.63 -6.95 -45.41
CG MSE A 814 54.68 -7.88 -44.21
SE MSE A 814 52.93 -8.10 -43.33
CE MSE A 814 53.18 -6.85 -41.85
H MSE A 814 54.95 -9.01 -46.68
HA MSE A 814 52.85 -7.60 -46.20
HB2 MSE A 814 55.53 -6.86 -45.75
HB3 MSE A 814 54.29 -6.10 -45.12
HG2 MSE A 814 54.97 -8.76 -44.49
HG3 MSE A 814 55.30 -7.52 -43.56
HE1 MSE A 814 52.38 -6.83 -41.31
HE2 MSE A 814 53.94 -7.13 -41.32
HE3 MSE A 814 53.34 -5.96 -42.22
N VAL A 815 54.55 -6.56 -48.66
CA VAL A 815 54.56 -5.66 -49.79
C VAL A 815 53.45 -6.00 -50.78
N LYS A 816 53.23 -7.30 -50.98
CA LYS A 816 52.16 -7.76 -51.86
C LYS A 816 50.81 -7.31 -51.33
N ILE A 817 50.60 -7.51 -50.04
CA ILE A 817 49.38 -7.08 -49.37
C ILE A 817 49.15 -5.60 -49.60
N GLN A 818 50.19 -4.80 -49.38
CA GLN A 818 50.10 -3.35 -49.52
C GLN A 818 49.94 -2.97 -50.99
N ALA A 819 50.42 -3.83 -51.88
CA ALA A 819 50.30 -3.59 -53.31
C ALA A 819 48.87 -3.86 -53.76
N ILE A 820 48.21 -4.79 -53.08
CA ILE A 820 46.80 -5.09 -53.36
C ILE A 820 45.93 -3.95 -52.87
N LYS A 821 46.17 -3.49 -51.65
CA LYS A 821 45.44 -2.37 -51.09
C LYS A 821 45.63 -1.12 -51.96
N MSE A 822 46.78 -1.05 -52.62
CA MSE A 822 47.09 0.08 -53.49
C MSE A 822 46.21 0.04 -54.73
O MSE A 822 45.69 1.07 -55.18
CB MSE A 822 48.56 0.06 -53.88
CG MSE A 822 49.05 1.35 -54.51
SE MSE A 822 48.68 1.50 -56.42
CE MSE A 822 50.05 0.32 -57.09
H MSE A 822 47.41 -1.63 -52.57
HA MSE A 822 46.91 0.90 -53.01
HB2 MSE A 822 49.10 -0.10 -53.08
HB3 MSE A 822 48.71 -0.65 -54.52
HG2 MSE A 822 48.63 2.10 -54.07
HG3 MSE A 822 50.02 1.41 -54.40
HE1 MSE A 822 50.01 0.28 -58.06
HE2 MSE A 822 50.92 0.66 -56.82
HE3 MSE A 822 49.92 -0.57 -56.72
N MSE A 823 46.02 -1.15 -55.29
CA MSE A 823 45.18 -1.32 -56.47
C MSE A 823 43.73 -0.96 -56.19
O MSE A 823 43.05 -0.38 -57.04
CB MSE A 823 45.26 -2.75 -56.98
CG MSE A 823 46.52 -3.09 -57.75
SE MSE A 823 46.37 -4.83 -58.62
CE MSE A 823 46.38 -5.96 -57.03
H MSE A 823 46.36 -1.88 -55.00
HA MSE A 823 45.51 -0.74 -57.18
HB2 MSE A 823 45.21 -3.36 -56.22
HB3 MSE A 823 44.50 -2.92 -57.57
HG2 MSE A 823 46.65 -2.42 -58.45
HG3 MSE A 823 47.26 -3.10 -57.15
HE1 MSE A 823 46.32 -6.89 -57.30
HE2 MSE A 823 47.22 -5.82 -56.55
HE3 MSE A 823 45.63 -5.73 -56.47
N VAL A 824 43.25 -1.32 -55.01
CA VAL A 824 41.87 -1.03 -54.64
C VAL A 824 41.66 0.48 -54.57
N ARG A 825 42.60 1.18 -53.93
CA ARG A 825 42.52 2.62 -53.81
C ARG A 825 42.63 3.27 -55.18
N TRP A 826 43.40 2.65 -56.06
CA TRP A 826 43.54 3.11 -57.44
C TRP A 826 42.20 3.05 -58.17
N LEU A 827 41.40 2.03 -57.84
CA LEU A 827 40.08 1.84 -58.46
C LEU A 827 39.03 2.73 -57.80
N LEU A 828 39.09 2.87 -56.48
CA LEU A 828 38.14 3.71 -55.77
C LEU A 828 38.33 5.18 -56.11
N GLY A 829 39.51 5.51 -56.64
CA GLY A 829 39.79 6.86 -57.10
C GLY A 829 39.11 7.16 -58.42
N MSE A 830 39.17 6.19 -59.34
CA MSE A 830 38.55 6.34 -60.65
C MSE A 830 37.03 6.35 -60.55
O MSE A 830 36.37 7.20 -61.14
CB MSE A 830 38.99 5.21 -61.57
CG MSE A 830 40.47 5.22 -61.93
SE MSE A 830 41.01 3.57 -62.80
CE MSE A 830 39.62 3.47 -64.16
H MSE A 830 39.57 5.45 -59.23
HA MSE A 830 38.84 7.17 -61.05
HB2 MSE A 830 38.80 4.36 -61.14
HB3 MSE A 830 38.49 5.27 -62.40
HG2 MSE A 830 40.64 5.96 -62.53
HG3 MSE A 830 40.99 5.32 -61.12
HE1 MSE A 830 39.75 2.68 -64.70
HE2 MSE A 830 38.75 3.44 -63.72
HE3 MSE A 830 39.67 4.27 -64.72
N LYS A 831 36.49 5.37 -59.82
CA LYS A 831 35.05 5.18 -59.71
C LYS A 831 34.39 5.02 -61.07
N ASN A 832 35.10 4.38 -62.00
CA ASN A 832 34.54 4.05 -63.31
C ASN A 832 35.24 2.85 -63.92
N ASN A 833 34.50 2.07 -64.70
CA ASN A 833 35.03 0.88 -65.35
C ASN A 833 35.02 1.03 -66.87
N HIS A 834 35.17 2.27 -67.33
CA HIS A 834 35.10 2.58 -68.75
C HIS A 834 36.13 1.81 -69.56
N SER A 835 37.40 1.91 -69.18
CA SER A 835 38.47 1.27 -69.93
C SER A 835 38.70 -0.18 -69.48
N LYS A 836 37.65 -0.79 -68.94
CA LYS A 836 37.70 -2.20 -68.53
C LYS A 836 38.84 -2.45 -67.56
N SER A 837 39.19 -1.42 -66.78
CA SER A 837 40.30 -1.50 -65.85
C SER A 837 39.89 -2.19 -64.56
N GLY A 838 38.61 -2.12 -64.23
CA GLY A 838 38.08 -2.76 -63.05
C GLY A 838 37.93 -4.25 -63.22
N THR A 839 37.59 -4.67 -64.44
CA THR A 839 37.43 -6.09 -64.75
C THR A 839 38.76 -6.83 -64.57
N SER A 840 39.84 -6.20 -65.00
CA SER A 840 41.18 -6.77 -64.92
C SER A 840 41.58 -7.07 -63.47
N THR A 841 41.41 -6.08 -62.60
CA THR A 841 41.80 -6.22 -61.21
C THR A 841 40.94 -7.26 -60.49
N LEU A 842 39.65 -7.27 -60.80
CA LEU A 842 38.74 -8.26 -60.21
C LEU A 842 39.08 -9.66 -60.71
N ARG A 843 39.56 -9.76 -61.94
CA ARG A 843 39.97 -11.04 -62.49
C ARG A 843 41.23 -11.53 -61.79
N LEU A 844 42.10 -10.59 -61.42
CA LEU A 844 43.35 -10.92 -60.76
C LEU A 844 43.13 -11.40 -59.33
N LEU A 845 42.37 -10.62 -58.56
CA LEU A 845 42.09 -10.96 -57.16
C LEU A 845 41.42 -12.32 -57.05
N THR A 846 40.66 -12.69 -58.06
CA THR A 846 39.94 -13.96 -58.06
C THR A 846 40.89 -15.13 -58.24
N THR A 847 41.87 -14.97 -59.13
CA THR A 847 42.85 -16.02 -59.39
C THR A 847 43.72 -16.27 -58.15
N ILE A 848 43.95 -15.22 -57.36
CA ILE A 848 44.69 -15.37 -56.12
C ILE A 848 43.94 -16.29 -55.15
N LEU A 849 42.62 -16.13 -55.10
CA LEU A 849 41.79 -16.96 -54.23
C LEU A 849 41.66 -18.38 -54.78
N HIS A 850 41.57 -18.50 -56.10
CA HIS A 850 41.39 -19.79 -56.74
C HIS A 850 42.65 -20.64 -56.62
N SER A 851 43.80 -19.97 -56.51
CA SER A 851 45.08 -20.65 -56.36
C SER A 851 45.51 -20.73 -54.90
N ASP A 852 44.55 -20.54 -54.00
CA ASP A 852 44.79 -20.67 -52.56
C ASP A 852 45.83 -19.70 -52.02
N GLY A 853 46.10 -18.64 -52.78
CA GLY A 853 47.04 -17.60 -52.37
C GLY A 853 48.36 -17.65 -53.12
N ASP A 854 48.65 -18.80 -53.72
CA ASP A 854 49.87 -18.96 -54.50
C ASP A 854 49.60 -18.63 -55.97
N LEU A 855 49.73 -17.34 -56.31
CA LEU A 855 49.41 -16.87 -57.65
C LEU A 855 50.29 -17.53 -58.71
N THR A 856 51.54 -17.82 -58.36
CA THR A 856 52.48 -18.44 -59.28
C THR A 856 52.36 -19.97 -59.27
N GLU A 857 51.85 -20.51 -58.17
CA GLU A 857 51.65 -21.95 -58.02
C GLU A 857 52.95 -22.73 -58.11
N GLN A 858 54.05 -22.10 -57.70
CA GLN A 858 55.36 -22.75 -57.71
C GLN A 858 55.65 -23.44 -56.37
N GLY A 859 54.91 -23.04 -55.34
CA GLY A 859 55.06 -23.65 -54.02
C GLY A 859 56.19 -23.04 -53.22
N LYS A 860 56.78 -21.97 -53.73
CA LYS A 860 57.85 -21.29 -53.03
C LYS A 860 57.32 -20.40 -51.91
N ILE A 861 56.04 -20.05 -51.99
CA ILE A 861 55.41 -19.19 -51.00
C ILE A 861 54.99 -19.97 -49.77
N SER A 862 55.17 -19.36 -48.60
CA SER A 862 54.87 -20.01 -47.33
C SER A 862 53.36 -20.18 -47.14
N LYS A 863 52.96 -21.09 -46.26
CA LYS A 863 51.54 -21.34 -46.03
C LYS A 863 50.87 -20.19 -45.27
N PRO A 864 51.50 -19.70 -44.19
CA PRO A 864 50.95 -18.52 -43.52
C PRO A 864 50.86 -17.30 -44.44
N ASP A 865 51.79 -17.20 -45.38
CA ASP A 865 51.78 -16.09 -46.34
C ASP A 865 50.64 -16.25 -47.33
N MSE A 866 50.35 -17.48 -47.70
CA MSE A 866 49.23 -17.77 -48.59
C MSE A 866 47.91 -17.39 -47.92
O MSE A 866 47.00 -16.87 -48.58
CB MSE A 866 49.21 -19.26 -48.96
CG MSE A 866 50.23 -19.64 -50.03
SE MSE A 866 50.43 -21.57 -50.22
CE MSE A 866 48.62 -22.03 -50.81
H MSE A 866 50.79 -18.18 -47.46
HA MSE A 866 49.33 -17.27 -49.40
HB2 MSE A 866 49.39 -19.79 -48.18
HB3 MSE A 866 48.33 -19.48 -49.31
HG2 MSE A 866 49.95 -19.28 -50.88
HG3 MSE A 866 51.09 -19.27 -49.77
HE1 MSE A 866 48.57 -22.99 -50.96
HE2 MSE A 866 47.99 -21.76 -50.13
HE3 MSE A 866 48.43 -21.56 -51.64
N SER A 867 47.81 -17.64 -46.62
CA SER A 867 46.62 -17.27 -45.86
C SER A 867 46.41 -15.76 -45.91
N ARG A 868 47.47 -15.00 -45.68
CA ARG A 868 47.38 -13.55 -45.64
C ARG A 868 47.11 -12.96 -47.03
N LEU A 869 47.36 -13.74 -48.07
CA LEU A 869 47.10 -13.30 -49.44
C LEU A 869 45.66 -13.63 -49.84
N ARG A 870 45.14 -14.75 -49.36
CA ARG A 870 43.74 -15.08 -49.58
C ARG A 870 42.87 -14.03 -48.90
N LEU A 871 43.23 -13.71 -47.66
CA LEU A 871 42.51 -12.71 -46.88
C LEU A 871 42.55 -11.35 -47.55
N ALA A 872 43.70 -11.02 -48.14
CA ALA A 872 43.89 -9.72 -48.78
C ALA A 872 43.04 -9.60 -50.04
N ALA A 873 42.98 -10.67 -50.83
CA ALA A 873 42.21 -10.68 -52.06
C ALA A 873 40.71 -10.73 -51.76
N GLY A 874 40.34 -11.49 -50.74
CA GLY A 874 38.95 -11.58 -50.32
C GLY A 874 38.46 -10.26 -49.78
N SER A 875 39.29 -9.62 -48.97
CA SER A 875 38.96 -8.31 -48.40
C SER A 875 38.85 -7.26 -49.51
N ALA A 876 39.69 -7.41 -50.53
CA ALA A 876 39.73 -6.44 -51.63
C ALA A 876 38.41 -6.42 -52.40
N ILE A 877 37.90 -7.60 -52.75
CA ILE A 877 36.65 -7.70 -53.50
C ILE A 877 35.49 -7.12 -52.71
N VAL A 878 35.48 -7.38 -51.40
CA VAL A 878 34.42 -6.88 -50.53
C VAL A 878 34.43 -5.35 -50.47
N LYS A 879 35.62 -4.77 -50.52
CA LYS A 879 35.74 -3.32 -50.46
C LYS A 879 35.29 -2.69 -51.79
N LEU A 880 35.64 -3.32 -52.90
CA LEU A 880 35.22 -2.85 -54.21
C LEU A 880 33.71 -3.00 -54.40
N ALA A 881 33.15 -4.04 -53.79
CA ALA A 881 31.72 -4.30 -53.90
C ALA A 881 30.90 -3.19 -53.24
N GLN A 882 31.54 -2.48 -52.32
CA GLN A 882 30.88 -1.36 -51.64
C GLN A 882 30.85 -0.11 -52.52
N GLU A 883 31.51 -0.19 -53.67
CA GLU A 883 31.48 0.87 -54.67
C GLU A 883 30.56 0.44 -55.82
N PRO A 884 29.40 1.11 -55.98
CA PRO A 884 28.39 0.67 -56.95
C PRO A 884 28.90 0.34 -58.36
N CYS A 885 29.85 1.14 -58.86
CA CYS A 885 30.32 0.97 -60.23
C CYS A 885 31.09 -0.33 -60.43
N TYR A 886 31.72 -0.82 -59.37
CA TYR A 886 32.48 -2.07 -59.44
C TYR A 886 31.63 -3.26 -59.01
N HIS A 887 30.56 -3.00 -58.27
CA HIS A 887 29.63 -4.04 -57.89
C HIS A 887 28.96 -4.63 -59.13
N GLU A 888 28.75 -3.78 -60.14
CA GLU A 888 28.16 -4.21 -61.40
C GLU A 888 29.06 -5.20 -62.13
N ILE A 889 30.37 -5.02 -61.98
CA ILE A 889 31.35 -5.83 -62.68
C ILE A 889 31.52 -7.21 -62.04
N ILE A 890 31.38 -7.27 -60.73
CA ILE A 890 31.57 -8.53 -60.00
C ILE A 890 30.58 -9.58 -60.47
N THR A 891 31.09 -10.61 -61.13
CA THR A 891 30.27 -11.71 -61.62
C THR A 891 29.86 -12.62 -60.47
N LEU A 892 28.81 -13.39 -60.68
CA LEU A 892 28.34 -14.35 -59.67
C LEU A 892 29.44 -15.31 -59.26
N GLU A 893 30.18 -15.81 -60.25
CA GLU A 893 31.23 -16.80 -59.99
C GLU A 893 32.34 -16.20 -59.13
N GLN A 894 32.68 -14.94 -59.36
CA GLN A 894 33.67 -14.25 -58.56
C GLN A 894 33.17 -14.04 -57.13
N TYR A 895 31.92 -13.64 -57.01
CA TYR A 895 31.30 -13.41 -55.71
C TYR A 895 31.15 -14.71 -54.92
N GLN A 896 30.83 -15.79 -55.63
CA GLN A 896 30.63 -17.08 -54.99
C GLN A 896 31.94 -17.68 -54.48
N LEU A 897 33.02 -17.43 -55.22
CA LEU A 897 34.34 -17.90 -54.82
C LEU A 897 34.84 -17.06 -53.65
N CYS A 898 34.55 -15.77 -53.69
CA CYS A 898 34.91 -14.86 -52.60
C CYS A 898 34.19 -15.24 -51.32
N ALA A 899 32.94 -15.68 -51.46
CA ALA A 899 32.11 -16.02 -50.31
C ALA A 899 32.68 -17.18 -49.52
N LEU A 900 33.36 -18.10 -50.21
CA LEU A 900 33.91 -19.30 -49.58
C LEU A 900 35.07 -18.98 -48.65
N ALA A 901 35.50 -17.72 -48.63
CA ALA A 901 36.55 -17.30 -47.71
C ALA A 901 36.06 -17.36 -46.26
N ILE A 902 34.73 -17.37 -46.09
CA ILE A 902 34.13 -17.43 -44.78
C ILE A 902 34.35 -18.80 -44.12
N ASN A 903 34.72 -19.78 -44.94
CA ASN A 903 35.02 -21.14 -44.46
C ASN A 903 36.44 -21.56 -44.79
N ASP A 904 37.35 -20.59 -44.84
CA ASP A 904 38.75 -20.86 -45.14
C ASP A 904 39.33 -21.81 -44.10
N GLU A 905 40.34 -22.57 -44.50
CA GLU A 905 41.00 -23.52 -43.60
C GLU A 905 41.59 -22.81 -42.38
N CYS A 906 41.98 -21.54 -42.58
CA CYS A 906 42.60 -20.75 -41.53
C CYS A 906 41.58 -19.96 -40.72
N TYR A 907 41.62 -20.12 -39.40
CA TYR A 907 40.67 -19.44 -38.51
C TYR A 907 40.78 -17.93 -38.62
N GLN A 908 42.02 -17.43 -38.64
CA GLN A 908 42.26 -15.98 -38.69
C GLN A 908 41.68 -15.38 -39.97
N VAL A 909 41.81 -16.11 -41.08
CA VAL A 909 41.31 -15.65 -42.37
C VAL A 909 39.79 -15.49 -42.33
N ARG A 910 39.09 -16.54 -41.90
CA ARG A 910 37.64 -16.50 -41.88
C ARG A 910 37.12 -15.51 -40.84
N GLN A 911 37.90 -15.30 -39.78
CA GLN A 911 37.51 -14.35 -38.74
C GLN A 911 37.55 -12.92 -39.27
N VAL A 912 38.68 -12.52 -39.82
CA VAL A 912 38.86 -11.16 -40.32
C VAL A 912 37.97 -10.88 -41.53
N PHE A 913 37.83 -11.88 -42.40
CA PHE A 913 36.96 -11.73 -43.56
C PHE A 913 35.54 -11.43 -43.12
N ALA A 914 35.09 -12.14 -42.08
CA ALA A 914 33.76 -11.93 -41.53
C ALA A 914 33.64 -10.53 -40.94
N GLN A 915 34.69 -10.07 -40.26
CA GLN A 915 34.71 -8.74 -39.67
C GLN A 915 34.53 -7.67 -40.75
N LYS A 916 35.07 -7.95 -41.94
CA LYS A 916 34.98 -7.01 -43.05
C LYS A 916 33.57 -6.99 -43.63
N LEU A 917 32.91 -8.14 -43.67
CA LEU A 917 31.52 -8.20 -44.11
C LEU A 917 30.63 -7.42 -43.16
N HIS A 918 30.76 -7.69 -41.88
CA HIS A 918 29.99 -7.00 -40.84
C HIS A 918 30.11 -5.49 -40.99
N LYS A 919 31.33 -5.02 -41.18
CA LYS A 919 31.59 -3.59 -41.29
C LYS A 919 30.92 -2.99 -42.53
N GLY A 920 31.01 -3.70 -43.65
CA GLY A 920 30.40 -3.25 -44.88
C GLY A 920 28.88 -3.25 -44.77
N LEU A 921 28.36 -4.22 -44.03
CA LEU A 921 26.90 -4.34 -43.87
C LEU A 921 26.38 -3.35 -42.84
N SER A 922 27.18 -3.03 -41.83
CA SER A 922 26.77 -2.11 -40.78
C SER A 922 26.62 -0.69 -41.33
N ARG A 923 27.46 -0.35 -42.30
CA ARG A 923 27.46 0.98 -42.88
C ARG A 923 26.46 1.09 -44.03
N LEU A 924 25.69 0.02 -44.25
CA LEU A 924 24.67 0.00 -45.30
C LEU A 924 25.26 0.36 -46.66
N ARG A 925 26.46 -0.15 -46.93
CA ARG A 925 27.14 0.08 -48.20
C ARG A 925 27.43 -1.23 -48.93
N LEU A 926 27.19 -2.35 -48.25
CA LEU A 926 27.44 -3.67 -48.82
C LEU A 926 26.11 -4.39 -49.11
N PRO A 927 25.88 -4.80 -50.38
CA PRO A 927 24.61 -5.45 -50.74
C PRO A 927 24.28 -6.70 -49.93
N LEU A 928 23.01 -7.09 -49.93
CA LEU A 928 22.52 -8.19 -49.09
C LEU A 928 23.05 -9.54 -49.50
N GLU A 929 23.48 -9.67 -50.76
CA GLU A 929 24.02 -10.93 -51.25
C GLU A 929 25.25 -11.32 -50.44
N TYR A 930 25.91 -10.32 -49.85
CA TYR A 930 27.09 -10.56 -49.03
C TYR A 930 26.70 -10.86 -47.58
N MSE A 931 25.45 -10.59 -47.22
CA MSE A 931 24.94 -10.99 -45.92
C MSE A 931 24.51 -12.45 -45.95
O MSE A 931 24.52 -13.13 -44.93
CB MSE A 931 23.76 -10.11 -45.50
CG MSE A 931 23.30 -10.37 -44.07
SE MSE A 931 21.88 -9.18 -43.48
CE MSE A 931 20.43 -9.79 -44.62
H MSE A 931 24.88 -10.18 -47.72
HA MSE A 931 25.64 -10.88 -45.26
HB2 MSE A 931 24.02 -9.17 -45.56
HB3 MSE A 931 23.01 -10.28 -46.09
HG2 MSE A 931 22.96 -11.28 -44.01
HG3 MSE A 931 24.05 -10.26 -43.48
HE1 MSE A 931 19.64 -9.28 -44.43
HE2 MSE A 931 20.69 -9.68 -45.54
HE3 MSE A 931 20.27 -10.74 -44.44
N ALA A 932 24.13 -12.92 -47.14
CA ALA A 932 23.77 -14.32 -47.32
C ALA A 932 24.96 -15.22 -47.04
N ILE A 933 26.16 -14.65 -47.15
CA ILE A 933 27.39 -15.41 -46.92
C ILE A 933 27.47 -15.90 -45.48
N CYS A 934 26.90 -15.12 -44.56
CA CYS A 934 26.92 -15.47 -43.14
C CYS A 934 26.20 -16.79 -42.88
N ALA A 935 25.35 -17.20 -43.81
CA ALA A 935 24.62 -18.46 -43.68
C ALA A 935 25.58 -19.65 -43.74
N LEU A 936 26.72 -19.46 -44.38
CA LEU A 936 27.71 -20.53 -44.52
C LEU A 936 28.50 -20.75 -43.25
N CYS A 937 28.33 -19.86 -42.27
CA CYS A 937 29.04 -19.98 -41.00
C CYS A 937 28.46 -21.08 -40.11
N ALA A 938 27.35 -21.67 -40.54
CA ALA A 938 26.77 -22.80 -39.83
C ALA A 938 27.65 -24.03 -39.98
N LYS A 939 28.56 -24.00 -40.95
CA LYS A 939 29.49 -25.10 -41.19
C LYS A 939 30.75 -24.96 -40.36
N ASP A 940 30.79 -23.95 -39.49
CA ASP A 940 32.00 -23.63 -38.75
C ASP A 940 32.08 -24.42 -37.44
N PRO A 941 33.13 -25.25 -37.27
CA PRO A 941 33.26 -26.02 -36.03
C PRO A 941 33.40 -25.14 -34.79
N VAL A 942 33.97 -23.96 -34.96
CA VAL A 942 34.29 -23.07 -33.84
C VAL A 942 33.04 -22.36 -33.33
N LYS A 943 32.77 -22.51 -32.04
CA LYS A 943 31.62 -21.88 -31.40
C LYS A 943 31.67 -20.37 -31.51
N GLU A 944 32.86 -19.80 -31.32
CA GLU A 944 33.04 -18.35 -31.35
C GLU A 944 32.66 -17.79 -32.72
N ARG A 945 32.94 -18.55 -33.78
CA ARG A 945 32.64 -18.10 -35.13
C ARG A 945 31.14 -18.09 -35.38
N ARG A 946 30.45 -19.13 -34.91
CA ARG A 946 29.00 -19.19 -35.06
C ARG A 946 28.32 -18.08 -34.27
N ALA A 947 28.88 -17.74 -33.11
CA ALA A 947 28.30 -16.72 -32.25
C ALA A 947 28.42 -15.35 -32.89
N HIS A 948 29.56 -15.08 -33.51
CA HIS A 948 29.80 -13.80 -34.16
C HIS A 948 28.95 -13.66 -35.43
N ALA A 949 28.74 -14.78 -36.11
CA ALA A 949 27.94 -14.78 -37.33
C ALA A 949 26.48 -14.46 -37.03
N ARG A 950 25.95 -15.08 -35.97
CA ARG A 950 24.59 -14.79 -35.53
C ARG A 950 24.48 -13.35 -35.05
N GLN A 951 25.49 -12.91 -34.30
CA GLN A 951 25.55 -11.53 -33.82
C GLN A 951 25.51 -10.55 -34.99
N CYS A 952 26.26 -10.87 -36.04
CA CYS A 952 26.31 -10.03 -37.23
C CYS A 952 24.94 -9.93 -37.87
N LEU A 953 24.27 -11.07 -38.02
CA LEU A 953 22.96 -11.12 -38.67
C LEU A 953 21.92 -10.33 -37.89
N VAL A 954 21.88 -10.52 -36.58
CA VAL A 954 20.90 -9.82 -35.74
C VAL A 954 21.06 -8.30 -35.86
N LYS A 955 22.29 -7.83 -35.67
CA LYS A 955 22.58 -6.40 -35.69
C LYS A 955 22.29 -5.79 -37.06
N ASN A 956 22.57 -6.53 -38.13
CA ASN A 956 22.39 -6.02 -39.48
C ASN A 956 20.95 -6.08 -39.97
N ILE A 957 20.19 -7.05 -39.46
CA ILE A 957 18.77 -7.15 -39.81
C ILE A 957 17.98 -6.07 -39.09
N ASN A 958 18.38 -5.76 -37.86
CA ASN A 958 17.67 -4.78 -37.05
C ASN A 958 17.85 -3.35 -37.53
N VAL A 959 19.09 -2.94 -37.76
CA VAL A 959 19.37 -1.56 -38.18
C VAL A 959 18.74 -1.27 -39.53
N ARG A 960 18.54 -2.30 -40.34
CA ARG A 960 17.90 -2.14 -41.64
C ARG A 960 16.39 -1.98 -41.48
N ARG A 961 15.85 -2.55 -40.41
CA ARG A 961 14.43 -2.40 -40.10
C ARG A 961 14.15 -1.06 -39.42
N GLU A 962 15.01 -0.70 -38.47
CA GLU A 962 14.87 0.59 -37.79
C GLU A 962 15.05 1.76 -38.75
N TYR A 963 15.93 1.59 -39.73
CA TYR A 963 16.17 2.64 -40.72
C TYR A 963 14.93 2.83 -41.60
N LEU A 964 14.37 1.72 -42.08
CA LEU A 964 13.19 1.77 -42.94
C LEU A 964 11.97 2.27 -42.17
N LYS A 965 11.99 2.10 -40.86
CA LYS A 965 10.89 2.54 -40.01
C LYS A 965 10.75 4.06 -40.03
N GLN A 966 11.89 4.75 -40.03
CA GLN A 966 11.91 6.21 -39.94
C GLN A 966 11.92 6.87 -41.33
N HIS A 967 12.78 6.37 -42.21
CA HIS A 967 12.94 6.96 -43.54
C HIS A 967 11.90 6.44 -44.52
N ALA A 968 11.37 7.34 -45.35
CA ALA A 968 10.46 6.94 -46.41
C ALA A 968 11.21 6.15 -47.48
N ALA A 969 10.58 5.10 -47.98
CA ALA A 969 11.23 4.18 -48.91
C ALA A 969 11.08 4.61 -50.36
N VAL A 970 11.89 4.03 -51.23
CA VAL A 970 11.84 4.27 -52.67
C VAL A 970 12.03 2.95 -53.40
N SER A 971 11.43 2.82 -54.57
CA SER A 971 11.38 1.57 -55.34
C SER A 971 12.65 0.73 -55.26
N GLU A 972 13.75 1.25 -55.79
CA GLU A 972 15.00 0.49 -55.86
C GLU A 972 15.76 0.55 -54.54
N LYS A 973 15.63 1.66 -53.82
CA LYS A 973 16.34 1.83 -52.55
C LYS A 973 15.66 1.08 -51.40
N LEU A 974 14.46 0.55 -51.66
CA LEU A 974 13.72 -0.21 -50.65
C LEU A 974 14.12 -1.67 -50.69
N LEU A 975 14.26 -2.23 -51.89
CA LEU A 975 14.66 -3.61 -52.06
C LEU A 975 16.06 -3.84 -51.49
N SER A 976 16.85 -2.79 -51.45
CA SER A 976 18.24 -2.86 -51.01
C SER A 976 18.36 -3.04 -49.50
N LEU A 977 17.34 -2.62 -48.76
CA LEU A 977 17.41 -2.59 -47.30
C LEU A 977 16.51 -3.65 -46.66
N LEU A 978 15.44 -4.04 -47.34
CA LEU A 978 14.53 -5.04 -46.78
C LEU A 978 15.27 -6.34 -46.48
N PRO A 979 15.42 -6.68 -45.18
CA PRO A 979 16.23 -7.86 -44.84
C PRO A 979 15.71 -9.15 -45.45
N GLU A 980 14.39 -9.23 -45.63
CA GLU A 980 13.76 -10.43 -46.15
C GLU A 980 14.33 -10.84 -47.50
N TYR A 981 14.89 -9.87 -48.23
CA TYR A 981 15.44 -10.12 -49.56
C TYR A 981 16.79 -10.86 -49.51
N VAL A 982 17.20 -11.28 -48.31
CA VAL A 982 18.43 -12.07 -48.18
C VAL A 982 18.17 -13.53 -48.53
N VAL A 983 16.91 -13.95 -48.37
CA VAL A 983 16.55 -15.35 -48.56
C VAL A 983 16.81 -15.84 -49.99
N PRO A 984 16.39 -15.07 -51.01
CA PRO A 984 16.72 -15.49 -52.38
C PRO A 984 18.22 -15.66 -52.60
N TYR A 985 19.01 -14.73 -52.07
CA TYR A 985 20.46 -14.79 -52.19
C TYR A 985 21.02 -16.00 -51.44
N THR A 986 20.44 -16.29 -50.28
CA THR A 986 20.87 -17.43 -49.47
C THR A 986 20.52 -18.74 -50.16
N ILE A 987 19.33 -18.79 -50.75
CA ILE A 987 18.88 -19.97 -51.49
C ILE A 987 19.79 -20.20 -52.70
N HIS A 988 20.13 -19.12 -53.37
CA HIS A 988 20.97 -19.21 -54.56
C HIS A 988 22.40 -19.61 -54.19
N LEU A 989 22.93 -19.00 -53.13
CA LEU A 989 24.31 -19.23 -52.72
C LEU A 989 24.53 -20.68 -52.30
N LEU A 990 23.54 -21.25 -51.60
CA LEU A 990 23.64 -22.62 -51.12
C LEU A 990 23.47 -23.61 -52.27
N ALA A 991 22.58 -23.29 -53.20
CA ALA A 991 22.34 -24.13 -54.36
C ALA A 991 23.60 -24.27 -55.22
N HIS A 992 24.53 -23.33 -55.05
CA HIS A 992 25.79 -23.33 -55.80
C HIS A 992 26.98 -23.68 -54.91
N ASP A 993 26.71 -24.08 -53.67
CA ASP A 993 27.80 -24.41 -52.74
C ASP A 993 28.57 -25.64 -53.22
N PRO A 994 29.90 -25.67 -53.01
CA PRO A 994 30.69 -26.81 -53.47
C PRO A 994 30.35 -28.14 -52.79
N ASP A 995 29.93 -28.09 -51.52
CA ASP A 995 29.61 -29.30 -50.78
C ASP A 995 28.32 -29.95 -51.30
N TYR A 996 27.48 -29.16 -51.94
CA TYR A 996 26.22 -29.66 -52.47
C TYR A 996 26.41 -30.24 -53.86
N VAL A 997 26.79 -31.51 -53.92
CA VAL A 997 27.12 -32.17 -55.18
C VAL A 997 25.94 -32.96 -55.72
N LYS A 998 25.50 -33.95 -54.96
CA LYS A 998 24.39 -34.80 -55.34
C LYS A 998 23.07 -34.10 -55.00
N VAL A 999 22.20 -33.99 -55.99
CA VAL A 999 20.97 -33.19 -55.88
C VAL A 999 20.09 -33.61 -54.72
N GLN A 1000 19.82 -34.91 -54.62
CA GLN A 1000 18.84 -35.43 -53.67
C GLN A 1000 19.48 -36.17 -52.48
N ASP A 1001 20.78 -35.96 -52.28
CA ASP A 1001 21.46 -36.59 -51.16
C ASP A 1001 21.00 -35.96 -49.84
N ILE A 1002 20.94 -36.77 -48.80
CA ILE A 1002 20.33 -36.36 -47.54
C ILE A 1002 21.29 -35.54 -46.66
N GLU A 1003 22.46 -36.09 -46.38
CA GLU A 1003 23.42 -35.40 -45.51
C GLU A 1003 23.86 -34.06 -46.09
N GLN A 1004 23.89 -33.97 -47.41
CA GLN A 1004 24.22 -32.72 -48.08
C GLN A 1004 23.06 -31.73 -47.96
N LEU A 1005 21.84 -32.24 -47.96
CA LEU A 1005 20.64 -31.41 -47.83
C LEU A 1005 20.36 -31.07 -46.37
N LYS A 1006 20.85 -31.89 -45.45
CA LYS A 1006 20.81 -31.55 -44.03
C LYS A 1006 21.70 -30.34 -43.79
N ASP A 1007 22.79 -30.27 -44.56
CA ASP A 1007 23.74 -29.17 -44.46
C ASP A 1007 23.11 -27.88 -45.00
N VAL A 1008 22.48 -27.99 -46.16
CA VAL A 1008 21.76 -26.87 -46.76
C VAL A 1008 20.68 -26.35 -45.81
N LYS A 1009 20.06 -27.26 -45.08
CA LYS A 1009 18.97 -26.90 -44.18
C LYS A 1009 19.46 -26.07 -43.01
N GLU A 1010 20.51 -26.55 -42.33
CA GLU A 1010 21.01 -25.86 -41.13
C GLU A 1010 21.60 -24.50 -41.51
N CYS A 1011 22.02 -24.35 -42.75
CA CYS A 1011 22.49 -23.07 -43.25
C CYS A 1011 21.32 -22.12 -43.42
N LEU A 1012 20.26 -22.60 -44.07
CA LEU A 1012 19.04 -21.82 -44.24
C LEU A 1012 18.44 -21.44 -42.89
N TRP A 1013 18.40 -22.40 -41.98
CA TRP A 1013 17.82 -22.19 -40.65
C TRP A 1013 18.68 -21.26 -39.81
N PHE A 1014 19.94 -21.12 -40.19
CA PHE A 1014 20.88 -20.26 -39.46
C PHE A 1014 20.48 -18.79 -39.58
N VAL A 1015 19.94 -18.41 -40.74
CA VAL A 1015 19.55 -17.03 -40.99
C VAL A 1015 18.05 -16.82 -40.81
N LEU A 1016 17.27 -17.85 -41.11
CA LEU A 1016 15.81 -17.75 -41.05
C LEU A 1016 15.31 -17.65 -39.62
N GLU A 1017 15.97 -18.35 -38.71
CA GLU A 1017 15.61 -18.30 -37.29
C GLU A 1017 15.68 -16.87 -36.77
N ILE A 1018 16.61 -16.09 -37.32
CA ILE A 1018 16.80 -14.71 -36.92
C ILE A 1018 15.85 -13.78 -37.69
N LEU A 1019 15.75 -14.04 -38.99
CA LEU A 1019 14.95 -13.21 -39.88
C LEU A 1019 13.46 -13.29 -39.55
N MSE A 1020 13.05 -14.40 -38.94
CA MSE A 1020 11.64 -14.65 -38.64
C MSE A 1020 11.28 -14.36 -37.19
O MSE A 1020 10.10 -14.45 -36.81
CB MSE A 1020 11.30 -16.11 -38.96
CG MSE A 1020 11.43 -16.48 -40.42
SE MSE A 1020 11.14 -18.38 -40.70
CE MSE A 1020 9.37 -18.57 -39.93
H MSE A 1020 13.58 -15.03 -38.69
HA MSE A 1020 11.10 -14.09 -39.22
HB2 MSE A 1020 11.90 -16.68 -38.46
HB3 MSE A 1020 10.38 -16.28 -38.69
HG2 MSE A 1020 10.76 -16.00 -40.93
HG3 MSE A 1020 12.32 -16.25 -40.74
HE1 MSE A 1020 9.08 -19.49 -40.00
HE2 MSE A 1020 9.40 -18.30 -38.99
HE3 MSE A 1020 8.75 -18.00 -40.42
N ALA A 1021 12.27 -14.02 -36.38
CA ALA A 1021 12.05 -13.81 -34.95
C ALA A 1021 11.04 -12.71 -34.68
N LYS A 1022 11.00 -11.70 -35.55
CA LYS A 1022 10.08 -10.58 -35.37
C LYS A 1022 8.65 -10.99 -35.68
N ASN A 1023 8.44 -11.49 -36.90
CA ASN A 1023 7.12 -11.94 -37.35
C ASN A 1023 6.09 -10.81 -37.29
N GLU A 1024 6.34 -9.74 -38.05
CA GLU A 1024 5.42 -8.62 -38.12
C GLU A 1024 5.31 -8.11 -39.56
N ASN A 1025 4.22 -7.41 -39.85
CA ASN A 1025 3.97 -6.88 -41.18
C ASN A 1025 4.01 -7.96 -42.25
N ASN A 1026 3.51 -9.14 -41.91
CA ASN A 1026 3.49 -10.28 -42.82
C ASN A 1026 4.88 -10.59 -43.36
N SER A 1027 5.85 -10.66 -42.46
CA SER A 1027 7.22 -11.00 -42.84
C SER A 1027 7.28 -12.41 -43.40
N HIS A 1028 6.59 -13.33 -42.73
CA HIS A 1028 6.62 -14.74 -43.11
C HIS A 1028 5.89 -14.98 -44.44
N ALA A 1029 4.77 -14.30 -44.61
CA ALA A 1029 4.02 -14.42 -45.86
C ALA A 1029 4.82 -13.85 -47.02
N PHE A 1030 5.58 -12.80 -46.74
CA PHE A 1030 6.43 -12.15 -47.73
C PHE A 1030 7.53 -13.11 -48.18
N ILE A 1031 8.14 -13.79 -47.21
CA ILE A 1031 9.23 -14.72 -47.48
C ILE A 1031 8.76 -15.88 -48.36
N ARG A 1032 7.68 -16.54 -47.95
CA ARG A 1032 7.21 -17.72 -48.68
C ARG A 1032 6.83 -17.36 -50.12
N LYS A 1033 6.41 -16.12 -50.33
CA LYS A 1033 6.02 -15.68 -51.66
C LYS A 1033 7.26 -15.53 -52.54
N MSE A 1034 8.39 -15.18 -51.94
CA MSE A 1034 9.65 -15.12 -52.66
C MSE A 1034 10.05 -16.52 -53.10
O MSE A 1034 10.37 -16.75 -54.26
CB MSE A 1034 10.77 -14.53 -51.80
CG MSE A 1034 10.57 -13.08 -51.42
SE MSE A 1034 12.04 -12.45 -50.29
CE MSE A 1034 11.33 -10.69 -49.82
H MSE A 1034 8.45 -14.96 -51.10
HA MSE A 1034 9.54 -14.57 -53.45
HB2 MSE A 1034 10.84 -15.04 -50.99
HB3 MSE A 1034 11.60 -14.59 -52.30
HG2 MSE A 1034 10.54 -12.53 -52.22
HG3 MSE A 1034 9.74 -12.99 -50.93
HE1 MSE A 1034 11.97 -10.25 -49.24
HE2 MSE A 1034 11.19 -10.17 -50.62
HE3 MSE A 1034 10.48 -10.81 -49.35
N VAL A 1035 10.01 -17.46 -52.16
CA VAL A 1035 10.42 -18.83 -52.42
C VAL A 1035 9.53 -19.47 -53.49
N GLU A 1036 8.24 -19.13 -53.45
CA GLU A 1036 7.31 -19.62 -54.46
C GLU A 1036 7.69 -19.06 -55.83
N ASN A 1037 8.01 -17.77 -55.88
CA ASN A 1037 8.39 -17.12 -57.12
C ASN A 1037 9.68 -17.70 -57.71
N ILE A 1038 10.60 -18.11 -56.85
CA ILE A 1038 11.86 -18.68 -57.31
C ILE A 1038 11.63 -19.96 -58.09
N LYS A 1039 10.64 -20.74 -57.66
CA LYS A 1039 10.31 -22.00 -58.32
C LYS A 1039 9.68 -21.77 -59.70
N GLN A 1040 9.31 -20.51 -59.97
CA GLN A 1040 8.72 -20.13 -61.25
C GLN A 1040 9.77 -19.49 -62.17
N THR A 1041 11.02 -19.46 -61.73
CA THR A 1041 12.10 -18.83 -62.48
C THR A 1041 13.18 -19.84 -62.83
N LYS A 1042 14.30 -19.36 -63.37
CA LYS A 1042 15.44 -20.20 -63.70
C LYS A 1042 16.70 -19.62 -63.06
N ASP A 1043 17.74 -20.45 -62.98
CA ASP A 1043 18.91 -20.12 -62.16
C ASP A 1043 19.69 -18.91 -62.66
N ALA A 1044 19.45 -18.50 -63.90
CA ALA A 1044 20.11 -17.32 -64.49
C ALA A 1044 21.61 -17.50 -64.72
N GLN A 1045 22.29 -18.21 -63.81
CA GLN A 1045 23.69 -18.56 -64.01
C GLN A 1045 23.81 -19.72 -65.01
N GLY A 1046 22.66 -20.29 -65.38
CA GLY A 1046 22.61 -21.36 -66.36
C GLY A 1046 21.18 -21.82 -66.57
N PRO A 1047 20.36 -20.98 -67.22
CA PRO A 1047 18.93 -21.26 -67.38
C PRO A 1047 18.63 -22.57 -68.12
N ASP A 1048 19.45 -22.92 -69.10
CA ASP A 1048 19.22 -24.12 -69.90
C ASP A 1048 19.67 -25.37 -69.16
N ASP A 1049 20.59 -25.21 -68.21
CA ASP A 1049 21.08 -26.33 -67.41
C ASP A 1049 19.97 -26.87 -66.52
N ALA A 1050 19.43 -28.03 -66.88
CA ALA A 1050 18.32 -28.62 -66.15
C ALA A 1050 18.73 -29.05 -64.75
N LYS A 1051 19.86 -29.75 -64.65
CA LYS A 1051 20.33 -30.28 -63.37
C LYS A 1051 20.61 -29.16 -62.37
N MSE A 1052 20.94 -27.98 -62.87
CA MSE A 1052 21.23 -26.83 -62.01
C MSE A 1052 19.94 -26.20 -61.48
O MSE A 1052 19.91 -25.72 -60.35
CB MSE A 1052 22.04 -25.79 -62.77
CG MSE A 1052 22.35 -24.54 -61.97
SE MSE A 1052 23.62 -23.35 -62.87
CE MSE A 1052 25.21 -24.49 -62.79
H MSE A 1052 21.00 -27.81 -63.71
HA MSE A 1052 21.76 -27.13 -61.27
HB2 MSE A 1052 22.89 -26.18 -63.05
HB3 MSE A 1052 21.54 -25.51 -63.56
HG2 MSE A 1052 21.53 -24.04 -61.81
HG3 MSE A 1052 22.74 -24.80 -61.11
HE1 MSE A 1052 25.95 -24.01 -63.21
HE2 MSE A 1052 25.42 -24.66 -61.85
HE3 MSE A 1052 25.03 -25.32 -63.25
N ASN A 1053 18.90 -26.21 -62.29
CA ASN A 1053 17.60 -25.68 -61.87
C ASN A 1053 16.92 -26.64 -60.89
N GLU A 1054 17.18 -27.93 -61.06
CA GLU A 1054 16.69 -28.93 -60.11
C GLU A 1054 17.24 -28.62 -58.72
N LYS A 1055 18.51 -28.25 -58.67
CA LYS A 1055 19.18 -27.94 -57.41
C LYS A 1055 18.65 -26.64 -56.81
N LEU A 1056 18.24 -25.71 -57.65
CA LEU A 1056 17.65 -24.47 -57.17
C LEU A 1056 16.29 -24.74 -56.55
N TYR A 1057 15.43 -25.41 -57.30
CA TYR A 1057 14.06 -25.67 -56.86
C TYR A 1057 13.98 -26.49 -55.57
N THR A 1058 14.94 -27.39 -55.37
CA THR A 1058 14.92 -28.25 -54.20
C THR A 1058 15.35 -27.50 -52.95
N VAL A 1059 16.32 -26.59 -53.08
CA VAL A 1059 16.72 -25.75 -51.96
C VAL A 1059 15.54 -24.88 -51.53
N CYS A 1060 14.70 -24.49 -52.48
CA CYS A 1060 13.49 -23.73 -52.16
C CYS A 1060 12.53 -24.57 -51.31
N ASP A 1061 12.40 -25.85 -51.66
CA ASP A 1061 11.49 -26.73 -50.92
C ASP A 1061 12.02 -27.02 -49.52
N VAL A 1062 13.35 -27.09 -49.38
CA VAL A 1062 13.95 -27.22 -48.05
C VAL A 1062 13.68 -25.96 -47.26
N ALA A 1063 13.85 -24.81 -47.90
CA ALA A 1063 13.55 -23.53 -47.29
C ALA A 1063 12.07 -23.45 -46.94
N MSE A 1064 11.23 -23.94 -47.84
CA MSE A 1064 9.78 -23.92 -47.64
C MSE A 1064 9.40 -24.82 -46.46
O MSE A 1064 8.49 -24.50 -45.69
CB MSE A 1064 9.05 -24.36 -48.91
CG MSE A 1064 7.53 -24.20 -48.83
SE MSE A 1064 6.98 -22.34 -48.66
CE MSE A 1064 7.38 -21.73 -50.47
H MSE A 1064 11.46 -24.31 -48.58
HA MSE A 1064 9.52 -23.01 -47.43
HB2 MSE A 1064 9.37 -23.81 -49.64
HB3 MSE A 1064 9.24 -25.29 -49.06
HG2 MSE A 1064 7.15 -24.56 -49.65
HG3 MSE A 1064 7.21 -24.69 -48.06
HE1 MSE A 1064 7.15 -20.80 -50.54
HE2 MSE A 1064 8.33 -21.85 -50.64
HE3 MSE A 1064 6.86 -22.25 -51.10
N ASN A 1065 10.09 -25.94 -46.33
CA ASN A 1065 9.81 -26.89 -45.25
C ASN A 1065 10.11 -26.27 -43.88
N ILE A 1066 11.13 -25.41 -43.85
CA ILE A 1066 11.52 -24.74 -42.61
C ILE A 1066 10.48 -23.70 -42.21
N ILE A 1067 10.06 -22.89 -43.18
CA ILE A 1067 9.07 -21.84 -42.93
C ILE A 1067 7.75 -22.43 -42.43
N MSE A 1068 7.28 -23.46 -43.10
CA MSE A 1068 6.02 -24.12 -42.76
C MSE A 1068 6.05 -24.72 -41.36
O MSE A 1068 5.03 -24.72 -40.66
CB MSE A 1068 5.71 -25.21 -43.78
CG MSE A 1068 4.83 -24.76 -44.94
SE MSE A 1068 4.94 -25.95 -46.49
CE MSE A 1068 4.93 -27.67 -45.56
H MSE A 1068 7.67 -23.81 -43.79
HA MSE A 1068 5.31 -23.46 -42.80
HB2 MSE A 1068 6.54 -25.54 -44.15
HB3 MSE A 1068 5.24 -25.93 -43.33
HG2 MSE A 1068 3.91 -24.73 -44.65
HG3 MSE A 1068 5.12 -23.87 -45.22
HE1 MSE A 1068 4.99 -28.38 -46.22
HE2 MSE A 1068 5.70 -27.70 -44.97
HE3 MSE A 1068 4.11 -27.74 -45.05
N SER A 1069 7.19 -25.24 -40.95
CA SER A 1069 7.31 -25.98 -39.70
C SER A 1069 7.69 -25.12 -38.51
N LYS A 1070 7.94 -23.83 -38.74
CA LYS A 1070 8.43 -22.94 -37.70
C LYS A 1070 7.51 -21.75 -37.44
N SER A 1071 6.45 -21.62 -38.25
CA SER A 1071 5.52 -20.52 -38.10
C SER A 1071 4.09 -20.92 -38.46
N THR A 1072 3.19 -19.97 -38.29
CA THR A 1072 1.78 -20.16 -38.58
C THR A 1072 1.20 -19.00 -39.38
N THR A 1073 1.98 -17.91 -39.49
CA THR A 1073 1.54 -16.70 -40.16
C THR A 1073 2.08 -16.60 -41.59
N TYR A 1074 2.54 -17.73 -42.12
CA TYR A 1074 3.13 -17.74 -43.46
C TYR A 1074 2.06 -17.83 -44.55
N SER A 1075 0.94 -18.46 -44.23
CA SER A 1075 -0.12 -18.70 -45.22
C SER A 1075 -0.89 -17.44 -45.59
N LEU A 1076 -0.62 -16.34 -44.91
CA LEU A 1076 -1.30 -15.07 -45.19
C LEU A 1076 -0.88 -14.50 -46.54
N GLU A 1077 -1.48 -13.37 -46.91
CA GLU A 1077 -1.16 -12.71 -48.17
C GLU A 1077 0.11 -11.87 -48.05
N SER A 1078 0.91 -11.88 -49.10
CA SER A 1078 2.12 -11.07 -49.14
C SER A 1078 1.75 -9.59 -49.34
N PRO A 1079 2.41 -8.69 -48.60
CA PRO A 1079 2.07 -7.27 -48.73
C PRO A 1079 2.36 -6.72 -50.13
N LYS A 1080 3.35 -7.29 -50.80
CA LYS A 1080 3.71 -6.85 -52.15
C LYS A 1080 4.38 -7.97 -52.93
N ASP A 1081 4.16 -7.99 -54.24
CA ASP A 1081 4.73 -9.02 -55.10
C ASP A 1081 6.26 -8.86 -55.16
N PRO A 1082 7.00 -9.82 -54.58
CA PRO A 1082 8.45 -9.67 -54.49
C PRO A 1082 9.16 -9.68 -55.83
N VAL A 1083 10.05 -8.71 -56.04
CA VAL A 1083 10.88 -8.65 -57.24
C VAL A 1083 12.21 -9.36 -56.98
N LEU A 1084 12.42 -10.50 -57.62
CA LEU A 1084 13.67 -11.24 -57.45
C LEU A 1084 14.80 -10.56 -58.20
N PRO A 1085 16.04 -10.71 -57.71
CA PRO A 1085 17.19 -10.11 -58.41
C PRO A 1085 17.31 -10.61 -59.85
N ALA A 1086 17.43 -9.68 -60.78
CA ALA A 1086 17.39 -10.01 -62.21
C ALA A 1086 18.59 -10.86 -62.63
N ARG A 1087 19.73 -10.68 -61.96
CA ARG A 1087 20.95 -11.38 -62.34
C ARG A 1087 21.20 -12.65 -61.49
N PHE A 1088 20.21 -13.01 -60.70
CA PHE A 1088 20.24 -14.27 -59.95
C PHE A 1088 19.09 -15.18 -60.40
N PHE A 1089 18.00 -14.57 -60.85
CA PHE A 1089 16.83 -15.30 -61.31
C PHE A 1089 16.22 -14.64 -62.54
N THR A 1090 15.86 -15.45 -63.52
CA THR A 1090 15.13 -14.96 -64.70
C THR A 1090 13.75 -14.49 -64.27
N GLN A 1091 13.05 -13.79 -65.17
CA GLN A 1091 11.69 -13.35 -64.88
C GLN A 1091 10.77 -14.56 -64.77
N PRO A 1092 9.87 -14.57 -63.78
CA PRO A 1092 8.97 -15.72 -63.63
C PRO A 1092 7.87 -15.77 -64.68
N THR A 1099 5.99 -26.13 -58.72
CA THR A 1099 4.95 -27.10 -59.07
C THR A 1099 4.93 -28.27 -58.08
N LYS A 1100 5.81 -29.25 -58.28
CA LYS A 1100 5.88 -30.41 -57.39
C LYS A 1100 6.91 -30.18 -56.29
N ASN A 1101 7.00 -31.12 -55.35
CA ASN A 1101 8.02 -31.07 -54.32
C ASN A 1101 9.28 -31.81 -54.77
N TYR A 1102 10.43 -31.18 -54.57
CA TYR A 1102 11.70 -31.74 -55.02
C TYR A 1102 12.45 -32.41 -53.86
N LEU A 1103 11.81 -32.50 -52.71
CA LEU A 1103 12.42 -33.12 -51.54
C LEU A 1103 12.44 -34.63 -51.65
N PRO A 1104 13.53 -35.27 -51.17
CA PRO A 1104 13.41 -36.72 -50.97
C PRO A 1104 12.46 -37.00 -49.82
N PRO A 1105 11.60 -38.02 -49.92
CA PRO A 1105 10.57 -38.25 -48.90
C PRO A 1105 11.09 -38.37 -47.47
N GLU A 1106 12.40 -38.58 -47.30
CA GLU A 1106 12.97 -38.81 -45.98
C GLU A 1106 13.12 -37.53 -45.15
N MSE A 1107 13.08 -36.37 -45.81
CA MSE A 1107 13.22 -35.09 -45.12
C MSE A 1107 12.06 -34.89 -44.14
O MSE A 1107 11.24 -34.00 -44.33
CB MSE A 1107 13.28 -33.95 -46.12
CG MSE A 1107 14.48 -33.99 -47.07
SE MSE A 1107 16.20 -33.67 -46.20
CE MSE A 1107 15.91 -31.84 -45.59
H MSE A 1107 12.97 -36.31 -46.66
HA MSE A 1107 14.05 -35.11 -44.62
HB2 MSE A 1107 12.48 -33.95 -46.67
HB3 MSE A 1107 13.34 -33.11 -45.63
HG2 MSE A 1107 14.51 -34.88 -47.47
HG3 MSE A 1107 14.36 -33.33 -47.75
HE1 MSE A 1107 16.71 -31.53 -45.13
HE2 MSE A 1107 15.75 -31.27 -46.36
HE3 MSE A 1107 15.16 -31.82 -44.99
N MSE B 11 12.89 -66.33 -53.85
CA MSE B 11 14.12 -66.47 -53.07
C MSE B 11 15.05 -65.27 -53.29
O MSE B 11 15.92 -65.01 -52.46
CB MSE B 11 14.83 -67.78 -53.43
CG MSE B 11 16.12 -68.05 -52.66
SE MSE B 11 15.87 -68.05 -50.73
CE MSE B 11 17.75 -68.02 -50.18
HA MSE B 11 13.88 -66.51 -52.13
HB2 MSE B 11 14.22 -68.52 -53.25
HB3 MSE B 11 15.04 -67.77 -54.38
HG2 MSE B 11 16.46 -68.91 -52.92
HG3 MSE B 11 16.76 -67.36 -52.89
HE1 MSE B 11 17.79 -68.02 -49.21
HE2 MSE B 11 18.19 -68.80 -50.53
HE3 MSE B 11 18.17 -67.22 -50.53
N GLU B 12 14.87 -64.56 -54.40
CA GLU B 12 15.61 -63.34 -54.69
C GLU B 12 14.63 -62.19 -54.88
N ILE B 13 14.90 -61.09 -54.18
CA ILE B 13 14.11 -59.87 -54.31
C ILE B 13 15.01 -58.75 -54.82
N SER B 14 14.66 -58.19 -55.97
CA SER B 14 15.50 -57.18 -56.61
C SER B 14 14.66 -56.23 -57.44
N ASP B 15 15.31 -55.23 -58.02
CA ASP B 15 14.63 -54.26 -58.86
C ASP B 15 14.21 -54.84 -60.21
N LYS B 16 14.71 -56.05 -60.50
CA LYS B 16 14.40 -56.71 -61.77
C LYS B 16 13.07 -57.46 -61.69
N ILE B 17 12.77 -58.02 -60.52
CA ILE B 17 11.52 -58.73 -60.30
C ILE B 17 10.35 -57.78 -60.51
N SER B 18 9.23 -58.33 -60.98
CA SER B 18 8.02 -57.53 -61.20
C SER B 18 7.52 -56.95 -59.88
N LYS B 19 6.72 -55.88 -59.98
CA LYS B 19 6.22 -55.20 -58.79
C LYS B 19 5.33 -56.12 -57.95
N GLU B 20 4.43 -56.82 -58.60
CA GLU B 20 3.49 -57.70 -57.92
C GLU B 20 4.22 -58.86 -57.27
N GLU B 21 5.20 -59.41 -57.97
CA GLU B 21 5.95 -60.56 -57.50
C GLU B 21 6.83 -60.21 -56.30
N MSE B 22 7.44 -59.02 -56.33
CA MSE B 22 8.32 -58.59 -55.26
C MSE B 22 7.56 -58.47 -53.94
O MSE B 22 8.07 -58.87 -52.88
CB MSE B 22 8.97 -57.25 -55.60
CG MSE B 22 9.66 -56.58 -54.42
SE MSE B 22 11.02 -55.29 -54.97
CE MSE B 22 9.91 -54.16 -56.10
H MSE B 22 7.36 -58.45 -56.97
HA MSE B 22 9.02 -59.25 -55.15
HB2 MSE B 22 9.63 -57.39 -56.29
HB3 MSE B 22 8.28 -56.64 -55.92
HG2 MSE B 22 9.00 -56.11 -53.90
HG3 MSE B 22 10.10 -57.26 -53.89
HE1 MSE B 22 10.46 -53.44 -56.47
HE2 MSE B 22 9.55 -54.69 -56.82
HE3 MSE B 22 9.20 -53.78 -55.57
N VAL B 23 6.35 -57.91 -54.00
CA VAL B 23 5.50 -57.82 -52.82
C VAL B 23 5.18 -59.21 -52.31
N ARG B 24 4.62 -60.05 -53.17
CA ARG B 24 4.21 -61.39 -52.80
C ARG B 24 5.38 -62.21 -52.28
N ARG B 25 6.57 -61.95 -52.81
CA ARG B 25 7.76 -62.71 -52.42
C ARG B 25 8.30 -62.21 -51.09
N LEU B 26 8.04 -60.95 -50.77
CA LEU B 26 8.45 -60.38 -49.48
C LEU B 26 7.56 -60.90 -48.35
N LYS B 27 6.28 -61.07 -48.65
CA LYS B 27 5.32 -61.54 -47.66
C LYS B 27 5.68 -62.92 -47.11
N MSE B 28 6.54 -63.63 -47.83
CA MSE B 28 7.04 -64.93 -47.36
C MSE B 28 8.26 -64.73 -46.47
O MSE B 28 8.44 -65.45 -45.49
CB MSE B 28 7.42 -65.82 -48.54
CG MSE B 28 6.50 -65.75 -49.73
SE MSE B 28 6.88 -67.15 -51.05
CE MSE B 28 8.84 -67.08 -51.02
H MSE B 28 6.84 -63.40 -48.60
HA MSE B 28 6.34 -65.37 -46.86
HB2 MSE B 28 8.31 -65.58 -48.84
HB3 MSE B 28 7.43 -66.75 -48.23
HG2 MSE B 28 5.58 -65.86 -49.44
HG3 MSE B 28 6.61 -64.89 -50.17
HE1 MSE B 28 9.18 -67.75 -51.64
HE2 MSE B 28 9.13 -66.20 -51.29
HE3 MSE B 28 9.14 -67.28 -50.12
N VAL B 29 9.09 -63.76 -46.83
CA VAL B 29 10.35 -63.51 -46.13
C VAL B 29 10.11 -63.11 -44.68
N VAL B 30 9.05 -62.34 -44.43
CA VAL B 30 8.72 -61.92 -43.08
C VAL B 30 8.36 -63.11 -42.19
N LYS B 31 7.67 -64.09 -42.78
CA LYS B 31 7.17 -65.24 -42.03
C LYS B 31 8.28 -66.23 -41.67
N THR B 32 9.33 -66.26 -42.49
CA THR B 32 10.44 -67.18 -42.25
C THR B 32 11.50 -66.55 -41.36
N PHE B 33 11.47 -65.23 -41.23
CA PHE B 33 12.41 -64.51 -40.36
C PHE B 33 11.94 -64.46 -38.91
N MSE B 34 10.62 -64.57 -38.72
CA MSE B 34 10.04 -64.50 -37.38
C MSE B 34 10.01 -65.87 -36.70
O MSE B 34 10.20 -65.97 -35.50
CB MSE B 34 8.62 -63.92 -37.45
CG MSE B 34 7.63 -64.76 -38.25
SE MSE B 34 5.82 -64.05 -38.21
CE MSE B 34 6.05 -62.49 -39.36
H MSE B 34 10.04 -64.68 -39.35
HA MSE B 34 10.58 -63.89 -36.84
HB2 MSE B 34 8.27 -63.83 -36.55
HB3 MSE B 34 8.66 -63.04 -37.87
HG2 MSE B 34 7.92 -64.80 -39.17
HG3 MSE B 34 7.60 -65.65 -37.86
HE1 MSE B 34 5.22 -62.03 -39.44
HE2 MSE B 34 6.73 -61.91 -38.97
HE3 MSE B 34 6.35 -62.79 -40.23
N ASP B 35 9.78 -66.92 -37.49
CA ASP B 35 9.63 -68.27 -36.95
C ASP B 35 10.98 -68.95 -36.77
N MSE B 36 11.77 -68.45 -35.82
CA MSE B 36 13.08 -69.03 -35.52
C MSE B 36 13.70 -68.36 -34.30
O MSE B 36 14.71 -68.83 -33.77
CB MSE B 36 14.02 -68.90 -36.72
CG MSE B 36 14.05 -67.51 -37.33
SE MSE B 36 15.12 -67.42 -38.96
CE MSE B 36 16.85 -67.96 -38.24
H MSE B 36 11.57 -67.78 -35.33
HA MSE B 36 12.97 -69.98 -35.34
HB2 MSE B 36 14.92 -69.12 -36.44
HB3 MSE B 36 13.73 -69.52 -37.41
HG2 MSE B 36 13.15 -67.24 -37.55
HG3 MSE B 36 14.45 -66.90 -36.69
HE1 MSE B 36 17.50 -67.97 -38.95
HE2 MSE B 36 17.12 -67.33 -37.55
HE3 MSE B 36 16.77 -68.86 -37.86
N SER B 40 18.20 -71.85 -34.17
CA SER B 40 18.32 -72.23 -35.57
C SER B 40 19.44 -71.44 -36.26
N GLU B 41 20.66 -71.63 -35.79
CA GLU B 41 21.81 -70.94 -36.37
C GLU B 41 22.22 -71.50 -37.73
N GLU B 42 21.52 -72.56 -38.15
CA GLU B 42 21.75 -73.15 -39.47
C GLU B 42 21.39 -72.15 -40.57
N GLU B 43 20.29 -71.43 -40.36
CA GLU B 43 19.74 -70.55 -41.38
C GLU B 43 20.47 -69.21 -41.43
N LYS B 44 21.19 -68.89 -40.37
CA LYS B 44 21.91 -67.61 -40.28
C LYS B 44 22.91 -67.45 -41.42
N GLU B 45 23.86 -68.37 -41.51
CA GLU B 45 24.93 -68.30 -42.50
C GLU B 45 24.38 -68.21 -43.93
N LEU B 46 23.15 -68.66 -44.14
CA LEU B 46 22.54 -68.67 -45.47
C LEU B 46 21.81 -67.35 -45.75
N TYR B 47 21.07 -66.86 -44.76
CA TYR B 47 20.25 -65.67 -44.95
C TYR B 47 21.01 -64.36 -44.72
N LEU B 48 22.08 -64.41 -43.93
CA LEU B 48 22.83 -63.21 -43.59
C LEU B 48 23.52 -62.59 -44.82
N ASN B 49 23.46 -63.28 -45.94
CA ASN B 49 23.84 -62.69 -47.22
C ASN B 49 22.69 -61.84 -47.76
N LEU B 50 21.46 -62.29 -47.50
CA LEU B 50 20.27 -61.58 -47.92
C LEU B 50 19.93 -60.45 -46.96
N ALA B 51 20.08 -60.73 -45.67
CA ALA B 51 19.76 -59.75 -44.62
C ALA B 51 20.57 -58.47 -44.81
N LEU B 52 21.85 -58.63 -45.14
CA LEU B 52 22.71 -57.48 -45.37
C LEU B 52 22.26 -56.70 -46.61
N HIS B 53 21.76 -57.43 -47.60
CA HIS B 53 21.28 -56.82 -48.84
C HIS B 53 19.87 -56.26 -48.69
N LEU B 54 19.10 -56.85 -47.78
CA LEU B 54 17.70 -56.46 -47.59
C LEU B 54 17.57 -55.10 -46.91
N ALA B 55 18.71 -54.47 -46.59
CA ALA B 55 18.74 -53.11 -46.06
C ALA B 55 19.30 -52.14 -47.08
N SER B 56 19.21 -52.50 -48.36
CA SER B 56 19.79 -51.68 -49.42
C SER B 56 18.95 -50.43 -49.67
N ASP B 57 19.57 -49.41 -50.27
CA ASP B 57 18.90 -48.14 -50.52
C ASP B 57 17.68 -48.31 -51.42
N PHE B 58 17.65 -49.39 -52.18
CA PHE B 58 16.50 -49.69 -53.03
C PHE B 58 15.27 -49.93 -52.19
N PHE B 59 15.47 -50.45 -50.98
CA PHE B 59 14.38 -50.75 -50.06
C PHE B 59 14.04 -49.55 -49.18
N LEU B 60 15.07 -48.92 -48.63
CA LEU B 60 14.90 -47.82 -47.69
C LEU B 60 14.32 -46.57 -48.35
N LYS B 61 14.45 -46.49 -49.67
CA LYS B 61 13.96 -45.36 -50.44
C LYS B 61 12.82 -45.77 -51.38
N HIS B 62 12.28 -46.97 -51.16
CA HIS B 62 11.23 -47.49 -52.05
C HIS B 62 9.96 -46.65 -51.92
N PRO B 63 9.22 -46.48 -53.03
CA PRO B 63 8.06 -45.59 -52.99
C PRO B 63 6.74 -46.23 -52.51
N ASP B 64 6.76 -47.52 -52.19
CA ASP B 64 5.54 -48.21 -51.75
C ASP B 64 5.57 -48.45 -50.23
N LYS B 65 4.44 -48.14 -49.58
CA LYS B 65 4.31 -48.35 -48.14
C LYS B 65 4.48 -49.82 -47.77
N ASP B 66 3.70 -50.67 -48.42
CA ASP B 66 3.67 -52.09 -48.08
C ASP B 66 5.06 -52.72 -48.15
N VAL B 67 5.86 -52.27 -49.11
CA VAL B 67 7.23 -52.77 -49.24
C VAL B 67 8.07 -52.34 -48.05
N ARG B 68 8.17 -51.03 -47.83
CA ARG B 68 8.93 -50.48 -46.72
C ARG B 68 8.50 -51.07 -45.38
N LEU B 69 7.21 -51.32 -45.23
CA LEU B 69 6.68 -51.95 -44.03
C LEU B 69 7.34 -53.31 -43.82
N LEU B 70 7.25 -54.15 -44.84
CA LEU B 70 7.79 -55.51 -44.78
C LEU B 70 9.30 -55.51 -44.55
N VAL B 71 10.00 -54.62 -45.22
CA VAL B 71 11.45 -54.51 -45.06
C VAL B 71 11.79 -54.20 -43.61
N ALA B 72 11.03 -53.31 -43.00
CA ALA B 72 11.23 -52.95 -41.61
C ALA B 72 11.04 -54.16 -40.71
N CYS B 73 9.94 -54.88 -40.92
CA CYS B 73 9.64 -56.09 -40.15
C CYS B 73 10.78 -57.09 -40.26
N CYS B 74 11.35 -57.23 -41.46
CA CYS B 74 12.48 -58.13 -41.67
C CYS B 74 13.68 -57.66 -40.86
N LEU B 75 14.07 -56.40 -41.06
CA LEU B 75 15.22 -55.82 -40.36
C LEU B 75 15.06 -55.92 -38.86
N ALA B 76 13.81 -55.88 -38.39
CA ALA B 76 13.53 -56.02 -36.97
C ALA B 76 13.93 -57.41 -36.48
N ASP B 77 13.45 -58.44 -37.18
CA ASP B 77 13.76 -59.82 -36.83
C ASP B 77 15.23 -60.15 -37.11
N ILE B 78 15.81 -59.47 -38.08
CA ILE B 78 17.24 -59.64 -38.38
C ILE B 78 18.09 -59.18 -37.21
N PHE B 79 17.63 -58.14 -36.51
CA PHE B 79 18.35 -57.63 -35.34
C PHE B 79 18.16 -58.55 -34.13
N ARG B 80 16.98 -59.15 -34.03
CA ARG B 80 16.71 -60.14 -32.99
C ARG B 80 17.69 -61.31 -33.14
N ILE B 81 17.81 -61.80 -34.37
CA ILE B 81 18.59 -62.98 -34.66
C ILE B 81 19.99 -62.59 -35.16
N ALA B 86 24.85 -57.80 -34.67
CA ALA B 86 24.61 -56.76 -35.65
C ALA B 86 25.13 -57.19 -37.03
N PRO B 87 24.31 -57.94 -37.78
CA PRO B 87 24.69 -58.43 -39.11
C PRO B 87 25.19 -57.34 -40.06
N HIS B 88 24.55 -56.17 -40.04
CA HIS B 88 24.90 -55.08 -40.95
C HIS B 88 26.25 -54.48 -40.58
N THR B 89 26.40 -54.07 -39.32
CA THR B 89 27.67 -53.57 -38.82
C THR B 89 28.18 -52.39 -39.64
N SER B 90 27.58 -51.23 -39.44
CA SER B 90 28.00 -50.01 -40.15
C SER B 90 27.45 -48.79 -39.43
N PRO B 91 28.26 -47.72 -39.32
CA PRO B 91 27.79 -46.57 -38.55
C PRO B 91 26.75 -45.74 -39.28
N ASP B 92 26.84 -45.70 -40.61
CA ASP B 92 25.89 -44.95 -41.42
C ASP B 92 24.66 -45.78 -41.75
N LYS B 93 24.88 -47.07 -42.00
CA LYS B 93 23.79 -47.95 -42.40
C LYS B 93 22.86 -48.21 -41.21
N LEU B 94 23.43 -48.47 -40.04
CA LEU B 94 22.62 -48.69 -38.85
C LEU B 94 21.76 -47.49 -38.55
N LYS B 95 22.29 -46.30 -38.80
CA LYS B 95 21.52 -45.08 -38.63
C LYS B 95 20.36 -45.06 -39.61
N ASP B 96 20.65 -45.22 -40.89
CA ASP B 96 19.64 -45.20 -41.93
C ASP B 96 18.55 -46.23 -41.67
N ILE B 97 18.94 -47.36 -41.08
CA ILE B 97 18.00 -48.43 -40.78
C ILE B 97 16.99 -48.00 -39.72
N PHE B 98 17.48 -47.57 -38.57
CA PHE B 98 16.58 -47.23 -37.46
C PHE B 98 15.80 -45.96 -37.76
N MSE B 99 16.42 -45.02 -38.47
CA MSE B 99 15.69 -43.87 -38.99
C MSE B 99 14.55 -44.35 -39.86
O MSE B 99 13.41 -43.90 -39.71
CB MSE B 99 16.61 -42.95 -39.80
CG MSE B 99 17.69 -42.26 -38.98
SE MSE B 99 16.99 -40.84 -37.83
CE MSE B 99 18.70 -40.14 -37.18
H MSE B 99 17.26 -45.03 -38.67
HA MSE B 99 15.34 -43.35 -38.24
HB2 MSE B 99 17.05 -43.48 -40.48
HB3 MSE B 99 16.07 -42.27 -40.22
HG2 MSE B 99 18.13 -42.91 -38.41
HG3 MSE B 99 18.34 -41.86 -39.58
HE1 MSE B 99 18.51 -39.41 -36.58
HE2 MSE B 99 19.17 -40.85 -36.71
HE3 MSE B 99 19.22 -39.83 -37.94
N PHE B 100 14.86 -45.29 -40.75
CA PHE B 100 13.86 -45.85 -41.66
C PHE B 100 12.72 -46.51 -40.89
N ILE B 101 13.07 -47.36 -39.92
CA ILE B 101 12.05 -48.05 -39.12
C ILE B 101 11.17 -47.04 -38.40
N THR B 102 11.79 -46.00 -37.84
CA THR B 102 11.06 -44.95 -37.14
C THR B 102 10.02 -44.31 -38.06
N ARG B 103 10.42 -43.99 -39.28
CA ARG B 103 9.51 -43.34 -40.22
C ARG B 103 8.29 -44.22 -40.53
N GLN B 104 8.49 -45.53 -40.54
CA GLN B 104 7.41 -46.45 -40.86
C GLN B 104 6.43 -46.62 -39.71
N LEU B 105 6.83 -46.17 -38.51
CA LEU B 105 5.95 -46.26 -37.35
C LEU B 105 4.86 -45.18 -37.39
N LYS B 106 4.92 -44.31 -38.40
CA LYS B 106 3.88 -43.31 -38.57
C LYS B 106 2.58 -43.93 -39.09
N GLY B 107 2.62 -45.23 -39.39
CA GLY B 107 1.47 -45.94 -39.90
C GLY B 107 0.53 -46.47 -38.82
N LEU B 108 0.96 -46.36 -37.56
CA LEU B 108 0.13 -46.79 -36.44
C LEU B 108 -1.05 -45.84 -36.23
N GLU B 109 -1.02 -44.70 -36.90
CA GLU B 109 -2.04 -43.67 -36.72
C GLU B 109 -3.40 -44.11 -37.25
N ASP B 110 -3.40 -45.03 -38.21
CA ASP B 110 -4.63 -45.55 -38.79
C ASP B 110 -4.93 -46.95 -38.26
N THR B 111 -5.78 -47.01 -37.24
CA THR B 111 -6.18 -48.29 -36.66
C THR B 111 -7.26 -48.97 -37.50
N LYS B 112 -7.95 -48.19 -38.32
CA LYS B 112 -9.07 -48.70 -39.11
C LYS B 112 -8.60 -49.42 -40.37
N SER B 113 -7.50 -48.96 -40.95
CA SER B 113 -6.98 -49.54 -42.18
C SER B 113 -6.65 -51.02 -41.99
N PRO B 114 -6.80 -51.83 -43.06
CA PRO B 114 -6.47 -53.26 -42.95
C PRO B 114 -5.03 -53.50 -42.49
N GLN B 115 -4.11 -52.69 -43.01
CA GLN B 115 -2.71 -52.76 -42.61
C GLN B 115 -2.54 -52.22 -41.20
N PHE B 116 -2.39 -53.11 -40.23
CA PHE B 116 -2.19 -52.71 -38.84
C PHE B 116 -1.42 -53.77 -38.06
N ASN B 117 -1.87 -55.01 -38.15
CA ASN B 117 -1.23 -56.10 -37.42
C ASN B 117 0.23 -56.27 -37.81
N ARG B 118 0.58 -55.78 -39.00
CA ARG B 118 1.98 -55.76 -39.44
C ARG B 118 2.71 -54.61 -38.74
N TYR B 119 2.05 -53.45 -38.67
CA TYR B 119 2.58 -52.30 -37.93
C TYR B 119 2.69 -52.63 -36.45
N PHE B 120 1.61 -53.13 -35.88
CA PHE B 120 1.56 -53.52 -34.48
C PHE B 120 2.65 -54.53 -34.15
N TYR B 121 2.88 -55.47 -35.06
CA TYR B 121 3.89 -56.50 -34.88
C TYR B 121 5.29 -55.88 -34.87
N LEU B 122 5.50 -54.88 -35.72
CA LEU B 122 6.78 -54.18 -35.77
C LEU B 122 7.06 -53.51 -34.44
N LEU B 123 6.06 -52.81 -33.91
CA LEU B 123 6.16 -52.15 -32.63
C LEU B 123 6.46 -53.15 -31.52
N GLU B 124 5.67 -54.22 -31.48
CA GLU B 124 5.83 -55.26 -30.46
C GLU B 124 7.20 -55.93 -30.56
N ASN B 125 7.74 -56.00 -31.77
CA ASN B 125 9.01 -56.67 -32.00
C ASN B 125 10.18 -55.87 -31.42
N ILE B 126 10.31 -54.62 -31.85
CA ILE B 126 11.37 -53.74 -31.36
C ILE B 126 11.21 -53.49 -29.86
N ALA B 127 9.98 -53.60 -29.38
CA ALA B 127 9.69 -53.42 -27.96
C ALA B 127 10.26 -54.56 -27.13
N TRP B 128 10.03 -55.78 -27.59
CA TRP B 128 10.46 -56.97 -26.86
C TRP B 128 11.94 -57.26 -27.03
N VAL B 129 12.46 -56.99 -28.24
CA VAL B 129 13.85 -57.26 -28.56
C VAL B 129 14.78 -56.19 -28.00
N LYS B 130 14.25 -54.97 -27.84
CA LYS B 130 15.03 -53.82 -27.41
C LYS B 130 16.12 -53.54 -28.44
N SER B 131 15.73 -53.56 -29.71
CA SER B 131 16.67 -53.44 -30.81
C SER B 131 17.23 -52.02 -30.95
N TYR B 132 16.43 -51.03 -30.59
CA TYR B 132 16.87 -49.64 -30.68
C TYR B 132 18.06 -49.38 -29.76
N ASN B 133 18.24 -50.23 -28.76
CA ASN B 133 19.36 -50.10 -27.82
C ASN B 133 20.70 -50.37 -28.48
N ILE B 134 20.67 -50.86 -29.72
CA ILE B 134 21.87 -51.02 -30.51
C ILE B 134 22.49 -49.67 -30.83
N CYS B 135 21.68 -48.63 -30.77
CA CYS B 135 22.08 -47.30 -31.25
C CYS B 135 22.97 -46.52 -30.28
N PHE B 136 23.27 -47.09 -29.12
CA PHE B 136 24.02 -46.37 -28.09
C PHE B 136 25.45 -46.03 -28.52
N GLU B 137 25.99 -46.77 -29.48
CA GLU B 137 27.38 -46.62 -29.86
C GLU B 137 27.61 -45.67 -31.04
N LEU B 138 26.55 -45.03 -31.51
CA LEU B 138 26.66 -44.11 -32.64
C LEU B 138 26.81 -42.66 -32.17
N GLU B 139 27.44 -41.85 -33.00
CA GLU B 139 27.70 -40.45 -32.68
C GLU B 139 26.42 -39.62 -32.78
N ASP B 140 25.51 -40.04 -33.66
CA ASP B 140 24.23 -39.37 -33.86
C ASP B 140 23.12 -40.13 -33.16
N SER B 141 23.42 -40.64 -31.96
CA SER B 141 22.49 -41.47 -31.22
C SER B 141 21.28 -40.68 -30.73
N ASN B 142 21.48 -39.40 -30.42
CA ASN B 142 20.42 -38.57 -29.88
C ASN B 142 19.39 -38.23 -30.95
N GLU B 143 19.85 -38.05 -32.18
CA GLU B 143 18.97 -37.73 -33.30
C GLU B 143 17.97 -38.86 -33.55
N ILE B 144 18.42 -40.10 -33.33
CA ILE B 144 17.58 -41.27 -33.52
C ILE B 144 16.49 -41.33 -32.46
N PHE B 145 16.90 -41.31 -31.20
CA PHE B 145 15.97 -41.45 -30.08
C PHE B 145 14.98 -40.29 -30.04
N THR B 146 15.45 -39.11 -30.40
CA THR B 146 14.60 -37.92 -30.43
C THR B 146 13.47 -38.12 -31.44
N GLN B 147 13.83 -38.50 -32.66
CA GLN B 147 12.84 -38.73 -33.71
C GLN B 147 11.90 -39.88 -33.36
N LEU B 148 12.41 -40.86 -32.61
CA LEU B 148 11.59 -41.99 -32.18
C LEU B 148 10.49 -41.53 -31.23
N TYR B 149 10.88 -40.86 -30.15
CA TYR B 149 9.92 -40.36 -29.17
C TYR B 149 8.92 -39.42 -29.83
N ARG B 150 9.45 -38.48 -30.60
CA ARG B 150 8.65 -37.46 -31.25
C ARG B 150 7.60 -38.09 -32.16
N THR B 151 7.96 -39.20 -32.80
CA THR B 151 7.04 -39.92 -33.68
C THR B 151 5.94 -40.59 -32.88
N LEU B 152 6.32 -41.35 -31.85
CA LEU B 152 5.37 -42.11 -31.06
C LEU B 152 4.31 -41.22 -30.39
N PHE B 153 4.72 -40.05 -29.91
CA PHE B 153 3.78 -39.13 -29.28
C PHE B 153 2.84 -38.50 -30.31
N SER B 154 3.27 -38.46 -31.57
CA SER B 154 2.51 -37.77 -32.62
C SER B 154 1.52 -38.70 -33.32
N VAL B 155 1.73 -40.01 -33.21
CA VAL B 155 0.87 -40.97 -33.90
C VAL B 155 -0.28 -41.46 -33.02
N ILE B 156 -0.08 -41.42 -31.70
CA ILE B 156 -1.02 -42.02 -30.78
C ILE B 156 -2.41 -41.38 -30.84
N ASN B 157 -3.43 -42.25 -30.91
CA ASN B 157 -4.82 -41.84 -30.85
C ASN B 157 -5.55 -42.67 -29.82
N ASN B 158 -6.84 -42.39 -29.63
CA ASN B 158 -7.65 -43.16 -28.69
C ASN B 158 -8.10 -44.50 -29.27
N GLY B 159 -7.69 -44.78 -30.52
CA GLY B 159 -8.05 -46.01 -31.18
C GLY B 159 -7.17 -47.17 -30.77
N HIS B 160 -6.02 -46.88 -30.20
CA HIS B 160 -5.08 -47.91 -29.76
C HIS B 160 -5.47 -48.48 -28.41
N ASN B 161 -5.42 -49.81 -28.28
CA ASN B 161 -5.64 -50.47 -27.00
C ASN B 161 -4.42 -50.30 -26.11
N GLN B 162 -4.54 -50.74 -24.86
CA GLN B 162 -3.45 -50.58 -23.90
C GLN B 162 -2.24 -51.44 -24.26
N LYS B 163 -2.45 -52.45 -25.10
CA LYS B 163 -1.36 -53.29 -25.57
C LYS B 163 -0.32 -52.46 -26.31
N VAL B 164 -0.79 -51.42 -26.99
CA VAL B 164 0.09 -50.51 -27.71
C VAL B 164 0.88 -49.64 -26.72
N HIS B 165 0.15 -48.99 -25.82
CA HIS B 165 0.76 -48.15 -24.79
C HIS B 165 1.87 -48.89 -24.06
N MSE B 166 1.57 -50.11 -23.63
CA MSE B 166 2.53 -50.93 -22.89
C MSE B 166 3.83 -51.10 -23.65
O MSE B 166 4.92 -51.07 -23.06
CB MSE B 166 1.92 -52.29 -22.57
CG MSE B 166 0.82 -52.26 -21.52
SE MSE B 166 -0.25 -53.89 -21.52
CE MSE B 166 1.19 -55.20 -21.33
H MSE B 166 0.82 -50.50 -23.76
HA MSE B 166 2.71 -50.49 -22.04
HB2 MSE B 166 1.54 -52.67 -23.38
HB3 MSE B 166 2.62 -52.89 -22.24
HG2 MSE B 166 1.22 -52.16 -20.64
HG3 MSE B 166 0.24 -51.52 -21.70
HE1 MSE B 166 0.82 -56.09 -21.31
HE2 MSE B 166 1.80 -55.11 -22.08
HE3 MSE B 166 1.67 -55.02 -20.50
N HIS B 167 3.73 -51.29 -24.96
CA HIS B 167 4.91 -51.48 -25.79
C HIS B 167 5.63 -50.16 -26.05
N MSE B 168 4.86 -49.10 -26.27
CA MSE B 168 5.44 -47.77 -26.45
C MSE B 168 6.25 -47.38 -25.23
O MSE B 168 7.41 -46.97 -25.35
CB MSE B 168 4.35 -46.73 -26.71
CG MSE B 168 3.65 -46.86 -28.05
SE MSE B 168 3.03 -45.12 -28.71
CE MSE B 168 1.92 -45.68 -30.22
H MSE B 168 4.00 -49.12 -26.31
HA MSE B 168 6.02 -47.79 -27.22
HB2 MSE B 168 3.67 -46.80 -26.02
HB3 MSE B 168 4.76 -45.85 -26.68
HG2 MSE B 168 4.27 -47.23 -28.71
HG3 MSE B 168 2.88 -47.44 -27.96
HE1 MSE B 168 1.55 -44.89 -30.63
HE2 MSE B 168 2.47 -46.17 -30.85
HE3 MSE B 168 1.21 -46.25 -29.89
N VAL B 169 5.65 -47.52 -24.05
CA VAL B 169 6.32 -47.19 -22.80
C VAL B 169 7.50 -48.13 -22.56
N ASP B 170 7.27 -49.43 -22.73
CA ASP B 170 8.33 -50.42 -22.56
C ASP B 170 9.48 -50.14 -23.51
N LEU B 171 9.14 -49.71 -24.72
CA LEU B 171 10.13 -49.33 -25.71
C LEU B 171 10.94 -48.13 -25.26
N MSE B 172 10.23 -47.03 -24.98
CA MSE B 172 10.87 -45.76 -24.62
C MSE B 172 11.58 -45.84 -23.27
O MSE B 172 12.57 -45.15 -23.04
CB MSE B 172 9.84 -44.64 -24.60
CG MSE B 172 9.24 -44.32 -25.96
SE MSE B 172 8.02 -42.80 -25.94
CE MSE B 172 6.55 -43.58 -24.93
H MSE B 172 9.38 -46.99 -24.98
HA MSE B 172 11.53 -45.54 -25.29
HB2 MSE B 172 9.12 -44.89 -24.00
HB3 MSE B 172 10.26 -43.82 -24.27
HG2 MSE B 172 9.96 -44.13 -26.58
HG3 MSE B 172 8.73 -45.10 -26.27
HE1 MSE B 172 5.85 -42.93 -24.83
HE2 MSE B 172 6.22 -44.37 -25.40
HE3 MSE B 172 6.88 -43.84 -24.06
N SER B 173 11.05 -46.67 -22.36
CA SER B 173 11.64 -46.84 -21.04
C SER B 173 13.10 -47.27 -21.12
N SER B 174 13.38 -48.16 -22.07
CA SER B 174 14.70 -48.78 -22.18
C SER B 174 15.77 -47.79 -22.58
N ILE B 175 15.46 -46.89 -23.51
CA ILE B 175 16.44 -45.92 -23.99
C ILE B 175 16.90 -45.02 -22.86
N ILE B 176 16.00 -44.73 -21.93
CA ILE B 176 16.33 -43.86 -20.80
C ILE B 176 17.13 -44.62 -19.74
N CYS B 177 16.58 -45.74 -19.28
CA CYS B 177 17.22 -46.55 -18.24
C CYS B 177 18.62 -47.02 -18.62
N GLU B 178 18.71 -47.74 -19.74
CA GLU B 178 19.95 -48.41 -20.12
C GLU B 178 20.95 -47.47 -20.79
N GLY B 179 20.49 -46.28 -21.17
CA GLY B 179 21.37 -45.28 -21.75
C GLY B 179 22.25 -44.67 -20.68
N ASP B 180 23.35 -44.04 -21.09
CA ASP B 180 24.29 -43.44 -20.15
C ASP B 180 23.88 -42.01 -19.79
N THR B 181 23.18 -41.35 -20.70
CA THR B 181 22.69 -39.99 -20.45
C THR B 181 21.36 -39.73 -21.17
N VAL B 182 20.71 -38.63 -20.78
CA VAL B 182 19.49 -38.18 -21.42
C VAL B 182 19.59 -36.69 -21.69
N SER B 183 19.81 -36.33 -22.95
CA SER B 183 19.94 -34.93 -23.33
C SER B 183 18.70 -34.15 -22.97
N GLN B 184 18.80 -32.83 -22.97
CA GLN B 184 17.65 -31.99 -22.68
C GLN B 184 16.62 -32.11 -23.78
N GLU B 185 17.10 -32.22 -25.03
CA GLU B 185 16.22 -32.34 -26.18
C GLU B 185 15.36 -33.59 -26.09
N LEU B 186 15.96 -34.71 -25.71
CA LEU B 186 15.22 -35.95 -25.59
C LEU B 186 14.21 -35.88 -24.46
N LEU B 187 14.59 -35.22 -23.37
CA LEU B 187 13.69 -35.04 -22.24
C LEU B 187 12.52 -34.12 -22.61
N ASP B 188 12.80 -33.12 -23.43
CA ASP B 188 11.77 -32.17 -23.85
C ASP B 188 10.67 -32.85 -24.68
N THR B 189 11.06 -33.86 -25.47
CA THR B 189 10.08 -34.58 -26.29
C THR B 189 9.02 -35.24 -25.44
N VAL B 190 9.37 -35.54 -24.19
CA VAL B 190 8.45 -36.16 -23.25
C VAL B 190 7.64 -35.11 -22.50
N LEU B 191 8.33 -34.10 -21.96
CA LEU B 191 7.71 -33.10 -21.10
C LEU B 191 6.78 -32.17 -21.87
N VAL B 192 7.05 -32.00 -23.16
CA VAL B 192 6.26 -31.09 -23.98
C VAL B 192 4.78 -31.50 -24.00
N ASN B 193 4.52 -32.76 -23.70
CA ASN B 193 3.17 -33.28 -23.67
C ASN B 193 2.40 -32.87 -22.41
N LEU B 194 3.15 -32.46 -21.39
CA LEU B 194 2.55 -32.15 -20.09
C LEU B 194 2.07 -30.71 -19.97
N VAL B 195 2.55 -29.83 -20.84
CA VAL B 195 2.16 -28.44 -20.77
C VAL B 195 0.65 -28.31 -21.03
N PRO B 196 0.00 -27.29 -20.47
CA PRO B 196 -1.46 -27.18 -20.56
C PRO B 196 -2.00 -27.17 -21.99
N ALA B 197 -1.33 -26.46 -22.89
CA ALA B 197 -1.79 -26.35 -24.27
C ALA B 197 -1.79 -27.69 -24.99
N HIS B 198 -0.74 -28.47 -24.80
CA HIS B 198 -0.63 -29.78 -25.45
C HIS B 198 -1.45 -30.83 -24.70
N LYS B 199 -1.69 -30.59 -23.42
CA LYS B 199 -2.47 -31.51 -22.59
C LYS B 199 -3.91 -31.60 -23.09
N ASN B 200 -4.48 -30.44 -23.43
CA ASN B 200 -5.89 -30.38 -23.84
C ASN B 200 -6.13 -30.93 -25.24
N LEU B 201 -5.32 -30.51 -26.19
CA LEU B 201 -5.48 -30.96 -27.57
C LEU B 201 -5.21 -32.45 -27.74
N ASN B 202 -4.20 -32.95 -27.04
CA ASN B 202 -3.83 -34.37 -27.12
C ASN B 202 -3.81 -35.01 -25.74
N LYS B 203 -4.92 -35.64 -25.38
CA LYS B 203 -5.07 -36.30 -24.09
C LYS B 203 -4.27 -37.62 -24.06
N GLN B 204 -4.13 -38.25 -25.23
CA GLN B 204 -3.49 -39.55 -25.32
C GLN B 204 -1.96 -39.45 -25.21
N ALA B 205 -1.38 -38.48 -25.89
CA ALA B 205 0.05 -38.23 -25.77
C ALA B 205 0.39 -37.82 -24.34
N TYR B 206 -0.53 -37.08 -23.72
CA TYR B 206 -0.39 -36.67 -22.34
C TYR B 206 -0.34 -37.89 -21.41
N ASP B 207 -1.25 -38.83 -21.61
CA ASP B 207 -1.31 -40.03 -20.78
C ASP B 207 -0.10 -40.94 -21.04
N LEU B 208 0.32 -41.02 -22.30
CA LEU B 208 1.49 -41.81 -22.65
C LEU B 208 2.73 -41.25 -21.98
N ALA B 209 2.80 -39.92 -21.90
CA ALA B 209 3.90 -39.24 -21.23
C ALA B 209 3.85 -39.54 -19.74
N LYS B 210 2.66 -39.46 -19.16
CA LYS B 210 2.46 -39.81 -17.75
C LYS B 210 2.96 -41.21 -17.47
N ALA B 211 2.59 -42.14 -18.34
CA ALA B 211 2.96 -43.55 -18.19
C ALA B 211 4.47 -43.72 -18.24
N LEU B 212 5.11 -43.02 -19.18
CA LEU B 212 6.55 -43.12 -19.37
C LEU B 212 7.30 -42.59 -18.15
N LEU B 213 6.88 -41.41 -17.68
CA LEU B 213 7.55 -40.76 -16.56
C LEU B 213 7.41 -41.56 -15.27
N LYS B 214 6.25 -42.17 -15.07
CA LYS B 214 5.99 -42.93 -13.86
C LYS B 214 6.85 -44.20 -13.82
N ARG B 215 6.96 -44.87 -14.96
CA ARG B 215 7.76 -46.09 -15.06
C ARG B 215 9.25 -45.78 -14.91
N THR B 216 9.67 -44.63 -15.43
CA THR B 216 11.08 -44.27 -15.51
C THR B 216 11.49 -43.27 -14.43
N ALA B 217 10.64 -43.12 -13.42
CA ALA B 217 10.82 -42.09 -12.39
C ALA B 217 12.22 -42.11 -11.77
N GLN B 218 12.65 -43.28 -11.29
CA GLN B 218 13.93 -43.41 -10.61
C GLN B 218 15.11 -43.04 -11.51
N ALA B 219 15.03 -43.42 -12.78
CA ALA B 219 16.14 -43.23 -13.70
C ALA B 219 16.20 -41.82 -14.29
N ILE B 220 15.04 -41.20 -14.46
CA ILE B 220 14.95 -39.92 -15.18
C ILE B 220 15.02 -38.71 -14.25
N GLU B 221 14.85 -38.96 -12.94
CA GLU B 221 14.83 -37.89 -11.95
C GLU B 221 16.04 -36.95 -12.03
N PRO B 222 17.26 -37.49 -12.18
CA PRO B 222 18.44 -36.61 -12.20
C PRO B 222 18.43 -35.58 -13.31
N TYR B 223 17.93 -35.96 -14.48
CA TYR B 223 17.92 -35.06 -15.64
C TYR B 223 16.81 -34.03 -15.49
N ILE B 224 15.74 -34.43 -14.82
CA ILE B 224 14.65 -33.51 -14.50
C ILE B 224 15.13 -32.47 -13.50
N THR B 225 15.84 -32.93 -12.47
CA THR B 225 16.41 -32.04 -11.47
C THR B 225 17.37 -31.05 -12.12
N ASN B 226 18.20 -31.54 -13.04
CA ASN B 226 19.14 -30.69 -13.74
C ASN B 226 18.43 -29.62 -14.55
N PHE B 227 17.26 -29.97 -15.08
CA PHE B 227 16.49 -29.05 -15.92
C PHE B 227 15.99 -27.87 -15.11
N PHE B 228 15.30 -28.14 -14.02
CA PHE B 228 14.75 -27.08 -13.18
C PHE B 228 15.87 -26.27 -12.52
N ASN B 229 16.90 -26.97 -12.07
CA ASN B 229 18.05 -26.30 -11.45
C ASN B 229 18.72 -25.32 -12.39
N GLN B 230 18.59 -25.56 -13.69
CA GLN B 230 19.22 -24.71 -14.68
C GLN B 230 18.41 -23.44 -14.92
N VAL B 231 17.09 -23.57 -14.87
CA VAL B 231 16.19 -22.48 -15.25
C VAL B 231 15.70 -21.69 -14.03
N LEU B 232 15.44 -22.38 -12.93
CA LEU B 232 15.02 -21.72 -11.70
C LEU B 232 16.18 -21.02 -11.02
N MSE B 233 17.20 -21.80 -10.65
CA MSE B 233 18.32 -21.28 -9.88
C MSE B 233 19.26 -20.43 -10.74
O MSE B 233 19.38 -19.22 -10.54
CB MSE B 233 19.10 -22.44 -9.25
CG MSE B 233 18.24 -23.46 -8.52
SE MSE B 233 17.37 -22.75 -6.93
CE MSE B 233 18.95 -22.51 -5.81
H MSE B 233 17.26 -22.63 -10.84
HA MSE B 233 17.97 -20.73 -9.16
HB2 MSE B 233 19.59 -22.90 -9.95
HB3 MSE B 233 19.72 -22.07 -8.61
HG2 MSE B 233 17.55 -23.77 -9.13
HG3 MSE B 233 18.80 -24.20 -8.25
HE1 MSE B 233 18.68 -22.15 -4.95
HE2 MSE B 233 19.38 -23.38 -5.69
HE3 MSE B 233 19.57 -21.90 -6.25
N LEU B 234 19.91 -21.07 -11.70
CA LEU B 234 20.94 -20.41 -12.49
C LEU B 234 20.35 -19.46 -13.54
N GLY B 235 19.03 -19.44 -13.65
CA GLY B 235 18.34 -18.50 -14.53
C GLY B 235 18.61 -18.71 -16.00
N LYS B 236 19.23 -19.84 -16.35
CA LYS B 236 19.55 -20.15 -17.74
C LYS B 236 18.30 -20.61 -18.49
N THR B 237 17.58 -19.67 -19.09
CA THR B 237 16.37 -19.97 -19.83
C THR B 237 16.68 -20.45 -21.25
N SER B 238 17.97 -20.56 -21.56
CA SER B 238 18.41 -20.94 -22.90
C SER B 238 18.42 -22.44 -23.11
N ILE B 239 18.48 -23.18 -22.00
CA ILE B 239 18.63 -24.63 -22.04
C ILE B 239 17.46 -25.33 -22.74
N SER B 240 16.29 -24.70 -22.74
CA SER B 240 15.10 -25.31 -23.33
C SER B 240 14.04 -24.30 -23.74
N ASP B 241 13.11 -24.75 -24.58
CA ASP B 241 11.98 -23.94 -25.00
C ASP B 241 10.79 -24.12 -24.05
N LEU B 242 10.92 -25.07 -23.14
CA LEU B 242 9.92 -25.29 -22.11
C LEU B 242 10.23 -24.50 -20.84
N SER B 243 11.13 -23.53 -20.97
CA SER B 243 11.60 -22.77 -19.82
C SER B 243 10.50 -21.87 -19.24
N GLU B 244 9.51 -21.54 -20.07
CA GLU B 244 8.44 -20.65 -19.66
C GLU B 244 7.22 -21.39 -19.13
N HIS B 245 7.33 -22.72 -19.00
CA HIS B 245 6.24 -23.55 -18.51
C HIS B 245 6.66 -24.35 -17.27
N VAL B 246 7.76 -23.95 -16.65
CA VAL B 246 8.32 -24.71 -15.52
C VAL B 246 7.31 -24.94 -14.39
N PHE B 247 6.52 -23.93 -14.07
CA PHE B 247 5.60 -24.03 -12.94
C PHE B 247 4.44 -24.95 -13.27
N ASP B 248 3.93 -24.88 -14.50
CA ASP B 248 2.87 -25.78 -14.93
C ASP B 248 3.36 -27.23 -14.95
N LEU B 249 4.65 -27.41 -15.21
CA LEU B 249 5.24 -28.74 -15.30
C LEU B 249 5.47 -29.36 -13.93
N ILE B 250 5.97 -28.56 -12.99
CA ILE B 250 6.24 -29.03 -11.64
C ILE B 250 4.94 -29.51 -10.99
N LEU B 251 3.84 -28.88 -11.36
CA LEU B 251 2.53 -29.29 -10.85
C LEU B 251 2.15 -30.66 -11.41
N GLU B 252 2.37 -30.84 -12.71
CA GLU B 252 2.06 -32.11 -13.38
C GLU B 252 2.93 -33.24 -12.85
N LEU B 253 4.23 -33.00 -12.75
CA LEU B 253 5.18 -34.01 -12.33
C LEU B 253 4.94 -34.48 -10.90
N TYR B 254 4.30 -33.63 -10.10
CA TYR B 254 3.99 -33.99 -8.72
C TYR B 254 2.81 -34.95 -8.66
N ASN B 255 1.83 -34.72 -9.52
CA ASN B 255 0.63 -35.57 -9.58
C ASN B 255 0.93 -36.93 -10.19
N ILE B 256 2.05 -37.04 -10.90
CA ILE B 256 2.49 -38.30 -11.48
C ILE B 256 3.23 -39.14 -10.44
N ASP B 257 4.39 -38.64 -10.02
CA ASP B 257 5.21 -39.32 -9.01
C ASP B 257 5.92 -38.28 -8.15
N SER B 258 5.73 -38.39 -6.84
CA SER B 258 6.34 -37.46 -5.89
C SER B 258 7.85 -37.45 -6.00
N HIS B 259 8.44 -38.60 -6.32
CA HIS B 259 9.89 -38.75 -6.37
C HIS B 259 10.53 -37.89 -7.44
N LEU B 260 9.80 -37.63 -8.53
CA LEU B 260 10.32 -36.84 -9.64
C LEU B 260 10.84 -35.47 -9.21
N LEU B 261 10.28 -34.95 -8.11
CA LEU B 261 10.60 -33.60 -7.64
C LEU B 261 11.36 -33.62 -6.32
N LEU B 262 12.02 -34.74 -6.03
CA LEU B 262 12.74 -34.91 -4.77
C LEU B 262 13.72 -33.76 -4.51
N SER B 263 14.49 -33.41 -5.53
CA SER B 263 15.50 -32.37 -5.41
C SER B 263 14.98 -31.00 -5.87
N VAL B 264 13.71 -30.95 -6.26
CA VAL B 264 13.11 -29.72 -6.76
C VAL B 264 12.39 -28.96 -5.65
N LEU B 265 11.83 -29.69 -4.69
CA LEU B 265 11.12 -29.07 -3.58
C LEU B 265 12.04 -28.15 -2.77
N PRO B 266 13.29 -28.58 -2.50
CA PRO B 266 14.23 -27.65 -1.87
C PRO B 266 14.46 -26.38 -2.68
N GLN B 267 14.30 -26.46 -4.01
CA GLN B 267 14.52 -25.29 -4.86
C GLN B 267 13.35 -24.32 -4.73
N LEU B 268 12.17 -24.85 -4.47
CA LEU B 268 10.99 -24.01 -4.28
C LEU B 268 11.05 -23.34 -2.91
N GLU B 269 11.57 -24.05 -1.92
CA GLU B 269 11.72 -23.52 -0.58
C GLU B 269 12.63 -22.28 -0.62
N PHE B 270 13.62 -22.33 -1.48
CA PHE B 270 14.58 -21.24 -1.64
C PHE B 270 13.94 -20.07 -2.40
N LYS B 271 13.00 -20.38 -3.28
CA LYS B 271 12.35 -19.37 -4.11
C LYS B 271 11.31 -18.58 -3.31
N LEU B 272 10.84 -19.15 -2.20
CA LEU B 272 9.93 -18.43 -1.32
C LEU B 272 10.64 -17.26 -0.63
N LYS B 273 11.97 -17.23 -0.74
CA LYS B 273 12.77 -16.18 -0.14
C LYS B 273 13.27 -15.19 -1.19
N SER B 274 12.74 -15.32 -2.41
CA SER B 274 13.14 -14.45 -3.50
C SER B 274 12.70 -13.01 -3.25
N ASN B 275 13.57 -12.06 -3.60
CA ASN B 275 13.25 -10.65 -3.46
C ASN B 275 12.32 -10.18 -4.58
N ASP B 276 12.25 -10.95 -5.65
CA ASP B 276 11.34 -10.64 -6.75
C ASP B 276 9.92 -10.97 -6.34
N ASN B 277 9.05 -9.96 -6.36
CA ASN B 277 7.68 -10.12 -5.88
C ASN B 277 6.82 -10.95 -6.82
N GLU B 278 7.02 -10.79 -8.12
CA GLU B 278 6.24 -11.54 -9.11
C GLU B 278 6.67 -13.01 -9.13
N GLU B 279 7.96 -13.24 -9.00
CA GLU B 279 8.48 -14.61 -8.98
C GLU B 279 7.97 -15.33 -7.73
N ARG B 280 8.08 -14.67 -6.59
CA ARG B 280 7.64 -15.24 -5.32
C ARG B 280 6.15 -15.51 -5.33
N LEU B 281 5.40 -14.70 -6.07
CA LEU B 281 3.95 -14.88 -6.18
C LEU B 281 3.60 -16.14 -6.94
N GLN B 282 4.38 -16.47 -7.96
CA GLN B 282 4.12 -17.65 -8.78
C GLN B 282 4.40 -18.93 -8.02
N VAL B 283 5.35 -18.88 -7.09
CA VAL B 283 5.68 -20.03 -6.28
C VAL B 283 4.59 -20.30 -5.24
N VAL B 284 4.03 -19.22 -4.69
CA VAL B 284 2.93 -19.35 -3.74
C VAL B 284 1.68 -19.84 -4.46
N LYS B 285 1.40 -19.26 -5.63
CA LYS B 285 0.30 -19.71 -6.47
C LYS B 285 0.41 -21.20 -6.78
N LEU B 286 1.64 -21.64 -7.02
CA LEU B 286 1.91 -23.03 -7.34
C LEU B 286 1.66 -23.94 -6.14
N LEU B 287 2.40 -23.71 -5.06
CA LEU B 287 2.32 -24.55 -3.87
C LEU B 287 0.90 -24.59 -3.30
N ALA B 288 0.11 -23.56 -3.59
CA ALA B 288 -1.28 -23.52 -3.15
C ALA B 288 -2.08 -24.63 -3.84
N LYS B 289 -1.74 -24.91 -5.09
CA LYS B 289 -2.40 -25.97 -5.84
C LYS B 289 -1.99 -27.34 -5.29
N MSE B 290 -0.70 -27.49 -4.99
CA MSE B 290 -0.18 -28.77 -4.50
C MSE B 290 -0.73 -29.11 -3.11
O MSE B 290 -1.38 -30.14 -2.92
CB MSE B 290 1.34 -28.75 -4.44
CG MSE B 290 2.03 -28.34 -5.74
SE MSE B 290 3.88 -28.98 -5.79
CE MSE B 290 4.71 -27.52 -6.75
H MSE B 290 -0.11 -26.88 -5.06
HA MSE B 290 -0.45 -29.47 -5.12
HB2 MSE B 290 1.62 -28.12 -3.76
HB3 MSE B 290 1.65 -29.63 -4.21
HG2 MSE B 290 1.56 -28.73 -6.49
HG3 MSE B 290 2.04 -27.38 -5.81
HE1 MSE B 290 5.66 -27.70 -6.85
HE2 MSE B 290 4.30 -27.44 -7.62
HE3 MSE B 290 4.59 -26.70 -6.25
N PHE B 291 -0.46 -28.24 -2.14
CA PHE B 291 -0.90 -28.44 -0.76
C PHE B 291 -2.43 -28.59 -0.67
N GLY B 292 -3.14 -27.78 -1.43
CA GLY B 292 -4.59 -27.66 -1.27
C GLY B 292 -5.42 -28.65 -2.08
N ALA B 293 -4.76 -29.54 -2.81
CA ALA B 293 -5.46 -30.55 -3.60
C ALA B 293 -6.20 -31.51 -2.68
N LYS B 294 -7.22 -32.17 -3.21
CA LYS B 294 -8.05 -33.08 -2.41
C LYS B 294 -7.22 -34.29 -1.96
N ASP B 295 -6.49 -34.89 -2.91
CA ASP B 295 -5.65 -36.05 -2.61
C ASP B 295 -4.18 -35.65 -2.60
N SER B 296 -3.75 -35.03 -1.52
CA SER B 296 -2.38 -34.58 -1.38
C SER B 296 -1.81 -34.97 -0.02
N GLU B 297 -0.48 -35.00 0.08
CA GLU B 297 0.21 -35.38 1.30
C GLU B 297 1.53 -34.63 1.41
N LEU B 298 1.61 -33.48 0.75
CA LEU B 298 2.86 -32.72 0.68
C LEU B 298 3.24 -32.15 2.04
N ALA B 299 2.25 -31.73 2.81
CA ALA B 299 2.49 -31.12 4.12
C ALA B 299 3.06 -32.14 5.11
N SER B 300 2.61 -33.38 5.00
CA SER B 300 3.09 -34.45 5.89
C SER B 300 4.48 -34.91 5.50
N GLN B 301 4.74 -34.98 4.19
CA GLN B 301 6.02 -35.45 3.68
C GLN B 301 7.12 -34.41 3.85
N ASN B 302 6.77 -33.13 3.65
CA ASN B 302 7.73 -32.04 3.73
C ASN B 302 7.26 -30.94 4.69
N LYS B 303 7.57 -31.11 5.97
CA LYS B 303 7.11 -30.20 7.01
C LYS B 303 7.76 -28.81 6.94
N PRO B 304 9.08 -28.75 6.74
CA PRO B 304 9.72 -27.43 6.62
C PRO B 304 9.15 -26.58 5.49
N LEU B 305 8.87 -27.21 4.35
CA LEU B 305 8.32 -26.49 3.20
C LEU B 305 6.93 -25.94 3.54
N TRP B 306 6.15 -26.74 4.25
CA TRP B 306 4.82 -26.33 4.69
C TRP B 306 4.92 -25.08 5.56
N GLN B 307 5.91 -25.06 6.43
CA GLN B 307 6.11 -23.93 7.35
C GLN B 307 6.53 -22.66 6.63
N CYS B 308 7.47 -22.79 5.70
CA CYS B 308 7.92 -21.64 4.92
C CYS B 308 6.76 -21.06 4.13
N TYR B 309 5.92 -21.94 3.59
CA TYR B 309 4.76 -21.53 2.81
C TYR B 309 3.77 -20.74 3.66
N LEU B 310 3.46 -21.27 4.84
CA LEU B 310 2.53 -20.61 5.75
C LEU B 310 3.04 -19.21 6.13
N GLY B 311 4.35 -19.07 6.22
CA GLY B 311 4.96 -17.80 6.56
C GLY B 311 4.63 -16.70 5.56
N ARG B 312 4.17 -17.10 4.38
CA ARG B 312 3.82 -16.14 3.33
C ARG B 312 2.44 -15.51 3.57
N PHE B 313 1.76 -15.96 4.62
CA PHE B 313 0.53 -15.29 5.05
C PHE B 313 0.86 -13.88 5.53
N ASN B 314 2.11 -13.68 5.96
CA ASN B 314 2.56 -12.37 6.45
C ASN B 314 3.41 -11.64 5.42
N ASP B 315 3.25 -11.98 4.14
CA ASP B 315 4.05 -11.39 3.08
C ASP B 315 3.62 -9.95 2.82
N ILE B 316 4.60 -9.07 2.70
CA ILE B 316 4.35 -7.65 2.46
C ILE B 316 3.64 -7.41 1.14
N HIS B 317 3.78 -8.33 0.20
CA HIS B 317 3.15 -8.20 -1.13
C HIS B 317 1.69 -8.65 -1.06
N VAL B 318 0.78 -7.75 -1.40
CA VAL B 318 -0.65 -8.00 -1.19
C VAL B 318 -1.17 -9.22 -1.98
N PRO B 319 -0.84 -9.31 -3.28
CA PRO B 319 -1.31 -10.46 -4.07
C PRO B 319 -0.94 -11.80 -3.45
N ILE B 320 0.17 -11.85 -2.73
CA ILE B 320 0.59 -13.09 -2.08
C ILE B 320 -0.28 -13.36 -0.87
N ARG B 321 -0.49 -12.34 -0.04
CA ARG B 321 -1.38 -12.46 1.11
C ARG B 321 -2.76 -12.91 0.68
N LEU B 322 -3.23 -12.36 -0.44
CA LEU B 322 -4.57 -12.64 -0.94
C LEU B 322 -4.65 -14.06 -1.48
N GLU B 323 -3.55 -14.56 -2.04
CA GLU B 323 -3.50 -15.91 -2.58
C GLU B 323 -3.57 -16.94 -1.46
N CYS B 324 -2.91 -16.63 -0.34
CA CYS B 324 -2.89 -17.53 0.81
C CYS B 324 -4.27 -17.60 1.47
N VAL B 325 -4.96 -16.47 1.56
CA VAL B 325 -6.28 -16.43 2.19
C VAL B 325 -7.30 -17.21 1.36
N LYS B 326 -7.16 -17.13 0.04
CA LYS B 326 -8.05 -17.87 -0.85
C LYS B 326 -7.72 -19.36 -0.83
N PHE B 327 -6.45 -19.68 -0.60
CA PHE B 327 -6.03 -21.07 -0.45
C PHE B 327 -6.58 -21.68 0.84
N ALA B 328 -6.66 -20.85 1.88
CA ALA B 328 -7.13 -21.31 3.18
C ALA B 328 -8.55 -21.85 3.09
N SER B 329 -9.32 -21.32 2.15
CA SER B 329 -10.68 -21.80 1.92
C SER B 329 -10.68 -23.30 1.62
N HIS B 330 -9.93 -23.70 0.60
CA HIS B 330 -9.89 -25.10 0.19
C HIS B 330 -9.21 -25.96 1.24
N CYS B 331 -8.14 -25.45 1.85
CA CYS B 331 -7.42 -26.20 2.87
C CYS B 331 -8.28 -26.45 4.09
N LEU B 332 -9.30 -25.62 4.28
CA LEU B 332 -10.24 -25.80 5.40
C LEU B 332 -11.20 -26.93 5.10
N MSE B 333 -11.56 -27.08 3.83
CA MSE B 333 -12.56 -28.06 3.41
C MSE B 333 -11.93 -29.39 3.00
O MSE B 333 -12.47 -30.45 3.28
CB MSE B 333 -13.38 -27.50 2.25
CG MSE B 333 -14.18 -26.26 2.61
SE MSE B 333 -15.26 -25.58 1.14
CE MSE B 333 -14.13 -24.09 0.58
H MSE B 333 -11.24 -26.62 3.18
HA MSE B 333 -13.17 -28.22 4.15
HB2 MSE B 333 -12.78 -27.26 1.52
HB3 MSE B 333 -14.01 -28.18 1.95
HG2 MSE B 333 -14.77 -26.48 3.35
HG3 MSE B 333 -13.57 -25.56 2.89
HE1 MSE B 333 -14.55 -23.63 -0.16
HE2 MSE B 333 -14.03 -23.48 1.33
HE3 MSE B 333 -13.26 -24.43 0.33
N ASN B 334 -10.78 -29.32 2.34
CA ASN B 334 -10.14 -30.50 1.76
C ASN B 334 -8.99 -31.05 2.60
N HIS B 335 -8.64 -30.33 3.67
CA HIS B 335 -7.60 -30.79 4.58
C HIS B 335 -7.86 -30.37 6.02
N PRO B 336 -8.94 -30.92 6.63
CA PRO B 336 -9.35 -30.58 8.00
C PRO B 336 -8.22 -30.68 9.04
N ASP B 337 -7.22 -31.51 8.76
CA ASP B 337 -6.14 -31.73 9.72
C ASP B 337 -5.06 -30.65 9.62
N LEU B 338 -5.17 -29.80 8.61
CA LEU B 338 -4.26 -28.66 8.44
C LEU B 338 -4.90 -27.37 8.96
N ALA B 339 -6.21 -27.38 9.12
CA ALA B 339 -6.97 -26.19 9.50
C ALA B 339 -6.45 -25.56 10.80
N LYS B 340 -5.87 -26.38 11.66
CA LYS B 340 -5.35 -25.89 12.94
C LYS B 340 -4.13 -24.99 12.73
N ASP B 341 -3.43 -25.19 11.63
CA ASP B 341 -2.22 -24.43 11.33
C ASP B 341 -2.52 -23.06 10.74
N LEU B 342 -3.76 -22.88 10.28
CA LEU B 342 -4.16 -21.63 9.63
C LEU B 342 -4.84 -20.63 10.56
N THR B 343 -5.14 -21.06 11.78
CA THR B 343 -5.94 -20.24 12.69
C THR B 343 -5.25 -18.91 13.03
N GLU B 344 -3.98 -18.96 13.41
CA GLU B 344 -3.27 -17.75 13.81
C GLU B 344 -3.10 -16.79 12.64
N TYR B 345 -3.04 -17.33 11.42
CA TYR B 345 -2.83 -16.51 10.23
C TYR B 345 -4.12 -15.86 9.77
N LEU B 346 -5.21 -16.63 9.71
CA LEU B 346 -6.52 -16.07 9.38
C LEU B 346 -6.91 -15.02 10.40
N LYS B 347 -6.42 -15.18 11.63
CA LYS B 347 -6.70 -14.23 12.70
C LYS B 347 -6.14 -12.85 12.36
N VAL B 348 -4.83 -12.76 12.16
CA VAL B 348 -4.19 -11.49 11.85
C VAL B 348 -4.69 -10.93 10.52
N ARG B 349 -5.02 -11.81 9.59
CA ARG B 349 -5.46 -11.38 8.27
C ARG B 349 -6.90 -10.83 8.32
N SER B 350 -7.62 -11.12 9.39
CA SER B 350 -8.94 -10.56 9.57
C SER B 350 -8.83 -9.10 10.02
N HIS B 351 -7.63 -8.70 10.43
CA HIS B 351 -7.33 -7.32 10.80
C HIS B 351 -6.50 -6.61 9.72
N ASP B 352 -6.44 -7.20 8.54
CA ASP B 352 -5.55 -6.72 7.47
C ASP B 352 -5.87 -5.29 7.03
N PRO B 353 -4.83 -4.49 6.73
CA PRO B 353 -5.07 -3.15 6.18
C PRO B 353 -5.88 -3.16 4.89
N GLU B 354 -5.67 -4.17 4.05
CA GLU B 354 -6.39 -4.26 2.78
C GLU B 354 -7.78 -4.86 2.97
N GLU B 355 -8.79 -4.12 2.54
CA GLU B 355 -10.18 -4.56 2.62
C GLU B 355 -10.40 -5.90 1.93
N ALA B 356 -9.80 -6.05 0.75
CA ALA B 356 -10.00 -7.26 -0.05
C ALA B 356 -9.54 -8.51 0.70
N ILE B 357 -8.49 -8.36 1.50
CA ILE B 357 -7.98 -9.47 2.29
C ILE B 357 -8.91 -9.76 3.46
N ARG B 358 -9.29 -8.72 4.20
CA ARG B 358 -10.22 -8.87 5.31
C ARG B 358 -11.52 -9.48 4.83
N HIS B 359 -11.94 -9.12 3.62
CA HIS B 359 -13.19 -9.62 3.06
C HIS B 359 -13.09 -11.10 2.72
N ASP B 360 -11.99 -11.50 2.08
CA ASP B 360 -11.83 -12.87 1.61
C ASP B 360 -11.60 -13.86 2.76
N VAL B 361 -11.06 -13.37 3.88
CA VAL B 361 -10.92 -14.22 5.05
C VAL B 361 -12.30 -14.68 5.52
N ILE B 362 -13.26 -13.78 5.45
CA ILE B 362 -14.63 -14.09 5.84
C ILE B 362 -15.25 -15.08 4.87
N VAL B 363 -15.03 -14.86 3.58
CA VAL B 363 -15.56 -15.75 2.55
C VAL B 363 -15.01 -17.16 2.73
N SER B 364 -13.73 -17.25 3.07
CA SER B 364 -13.09 -18.55 3.27
C SER B 364 -13.72 -19.29 4.44
N ILE B 365 -13.95 -18.58 5.54
CA ILE B 365 -14.50 -19.19 6.74
C ILE B 365 -15.98 -19.52 6.57
N VAL B 366 -16.73 -18.61 5.96
CA VAL B 366 -18.16 -18.80 5.77
C VAL B 366 -18.45 -19.89 4.74
N THR B 367 -17.68 -19.91 3.66
CA THR B 367 -17.84 -20.93 2.63
C THR B 367 -17.65 -22.33 3.23
N ALA B 368 -16.62 -22.46 4.06
CA ALA B 368 -16.33 -23.72 4.74
C ALA B 368 -17.43 -24.06 5.73
N ALA B 369 -17.82 -23.09 6.54
CA ALA B 369 -18.80 -23.31 7.61
C ALA B 369 -20.13 -23.81 7.05
N LYS B 370 -20.54 -23.31 5.89
CA LYS B 370 -21.83 -23.66 5.32
C LYS B 370 -21.82 -25.09 4.77
N LYS B 371 -20.66 -25.54 4.30
CA LYS B 371 -20.52 -26.91 3.84
C LYS B 371 -20.66 -27.87 5.02
N ASP B 372 -19.94 -27.57 6.10
CA ASP B 372 -19.98 -28.38 7.32
C ASP B 372 -19.42 -27.59 8.50
N ILE B 373 -20.27 -27.36 9.51
CA ILE B 373 -19.89 -26.55 10.65
C ILE B 373 -18.65 -27.10 11.37
N LEU B 374 -18.43 -28.41 11.24
CA LEU B 374 -17.30 -29.05 11.90
C LEU B 374 -15.97 -28.72 11.21
N LEU B 375 -16.02 -28.01 10.08
CA LEU B 375 -14.82 -27.60 9.37
C LEU B 375 -14.25 -26.31 9.93
N VAL B 376 -14.99 -25.65 10.81
CA VAL B 376 -14.54 -24.42 11.44
C VAL B 376 -14.66 -24.53 12.96
N ASN B 377 -13.66 -24.02 13.66
CA ASN B 377 -13.67 -23.99 15.12
C ASN B 377 -14.30 -22.69 15.61
N ASP B 378 -14.41 -22.54 16.93
CA ASP B 378 -15.03 -21.36 17.52
C ASP B 378 -14.21 -20.10 17.26
N HIS B 379 -12.89 -20.26 17.15
CA HIS B 379 -12.01 -19.13 16.91
C HIS B 379 -12.30 -18.47 15.57
N LEU B 380 -12.46 -19.27 14.53
CA LEU B 380 -12.71 -18.74 13.20
C LEU B 380 -14.05 -18.01 13.16
N LEU B 381 -15.08 -18.59 13.77
CA LEU B 381 -16.40 -17.97 13.79
C LEU B 381 -16.33 -16.65 14.56
N ASN B 382 -15.46 -16.59 15.57
CA ASN B 382 -15.31 -15.38 16.35
C ASN B 382 -14.69 -14.25 15.53
N PHE B 383 -13.84 -14.61 14.57
CA PHE B 383 -13.24 -13.62 13.68
C PHE B 383 -14.34 -13.00 12.82
N VAL B 384 -15.24 -13.85 12.33
CA VAL B 384 -16.34 -13.40 11.52
C VAL B 384 -17.25 -12.47 12.32
N ARG B 385 -17.36 -12.73 13.62
CA ARG B 385 -18.14 -11.87 14.50
C ARG B 385 -17.48 -10.50 14.62
N GLU B 386 -16.18 -10.50 14.90
CA GLU B 386 -15.42 -9.26 15.06
C GLU B 386 -15.55 -8.37 13.83
N ARG B 387 -15.81 -8.96 12.67
CA ARG B 387 -15.86 -8.22 11.42
C ARG B 387 -17.22 -7.58 11.17
N THR B 388 -18.20 -7.88 12.02
CA THR B 388 -19.49 -7.21 11.91
C THR B 388 -19.39 -5.79 12.45
N LEU B 389 -18.22 -5.46 13.02
CA LEU B 389 -17.91 -4.11 13.47
C LEU B 389 -16.80 -3.51 12.60
N ASP B 390 -16.65 -4.03 11.39
CA ASP B 390 -15.62 -3.56 10.48
C ASP B 390 -15.94 -2.15 10.02
N LYS B 391 -14.91 -1.40 9.65
CA LYS B 391 -15.08 -0.01 9.23
C LYS B 391 -15.65 0.09 7.82
N ARG B 392 -15.42 -0.95 7.02
CA ARG B 392 -15.91 -0.99 5.65
C ARG B 392 -17.25 -1.74 5.59
N TRP B 393 -18.25 -1.11 5.00
CA TRP B 393 -19.58 -1.70 4.92
C TRP B 393 -19.58 -3.02 4.17
N ARG B 394 -18.79 -3.09 3.11
CA ARG B 394 -18.73 -4.29 2.27
C ARG B 394 -18.26 -5.50 3.06
N VAL B 395 -17.47 -5.27 4.10
CA VAL B 395 -17.01 -6.33 4.98
C VAL B 395 -18.09 -6.70 5.99
N ARG B 396 -18.68 -5.69 6.61
CA ARG B 396 -19.75 -5.89 7.59
C ARG B 396 -20.91 -6.67 6.97
N LYS B 397 -21.26 -6.32 5.74
CA LYS B 397 -22.34 -6.99 5.02
C LYS B 397 -22.07 -8.48 4.92
N GLU B 398 -20.84 -8.82 4.52
CA GLU B 398 -20.46 -10.22 4.34
C GLU B 398 -20.46 -10.96 5.66
N ALA B 399 -19.95 -10.32 6.71
CA ALA B 399 -19.84 -10.94 8.02
C ALA B 399 -21.22 -11.24 8.61
N MSE B 400 -22.16 -10.33 8.41
CA MSE B 400 -23.50 -10.48 8.95
C MSE B 400 -24.30 -11.54 8.18
O MSE B 400 -25.02 -12.34 8.77
CB MSE B 400 -24.25 -9.15 8.91
CG MSE B 400 -23.88 -8.22 10.04
SE MSE B 400 -24.44 -6.39 9.72
CE MSE B 400 -23.03 -5.46 10.69
H MSE B 400 -22.04 -9.60 7.98
HA MSE B 400 -23.45 -10.77 9.87
HB2 MSE B 400 -24.04 -8.71 8.08
HB3 MSE B 400 -25.21 -9.33 8.97
HG2 MSE B 400 -24.31 -8.53 10.86
HG3 MSE B 400 -22.92 -8.23 10.15
HE1 MSE B 400 -23.16 -4.51 10.62
HE2 MSE B 400 -23.05 -5.74 11.62
HE3 MSE B 400 -22.17 -5.70 10.29
N MSE B 401 -24.14 -11.53 6.85
CA MSE B 401 -24.82 -12.52 6.01
C MSE B 401 -24.31 -13.93 6.29
O MSE B 401 -25.08 -14.89 6.31
CB MSE B 401 -24.64 -12.17 4.53
CG MSE B 401 -25.49 -11.01 4.07
SE MSE B 401 -27.39 -11.43 4.14
CE MSE B 401 -27.46 -12.82 2.77
H MSE B 401 -23.66 -10.98 6.42
HA MSE B 401 -25.77 -12.49 6.21
HB2 MSE B 401 -23.71 -11.94 4.38
HB3 MSE B 401 -24.87 -12.95 4.00
HG2 MSE B 401 -25.33 -10.24 4.63
HG3 MSE B 401 -25.26 -10.80 3.14
HE1 MSE B 401 -28.37 -13.14 2.68
HE2 MSE B 401 -27.16 -12.45 1.92
HE3 MSE B 401 -26.88 -13.55 3.03
N GLY B 402 -23.00 -14.05 6.51
CA GLY B 402 -22.40 -15.33 6.80
C GLY B 402 -23.00 -15.96 8.02
N LEU B 403 -23.09 -15.20 9.10
CA LEU B 403 -23.62 -15.71 10.36
C LEU B 403 -25.12 -15.97 10.27
N ALA B 404 -25.82 -15.16 9.48
CA ALA B 404 -27.25 -15.35 9.29
C ALA B 404 -27.51 -16.67 8.58
N GLN B 405 -26.67 -16.97 7.60
CA GLN B 405 -26.80 -18.21 6.85
C GLN B 405 -26.41 -19.41 7.72
N ILE B 406 -25.38 -19.23 8.53
CA ILE B 406 -24.93 -20.27 9.45
C ILE B 406 -25.99 -20.54 10.52
N TYR B 407 -26.67 -19.49 10.95
CA TYR B 407 -27.72 -19.63 11.95
C TYR B 407 -28.90 -20.43 11.42
N LYS B 408 -29.38 -20.05 10.23
CA LYS B 408 -30.54 -20.70 9.64
C LYS B 408 -30.28 -22.20 9.44
N LYS B 409 -29.05 -22.55 9.14
CA LYS B 409 -28.71 -23.93 8.82
C LYS B 409 -28.44 -24.79 10.05
N TYR B 410 -27.66 -24.26 10.99
CA TYR B 410 -27.14 -25.07 12.09
C TYR B 410 -27.82 -24.80 13.45
N ALA B 411 -28.75 -23.84 13.47
CA ALA B 411 -29.47 -23.52 14.72
C ALA B 411 -30.98 -23.62 14.52
N LEU B 412 -31.49 -22.96 13.49
CA LEU B 412 -32.91 -23.01 13.18
C LEU B 412 -33.30 -24.38 12.64
N GLN B 413 -32.63 -24.80 11.57
CA GLN B 413 -32.88 -26.10 10.97
C GLN B 413 -32.13 -27.20 11.72
N SER B 414 -31.02 -26.83 12.34
CA SER B 414 -30.22 -27.75 13.14
C SER B 414 -29.81 -28.99 12.33
N ALA B 415 -28.90 -28.79 11.38
CA ALA B 415 -28.49 -29.85 10.47
C ALA B 415 -27.31 -30.65 11.01
N ALA B 416 -26.58 -30.07 11.96
CA ALA B 416 -25.38 -30.70 12.51
C ALA B 416 -25.61 -31.26 13.91
N GLY B 417 -26.85 -31.18 14.39
CA GLY B 417 -27.22 -31.73 15.68
C GLY B 417 -27.54 -30.67 16.72
N LYS B 418 -27.67 -31.10 17.97
CA LYS B 418 -28.02 -30.21 19.06
C LYS B 418 -26.79 -29.58 19.69
N ASP B 419 -25.68 -30.32 19.70
CA ASP B 419 -24.43 -29.82 20.26
C ASP B 419 -23.82 -28.77 19.34
N ALA B 420 -24.11 -28.89 18.05
CA ALA B 420 -23.60 -27.93 17.07
C ALA B 420 -24.37 -26.62 17.15
N ALA B 421 -25.63 -26.70 17.59
CA ALA B 421 -26.47 -25.52 17.71
C ALA B 421 -26.16 -24.74 18.98
N LYS B 422 -25.63 -25.43 19.98
CA LYS B 422 -25.33 -24.80 21.27
C LYS B 422 -24.08 -23.94 21.20
N GLN B 423 -23.12 -24.32 20.37
CA GLN B 423 -21.92 -23.52 20.18
C GLN B 423 -22.25 -22.29 19.34
N ILE B 424 -23.39 -22.33 18.67
CA ILE B 424 -23.86 -21.26 17.79
C ILE B 424 -24.81 -20.32 18.52
N ALA B 425 -25.22 -20.71 19.73
CA ALA B 425 -26.24 -19.99 20.50
C ALA B 425 -26.06 -18.48 20.58
N TRP B 426 -24.83 -18.01 20.41
CA TRP B 426 -24.52 -16.58 20.56
C TRP B 426 -24.86 -15.74 19.33
N ILE B 427 -25.04 -16.39 18.18
CA ILE B 427 -25.24 -15.65 16.93
C ILE B 427 -26.50 -14.79 16.95
N LYS B 428 -27.62 -15.36 17.37
CA LYS B 428 -28.88 -14.62 17.39
C LYS B 428 -28.80 -13.39 18.30
N ASP B 429 -27.97 -13.47 19.33
CA ASP B 429 -27.79 -12.34 20.24
C ASP B 429 -26.92 -11.25 19.61
N LYS B 430 -25.83 -11.67 18.99
CA LYS B 430 -24.86 -10.72 18.44
C LYS B 430 -25.38 -10.02 17.19
N LEU B 431 -26.22 -10.71 16.41
CA LEU B 431 -26.76 -10.14 15.18
C LEU B 431 -27.76 -9.03 15.47
N LEU B 432 -28.49 -9.16 16.58
CA LEU B 432 -29.51 -8.17 16.91
C LEU B 432 -28.92 -6.96 17.63
N HIS B 433 -27.82 -7.16 18.35
CA HIS B 433 -27.11 -6.05 18.98
C HIS B 433 -26.67 -5.03 17.94
N ILE B 434 -26.58 -5.47 16.69
CA ILE B 434 -26.20 -4.61 15.57
C ILE B 434 -27.20 -3.47 15.37
N TYR B 435 -28.42 -3.66 15.84
CA TYR B 435 -29.46 -2.64 15.65
C TYR B 435 -29.17 -1.39 16.46
N TYR B 436 -28.20 -1.48 17.37
CA TYR B 436 -27.77 -0.32 18.15
C TYR B 436 -26.72 0.50 17.40
N GLN B 437 -26.49 0.19 16.12
CA GLN B 437 -25.50 0.90 15.33
C GLN B 437 -26.10 2.17 14.72
N ASN B 438 -25.25 3.15 14.44
CA ASN B 438 -25.69 4.38 13.82
C ASN B 438 -26.03 4.19 12.34
N SER B 439 -25.21 3.38 11.67
CA SER B 439 -25.38 3.15 10.23
C SER B 439 -26.78 2.64 9.90
N ILE B 440 -27.43 3.29 8.95
CA ILE B 440 -28.76 2.88 8.52
C ILE B 440 -28.67 1.58 7.71
N ASP B 441 -27.56 1.41 7.00
CA ASP B 441 -27.35 0.20 6.21
C ASP B 441 -27.29 -1.03 7.12
N ASP B 442 -26.60 -0.88 8.25
CA ASP B 442 -26.50 -1.96 9.23
C ASP B 442 -27.87 -2.34 9.77
N ARG B 443 -28.59 -1.34 10.27
CA ARG B 443 -29.88 -1.58 10.92
C ARG B 443 -30.89 -2.19 9.97
N LEU B 444 -30.87 -1.77 8.70
CA LEU B 444 -31.81 -2.29 7.73
C LEU B 444 -31.45 -3.70 7.29
N LEU B 445 -30.18 -4.06 7.45
CA LEU B 445 -29.73 -5.41 7.11
C LEU B 445 -30.18 -6.38 8.20
N VAL B 446 -30.18 -5.92 9.45
CA VAL B 446 -30.66 -6.71 10.56
C VAL B 446 -32.14 -7.05 10.36
N GLU B 447 -32.89 -6.09 9.83
CA GLU B 447 -34.31 -6.29 9.57
C GLU B 447 -34.53 -7.30 8.45
N ARG B 448 -33.69 -7.26 7.43
CA ARG B 448 -33.77 -8.20 6.32
C ARG B 448 -33.34 -9.59 6.77
N ILE B 449 -32.42 -9.65 7.72
CA ILE B 449 -31.93 -10.92 8.24
C ILE B 449 -32.96 -11.58 9.14
N PHE B 450 -33.56 -10.78 10.03
CA PHE B 450 -34.59 -11.27 10.93
C PHE B 450 -35.75 -11.90 10.17
N ALA B 451 -36.10 -11.30 9.04
CA ALA B 451 -37.29 -11.70 8.30
C ALA B 451 -37.03 -12.82 7.30
N GLN B 452 -35.76 -13.17 7.09
CA GLN B 452 -35.40 -14.16 6.09
C GLN B 452 -34.57 -15.33 6.64
N TYR B 453 -33.94 -15.13 7.79
CA TYR B 453 -33.01 -16.13 8.33
C TYR B 453 -33.32 -16.55 9.76
N MSE B 454 -33.71 -15.60 10.60
CA MSE B 454 -34.00 -15.91 12.00
C MSE B 454 -35.44 -16.38 12.19
O MSE B 454 -35.69 -17.38 12.86
CB MSE B 454 -33.74 -14.69 12.88
CG MSE B 454 -32.32 -14.15 12.80
SE MSE B 454 -31.97 -12.74 14.07
CE MSE B 454 -32.02 -13.78 15.72
H MSE B 454 -33.82 -14.78 10.39
HA MSE B 454 -33.40 -16.62 12.29
HB2 MSE B 454 -34.34 -13.97 12.61
HB3 MSE B 454 -33.91 -14.92 13.80
HG2 MSE B 454 -31.70 -14.88 12.97
HG3 MSE B 454 -32.17 -13.80 11.91
HE1 MSE B 454 -31.87 -13.19 16.47
HE2 MSE B 454 -32.90 -14.19 15.81
HE3 MSE B 454 -31.33 -14.46 15.68
N VAL B 455 -36.37 -15.66 11.59
CA VAL B 455 -37.79 -16.02 11.62
C VAL B 455 -38.37 -15.87 10.21
N PRO B 456 -38.05 -16.83 9.32
CA PRO B 456 -38.46 -16.79 7.91
C PRO B 456 -39.93 -16.48 7.70
N HIS B 457 -40.22 -15.50 6.86
CA HIS B 457 -41.59 -15.09 6.62
C HIS B 457 -42.32 -16.06 5.70
N ASN B 458 -41.57 -16.92 5.02
CA ASN B 458 -42.16 -17.91 4.12
C ASN B 458 -42.89 -19.01 4.88
N LEU B 459 -42.56 -19.18 6.17
CA LEU B 459 -43.19 -20.20 6.99
C LEU B 459 -44.66 -19.91 7.20
N GLU B 460 -45.47 -20.99 7.22
CA GLU B 460 -46.89 -20.86 7.48
C GLU B 460 -47.10 -20.25 8.86
N THR B 461 -48.23 -19.55 9.03
CA THR B 461 -48.48 -18.77 10.24
C THR B 461 -48.20 -19.52 11.54
N THR B 462 -48.78 -20.70 11.69
CA THR B 462 -48.64 -21.49 12.90
C THR B 462 -47.18 -21.86 13.15
N GLU B 463 -46.49 -22.24 12.08
CA GLU B 463 -45.09 -22.65 12.18
C GLU B 463 -44.19 -21.45 12.43
N ARG B 464 -44.61 -20.28 11.93
CA ARG B 464 -43.80 -19.08 12.00
C ARG B 464 -43.79 -18.47 13.40
N MSE B 465 -44.86 -18.67 14.17
CA MSE B 465 -44.96 -18.13 15.52
C MSE B 465 -44.31 -19.05 16.53
O MSE B 465 -43.86 -18.60 17.59
CB MSE B 465 -46.41 -17.87 15.89
CG MSE B 465 -47.12 -16.86 14.98
SE MSE B 465 -46.15 -15.17 14.78
CE MSE B 465 -46.21 -14.53 16.61
H MSE B 465 -45.55 -19.13 13.92
HA MSE B 465 -44.50 -17.28 15.53
HB2 MSE B 465 -46.91 -18.71 15.84
HB3 MSE B 465 -46.45 -17.53 16.79
HG2 MSE B 465 -47.22 -17.25 14.10
HG3 MSE B 465 -47.99 -16.65 15.36
HE1 MSE B 465 -45.76 -13.68 16.67
HE2 MSE B 465 -47.14 -14.43 16.88
HE3 MSE B 465 -45.77 -15.18 17.19
N LYS B 466 -44.25 -20.35 16.22
CA LYS B 466 -43.52 -21.27 17.06
C LYS B 466 -42.04 -20.91 17.02
N CYS B 467 -41.59 -20.48 15.85
CA CYS B 467 -40.20 -20.05 15.67
C CYS B 467 -39.90 -18.79 16.46
N LEU B 468 -40.85 -17.85 16.46
CA LEU B 468 -40.67 -16.57 17.13
C LEU B 468 -40.89 -16.70 18.64
N TYR B 469 -41.81 -17.57 19.04
CA TYR B 469 -42.16 -17.73 20.45
C TYR B 469 -40.96 -18.18 21.27
N TYR B 470 -40.18 -19.11 20.72
CA TYR B 470 -39.04 -19.66 21.44
C TYR B 470 -37.78 -18.83 21.20
N LEU B 471 -37.74 -18.12 20.08
CA LEU B 471 -36.65 -17.19 19.83
C LEU B 471 -36.67 -16.09 20.87
N TYR B 472 -37.84 -15.48 21.05
CA TYR B 472 -38.01 -14.37 22.00
C TYR B 472 -37.72 -14.82 23.44
N ALA B 473 -37.88 -16.11 23.70
CA ALA B 473 -37.73 -16.64 25.05
C ALA B 473 -36.26 -16.96 25.38
N THR B 474 -35.43 -17.10 24.35
CA THR B 474 -34.05 -17.51 24.52
C THR B 474 -33.05 -16.42 24.16
N LEU B 475 -33.54 -15.27 23.71
CA LEU B 475 -32.67 -14.16 23.34
C LEU B 475 -32.08 -13.46 24.55
N ASP B 476 -30.90 -12.88 24.36
CA ASP B 476 -30.27 -12.04 25.38
C ASP B 476 -31.18 -10.87 25.72
N LEU B 477 -30.96 -10.25 26.87
CA LEU B 477 -31.81 -9.15 27.31
C LEU B 477 -31.70 -7.94 26.37
N ASN B 478 -30.46 -7.62 25.96
CA ASN B 478 -30.25 -6.52 25.04
C ASN B 478 -30.75 -6.84 23.64
N ALA B 479 -30.83 -8.13 23.32
CA ALA B 479 -31.34 -8.56 22.03
C ALA B 479 -32.86 -8.36 21.97
N VAL B 480 -33.51 -8.50 23.12
CA VAL B 480 -34.95 -8.28 23.21
C VAL B 480 -35.26 -6.80 22.98
N LYS B 481 -34.57 -5.92 23.70
CA LYS B 481 -34.78 -4.49 23.56
C LYS B 481 -34.49 -4.01 22.14
N ALA B 482 -33.53 -4.65 21.48
CA ALA B 482 -33.18 -4.31 20.10
C ALA B 482 -34.30 -4.74 19.16
N LEU B 483 -34.80 -5.95 19.37
CA LEU B 483 -35.87 -6.49 18.54
C LEU B 483 -37.15 -5.70 18.78
N ASN B 484 -37.30 -5.17 19.98
CA ASN B 484 -38.45 -4.32 20.30
C ASN B 484 -38.35 -3.00 19.58
N GLU B 485 -37.17 -2.36 19.67
CA GLU B 485 -36.93 -1.09 19.00
C GLU B 485 -37.17 -1.19 17.51
N MSE B 486 -36.79 -2.31 16.92
CA MSE B 486 -36.98 -2.55 15.49
C MSE B 486 -38.45 -2.53 15.13
O MSE B 486 -38.84 -1.95 14.12
CB MSE B 486 -36.35 -3.88 15.08
CG MSE B 486 -36.87 -4.44 13.76
SE MSE B 486 -35.99 -6.11 13.29
CE MSE B 486 -37.21 -6.71 11.89
H MSE B 486 -36.41 -2.98 17.34
HA MSE B 486 -36.53 -1.84 15.01
HB2 MSE B 486 -35.40 -3.75 14.99
HB3 MSE B 486 -36.53 -4.53 15.77
HG2 MSE B 486 -37.82 -4.61 13.84
HG3 MSE B 486 -36.70 -3.80 13.06
HE1 MSE B 486 -36.91 -7.56 11.55
HE2 MSE B 486 -38.10 -6.81 12.27
HE3 MSE B 486 -37.23 -6.05 11.19
N TRP B 487 -39.28 -3.18 15.94
CA TRP B 487 -40.71 -3.23 15.69
C TRP B 487 -41.33 -1.85 15.85
N LYS B 488 -40.78 -1.06 16.76
CA LYS B 488 -41.25 0.31 16.98
C LYS B 488 -40.98 1.16 15.75
N CYS B 489 -39.75 1.12 15.25
CA CYS B 489 -39.34 1.95 14.12
C CYS B 489 -40.09 1.56 12.85
N GLN B 490 -40.33 0.27 12.66
CA GLN B 490 -41.05 -0.22 11.50
C GLN B 490 -42.50 0.26 11.51
N ASN B 491 -43.15 0.14 12.66
CA ASN B 491 -44.53 0.58 12.81
C ASN B 491 -44.63 2.09 12.78
N LEU B 492 -43.58 2.76 13.23
CA LEU B 492 -43.55 4.22 13.21
C LEU B 492 -43.56 4.72 11.76
N LEU B 493 -42.69 4.16 10.94
CA LEU B 493 -42.64 4.49 9.51
C LEU B 493 -43.91 4.03 8.82
N ARG B 494 -44.47 2.92 9.31
CA ARG B 494 -45.69 2.37 8.74
C ARG B 494 -46.82 3.39 8.81
N HIS B 495 -46.93 4.06 9.95
CA HIS B 495 -47.94 5.11 10.14
C HIS B 495 -47.63 6.35 9.31
N GLN B 496 -46.36 6.71 9.25
CA GLN B 496 -45.93 7.89 8.52
C GLN B 496 -46.24 7.80 7.03
N VAL B 497 -46.35 6.58 6.52
CA VAL B 497 -46.65 6.36 5.11
C VAL B 497 -48.15 6.48 4.85
N LYS B 498 -48.95 6.07 5.83
CA LYS B 498 -50.41 6.14 5.68
C LYS B 498 -50.87 7.59 5.75
N ASP B 499 -50.23 8.38 6.62
CA ASP B 499 -50.55 9.79 6.75
C ASP B 499 -50.26 10.53 5.45
N LEU B 500 -49.25 10.06 4.72
CA LEU B 500 -48.90 10.66 3.44
C LEU B 500 -50.00 10.41 2.42
N LEU B 501 -50.55 9.20 2.42
CA LEU B 501 -51.61 8.84 1.48
C LEU B 501 -52.87 9.65 1.73
N ASP B 502 -53.07 10.06 2.99
CA ASP B 502 -54.23 10.87 3.34
C ASP B 502 -54.07 12.28 2.79
N LEU B 503 -52.83 12.78 2.77
CA LEU B 503 -52.53 14.10 2.24
C LEU B 503 -52.59 14.12 0.72
N ILE B 504 -52.30 12.97 0.11
CA ILE B 504 -52.40 12.83 -1.35
C ILE B 504 -53.85 12.88 -1.80
N LYS B 505 -54.75 12.35 -0.97
CA LYS B 505 -56.17 12.30 -1.30
C LYS B 505 -56.83 13.66 -1.12
N GLN B 506 -56.23 14.51 -0.28
CA GLN B 506 -56.76 15.86 -0.06
C GLN B 506 -56.81 16.65 -1.36
N PRO B 507 -57.67 17.68 -1.42
CA PRO B 507 -57.65 18.57 -2.58
C PRO B 507 -56.31 19.28 -2.72
N LYS B 508 -55.74 19.28 -3.93
CA LYS B 508 -54.42 19.85 -4.14
C LYS B 508 -54.42 21.36 -3.89
N THR B 509 -53.98 21.73 -2.68
CA THR B 509 -53.81 23.13 -2.31
C THR B 509 -52.33 23.45 -2.12
N ASP B 510 -52.00 24.73 -2.01
CA ASP B 510 -50.61 25.14 -1.86
C ASP B 510 -50.03 24.73 -0.51
N ALA B 511 -50.91 24.43 0.44
CA ALA B 511 -50.48 24.05 1.79
C ALA B 511 -50.20 22.55 1.87
N SER B 512 -51.05 21.74 1.26
CA SER B 512 -50.91 20.29 1.31
C SER B 512 -49.69 19.83 0.51
N VAL B 513 -49.34 20.57 -0.53
CA VAL B 513 -48.17 20.25 -1.34
C VAL B 513 -46.90 20.31 -0.49
N LYS B 514 -46.90 21.22 0.49
CA LYS B 514 -45.78 21.32 1.42
C LYS B 514 -45.81 20.19 2.44
N ALA B 515 -46.99 19.90 2.97
CA ALA B 515 -47.15 18.83 3.93
C ALA B 515 -46.77 17.49 3.31
N ILE B 516 -47.11 17.32 2.04
CA ILE B 516 -46.75 16.13 1.28
C ILE B 516 -45.24 16.03 1.14
N PHE B 517 -44.57 17.17 1.08
CA PHE B 517 -43.11 17.20 0.93
C PHE B 517 -42.41 17.00 2.27
N SER B 518 -42.95 17.61 3.33
CA SER B 518 -42.32 17.55 4.64
C SER B 518 -42.36 16.14 5.23
N LYS B 519 -43.37 15.37 4.85
CA LYS B 519 -43.53 14.01 5.38
C LYS B 519 -42.62 13.04 4.65
N VAL B 520 -42.48 13.24 3.34
CA VAL B 520 -41.58 12.42 2.54
C VAL B 520 -40.13 12.65 2.95
N MSE B 521 -39.86 13.83 3.50
CA MSE B 521 -38.54 14.15 4.01
C MSE B 521 -38.17 13.26 5.20
O MSE B 521 -37.05 12.77 5.30
CB MSE B 521 -38.46 15.62 4.42
CG MSE B 521 -37.94 16.54 3.33
SE MSE B 521 -36.07 16.20 2.89
CE MSE B 521 -35.88 17.39 1.36
H MSE B 521 -40.43 14.47 3.59
HA MSE B 521 -37.89 14.01 3.30
HB2 MSE B 521 -39.34 15.92 4.67
HB3 MSE B 521 -37.85 15.70 5.19
HG2 MSE B 521 -38.46 16.41 2.52
HG3 MSE B 521 -38.02 17.47 3.62
HE1 MSE B 521 -34.97 17.32 1.02
HE2 MSE B 521 -36.50 17.11 0.67
HE3 MSE B 521 -36.07 18.30 1.64
N VAL B 522 -39.15 13.03 6.08
CA VAL B 522 -38.94 12.19 7.26
C VAL B 522 -38.94 10.71 6.87
N ILE B 523 -39.76 10.36 5.88
CA ILE B 523 -39.83 8.99 5.41
C ILE B 523 -38.50 8.52 4.82
N THR B 524 -37.94 9.32 3.93
CA THR B 524 -36.69 8.97 3.26
C THR B 524 -35.49 9.00 4.22
N ARG B 525 -35.65 9.71 5.32
CA ARG B 525 -34.60 9.79 6.34
C ARG B 525 -34.34 8.40 6.95
N ASN B 526 -35.31 7.52 6.83
CA ASN B 526 -35.20 6.15 7.33
C ASN B 526 -34.79 5.16 6.25
N LEU B 527 -34.50 5.66 5.05
CA LEU B 527 -34.05 4.84 3.94
C LEU B 527 -32.65 5.26 3.48
N PRO B 528 -31.92 4.35 2.82
CA PRO B 528 -30.57 4.66 2.34
C PRO B 528 -30.57 5.46 1.04
N ASP B 529 -29.40 5.95 0.64
CA ASP B 529 -29.26 6.74 -0.57
C ASP B 529 -28.74 5.89 -1.73
N ASP B 535 -33.64 13.36 -5.57
CA ASP B 535 -34.42 13.19 -6.79
C ASP B 535 -35.48 12.10 -6.63
N PHE B 536 -35.29 11.24 -5.64
CA PHE B 536 -36.22 10.15 -5.38
C PHE B 536 -37.56 10.65 -4.87
N MSE B 537 -37.52 11.69 -4.03
CA MSE B 537 -38.73 12.25 -3.44
C MSE B 537 -39.65 12.77 -4.54
O MSE B 537 -40.88 12.70 -4.41
CB MSE B 537 -38.38 13.39 -2.48
CG MSE B 537 -37.38 13.00 -1.40
SE MSE B 537 -36.49 14.57 -0.68
CE MSE B 537 -35.31 13.70 0.59
H MSE B 537 -36.80 12.08 -3.79
HA MSE B 537 -39.19 11.56 -2.93
HB2 MSE B 537 -37.98 14.11 -2.99
HB3 MSE B 537 -39.18 13.68 -2.04
HG2 MSE B 537 -37.85 12.56 -0.68
HG3 MSE B 537 -36.71 12.42 -1.77
HE1 MSE B 537 -34.79 14.37 1.05
HE2 MSE B 537 -35.85 13.20 1.23
HE3 MSE B 537 -34.73 13.09 0.11
N LYS B 538 -39.06 13.30 -5.59
CA LYS B 538 -39.82 13.84 -6.72
C LYS B 538 -40.64 12.76 -7.39
N LYS B 539 -39.99 11.67 -7.77
CA LYS B 539 -40.66 10.58 -8.48
C LYS B 539 -41.67 9.87 -7.59
N PHE B 540 -41.31 9.68 -6.31
CA PHE B 540 -42.16 8.96 -5.37
C PHE B 540 -43.55 9.60 -5.28
N THR B 541 -43.58 10.89 -4.94
CA THR B 541 -44.84 11.61 -4.81
C THR B 541 -45.57 11.69 -6.14
N GLN B 542 -44.81 11.77 -7.23
CA GLN B 542 -45.39 11.94 -8.56
C GLN B 542 -46.24 10.73 -8.96
N VAL B 543 -45.77 9.54 -8.64
CA VAL B 543 -46.51 8.32 -8.96
C VAL B 543 -47.79 8.23 -8.13
N LEU B 544 -47.71 8.69 -6.89
CA LEU B 544 -48.86 8.64 -5.99
C LEU B 544 -49.98 9.57 -6.43
N GLU B 545 -49.63 10.75 -6.92
CA GLU B 545 -50.63 11.73 -7.36
C GLU B 545 -51.38 11.23 -8.60
N ASP B 546 -50.65 10.65 -9.53
CA ASP B 546 -51.24 10.17 -10.77
C ASP B 546 -51.86 8.78 -10.61
N ASP B 547 -51.00 7.77 -10.46
CA ASP B 547 -51.45 6.39 -10.38
C ASP B 547 -52.33 6.13 -9.16
N GLU B 548 -53.56 5.70 -9.40
CA GLU B 548 -54.50 5.36 -8.34
C GLU B 548 -54.49 3.85 -8.10
N LYS B 549 -54.05 3.09 -9.10
CA LYS B 549 -54.00 1.64 -9.01
C LYS B 549 -53.02 1.20 -7.92
N ILE B 550 -52.03 2.04 -7.63
CA ILE B 550 -51.02 1.74 -6.63
C ILE B 550 -51.47 2.18 -5.24
N ARG B 551 -52.16 3.32 -5.16
CA ARG B 551 -52.61 3.86 -3.89
C ARG B 551 -53.44 2.83 -3.13
N LYS B 552 -54.33 2.15 -3.83
CA LYS B 552 -55.15 1.10 -3.22
C LYS B 552 -54.26 0.00 -2.65
N GLN B 553 -53.27 -0.42 -3.43
CA GLN B 553 -52.37 -1.49 -3.01
C GLN B 553 -51.53 -1.08 -1.80
N LEU B 554 -51.31 0.23 -1.64
CA LEU B 554 -50.54 0.74 -0.52
C LEU B 554 -51.44 1.07 0.66
N GLU B 555 -52.68 1.46 0.37
CA GLU B 555 -53.67 1.71 1.41
C GLU B 555 -53.97 0.42 2.17
N VAL B 556 -54.00 -0.69 1.44
CA VAL B 556 -54.24 -2.00 2.05
C VAL B 556 -53.03 -2.46 2.85
N LEU B 557 -51.84 -2.23 2.32
CA LEU B 557 -50.62 -2.73 2.95
C LEU B 557 -50.38 -2.12 4.33
N VAL B 558 -50.81 -0.88 4.52
CA VAL B 558 -50.60 -0.17 5.78
C VAL B 558 -51.83 -0.32 6.68
N SER B 559 -52.92 -0.87 6.14
CA SER B 559 -54.14 -1.07 6.90
C SER B 559 -53.88 -1.96 8.12
N PRO B 560 -54.30 -1.51 9.32
CA PRO B 560 -54.12 -2.34 10.52
C PRO B 560 -54.80 -3.72 10.41
N THR B 561 -55.78 -3.84 9.51
CA THR B 561 -56.48 -5.10 9.30
C THR B 561 -55.88 -5.89 8.15
N CYS B 562 -54.63 -5.56 7.80
CA CYS B 562 -53.95 -6.24 6.70
C CYS B 562 -53.32 -7.55 7.15
N SER B 563 -53.80 -8.65 6.58
CA SER B 563 -53.26 -9.96 6.90
C SER B 563 -51.93 -10.16 6.17
N CYS B 564 -51.11 -11.08 6.65
CA CYS B 564 -49.79 -11.30 6.07
C CYS B 564 -49.89 -11.88 4.65
N LYS B 565 -51.00 -12.55 4.35
CA LYS B 565 -51.21 -13.10 3.02
C LYS B 565 -51.49 -11.98 2.02
N GLN B 566 -52.28 -11.00 2.44
CA GLN B 566 -52.58 -9.84 1.61
C GLN B 566 -51.31 -9.04 1.36
N ALA B 567 -50.48 -8.92 2.40
CA ALA B 567 -49.23 -8.16 2.31
C ALA B 567 -48.31 -8.73 1.24
N GLU B 568 -48.27 -10.06 1.14
CA GLU B 568 -47.47 -10.73 0.11
C GLU B 568 -48.03 -10.44 -1.26
N GLY B 569 -49.36 -10.40 -1.37
CA GLY B 569 -50.02 -10.11 -2.62
C GLY B 569 -49.94 -8.63 -2.97
N CYS B 570 -49.67 -7.79 -1.97
CA CYS B 570 -49.55 -6.36 -2.19
C CYS B 570 -48.17 -6.00 -2.77
N VAL B 571 -47.12 -6.44 -2.10
CA VAL B 571 -45.76 -6.15 -2.54
C VAL B 571 -45.46 -6.82 -3.87
N ARG B 572 -46.07 -7.98 -4.10
CA ARG B 572 -45.86 -8.73 -5.33
C ARG B 572 -46.57 -8.06 -6.50
N GLU B 573 -47.74 -7.48 -6.23
CA GLU B 573 -48.56 -6.85 -7.25
C GLU B 573 -48.02 -5.48 -7.65
N ILE B 574 -47.48 -4.74 -6.68
CA ILE B 574 -47.07 -3.37 -6.90
C ILE B 574 -45.74 -3.24 -7.64
N THR B 575 -44.81 -4.16 -7.36
CA THR B 575 -43.48 -4.08 -7.96
C THR B 575 -43.51 -4.30 -9.47
N LYS B 576 -44.63 -4.81 -9.97
CA LYS B 576 -44.80 -5.00 -11.41
C LYS B 576 -45.01 -3.67 -12.11
N LYS B 577 -43.92 -3.10 -12.62
CA LYS B 577 -43.98 -1.82 -13.32
C LYS B 577 -42.83 -1.70 -14.33
N PRO B 587 -32.98 0.82 -9.95
CA PRO B 587 -32.65 2.23 -9.69
C PRO B 587 -33.65 2.89 -8.74
N PHE B 588 -34.79 3.30 -9.26
CA PHE B 588 -35.86 3.87 -8.44
C PHE B 588 -36.67 2.75 -7.79
N LEU B 589 -36.93 1.70 -8.58
CA LEU B 589 -37.67 0.56 -8.10
C LEU B 589 -36.91 -0.18 -6.99
N GLU B 590 -35.59 0.04 -6.96
CA GLU B 590 -34.76 -0.53 -5.91
C GLU B 590 -35.05 0.15 -4.57
N MSE B 591 -35.48 1.40 -4.64
CA MSE B 591 -35.75 2.19 -3.45
C MSE B 591 -37.10 1.80 -2.84
O MSE B 591 -37.28 1.84 -1.63
CB MSE B 591 -35.75 3.68 -3.78
CG MSE B 591 -35.48 4.60 -2.59
SE MSE B 591 -33.75 4.30 -1.75
CE MSE B 591 -32.64 4.18 -3.34
H MSE B 591 -35.61 1.84 -5.38
HA MSE B 591 -35.05 2.03 -2.80
HB2 MSE B 591 -35.06 3.86 -4.44
HB3 MSE B 591 -36.62 3.92 -4.14
HG2 MSE B 591 -35.52 5.52 -2.89
HG3 MSE B 591 -36.17 4.45 -1.93
HE1 MSE B 591 -31.72 4.02 -3.08
HE2 MSE B 591 -32.96 3.43 -3.89
HE3 MSE B 591 -32.71 5.00 -3.83
N ILE B 592 -38.03 1.41 -3.70
CA ILE B 592 -39.35 0.99 -3.26
C ILE B 592 -39.26 -0.32 -2.49
N LYS B 593 -38.39 -1.21 -2.94
CA LYS B 593 -38.19 -2.50 -2.28
C LYS B 593 -37.76 -2.31 -0.83
N PHE B 594 -36.77 -1.44 -0.61
CA PHE B 594 -36.26 -1.19 0.73
C PHE B 594 -37.33 -0.61 1.62
N LEU B 595 -38.26 0.15 1.03
CA LEU B 595 -39.35 0.72 1.79
C LEU B 595 -40.36 -0.36 2.15
N LEU B 596 -40.90 -1.02 1.12
CA LEU B 596 -41.92 -2.06 1.30
C LEU B 596 -41.46 -3.15 2.27
N GLU B 597 -40.15 -3.38 2.34
CA GLU B 597 -39.60 -4.41 3.20
C GLU B 597 -39.83 -4.13 4.68
N ARG B 598 -39.72 -2.86 5.07
CA ARG B 598 -39.75 -2.49 6.48
C ARG B 598 -41.09 -1.88 6.94
N ILE B 599 -42.09 -1.91 6.07
CA ILE B 599 -43.43 -1.47 6.44
C ILE B 599 -44.46 -2.58 6.26
N ALA B 600 -44.18 -3.50 5.34
CA ALA B 600 -45.11 -4.58 5.04
C ALA B 600 -45.19 -5.56 6.21
N PRO B 601 -46.38 -5.70 6.83
CA PRO B 601 -46.49 -6.70 7.90
C PRO B 601 -46.52 -8.12 7.34
N VAL B 602 -45.40 -8.81 7.44
CA VAL B 602 -45.29 -10.18 6.92
C VAL B 602 -45.17 -11.17 8.08
N HIS B 603 -45.03 -10.65 9.29
CA HIS B 603 -44.92 -11.49 10.49
C HIS B 603 -46.20 -11.46 11.34
N ILE B 604 -46.65 -10.25 11.66
CA ILE B 604 -47.75 -10.06 12.61
C ILE B 604 -49.05 -9.64 11.92
N ASP B 605 -50.06 -10.49 12.03
CA ASP B 605 -51.42 -10.14 11.65
C ASP B 605 -52.36 -10.79 12.66
N THR B 606 -53.67 -10.73 12.40
CA THR B 606 -54.65 -11.25 13.35
C THR B 606 -54.48 -12.75 13.56
N GLU B 607 -54.10 -13.46 12.50
CA GLU B 607 -53.91 -14.90 12.58
C GLU B 607 -52.67 -15.25 13.41
N SER B 608 -51.68 -14.36 13.38
CA SER B 608 -50.42 -14.58 14.09
C SER B 608 -50.62 -14.45 15.60
N ILE B 609 -51.32 -13.40 16.02
CA ILE B 609 -51.61 -13.18 17.43
C ILE B 609 -52.38 -14.37 18.01
N SER B 610 -53.38 -14.83 17.26
CA SER B 610 -54.17 -15.98 17.67
C SER B 610 -53.30 -17.21 17.81
N ALA B 611 -52.46 -17.46 16.81
CA ALA B 611 -51.54 -18.60 16.84
C ALA B 611 -50.56 -18.46 17.99
N LEU B 612 -50.23 -17.22 18.32
CA LEU B 612 -49.28 -16.94 19.40
C LEU B 612 -49.93 -17.20 20.76
N ILE B 613 -51.20 -16.81 20.88
CA ILE B 613 -51.97 -17.10 22.08
C ILE B 613 -52.08 -18.61 22.28
N LYS B 614 -52.32 -19.31 21.17
CA LYS B 614 -52.44 -20.77 21.19
C LYS B 614 -51.14 -21.40 21.66
N GLN B 615 -50.02 -20.78 21.32
CA GLN B 615 -48.71 -21.27 21.73
C GLN B 615 -48.51 -21.12 23.23
N VAL B 616 -48.94 -19.98 23.78
CA VAL B 616 -48.84 -19.75 25.21
C VAL B 616 -49.70 -20.75 25.96
N ASN B 617 -50.96 -20.87 25.55
CA ASN B 617 -51.89 -21.81 26.16
C ASN B 617 -51.34 -23.23 26.18
N LYS B 618 -50.76 -23.65 25.05
CA LYS B 618 -50.17 -24.97 24.96
C LYS B 618 -49.01 -25.12 25.95
N SER B 619 -48.36 -24.01 26.27
CA SER B 619 -47.22 -24.03 27.19
C SER B 619 -47.69 -24.03 28.64
N ILE B 620 -48.93 -23.64 28.88
CA ILE B 620 -49.50 -23.65 30.23
C ILE B 620 -49.57 -25.07 30.79
N ASP B 621 -49.87 -26.03 29.91
CA ASP B 621 -50.06 -27.42 30.31
C ASP B 621 -49.19 -28.36 29.50
N GLY B 622 -49.64 -28.71 28.30
CA GLY B 622 -48.89 -29.62 27.45
C GLY B 622 -47.56 -29.03 27.04
N THR B 623 -46.65 -28.94 28.00
CA THR B 623 -45.37 -28.28 27.79
C THR B 623 -44.31 -29.23 27.23
N ALA B 624 -44.74 -30.17 26.40
CA ALA B 624 -43.82 -31.14 25.80
C ALA B 624 -42.87 -30.49 24.80
N ASP B 625 -43.29 -29.34 24.26
CA ASP B 625 -42.50 -28.65 23.24
C ASP B 625 -41.44 -27.75 23.86
N ASP B 626 -41.73 -27.15 24.99
CA ASP B 626 -40.84 -26.17 25.61
C ASP B 626 -39.48 -26.77 25.95
N GLU B 627 -39.47 -27.82 26.76
CA GLU B 627 -38.23 -28.42 27.21
C GLU B 627 -37.46 -29.05 26.03
N ASP B 628 -38.21 -29.59 25.08
CA ASP B 628 -37.60 -30.18 23.89
C ASP B 628 -36.92 -29.10 23.05
N GLU B 629 -37.49 -27.91 23.06
CA GLU B 629 -36.92 -26.78 22.32
C GLU B 629 -35.77 -26.14 23.11
N GLY B 630 -35.65 -26.51 24.38
CA GLY B 630 -34.54 -26.06 25.21
C GLY B 630 -34.84 -24.78 25.97
N VAL B 631 -35.95 -24.77 26.71
CA VAL B 631 -36.32 -23.60 27.50
C VAL B 631 -37.26 -24.02 28.63
N PRO B 632 -37.02 -23.51 29.86
CA PRO B 632 -37.95 -23.79 30.97
C PRO B 632 -39.38 -23.38 30.65
N THR B 633 -40.35 -24.14 31.16
CA THR B 633 -41.76 -23.89 30.85
C THR B 633 -42.21 -22.52 31.32
N ASP B 634 -41.93 -22.19 32.58
CA ASP B 634 -42.36 -20.91 33.14
C ASP B 634 -41.66 -19.75 32.46
N GLN B 635 -40.42 -19.96 32.03
CA GLN B 635 -39.65 -18.92 31.36
C GLN B 635 -40.21 -18.59 29.98
N ALA B 636 -40.78 -19.59 29.32
CA ALA B 636 -41.34 -19.41 27.99
C ALA B 636 -42.67 -18.64 28.04
N ILE B 637 -43.41 -18.83 29.13
CA ILE B 637 -44.71 -18.18 29.28
C ILE B 637 -44.55 -16.68 29.45
N ARG B 638 -43.59 -16.26 30.27
CA ARG B 638 -43.35 -14.83 30.49
C ARG B 638 -42.93 -14.18 29.18
N ALA B 639 -42.01 -14.82 28.47
CA ALA B 639 -41.54 -14.32 27.18
C ALA B 639 -42.70 -14.17 26.21
N GLY B 640 -43.67 -15.09 26.31
CA GLY B 640 -44.85 -15.04 25.47
C GLY B 640 -45.71 -13.84 25.78
N LEU B 641 -45.82 -13.49 27.06
CA LEU B 641 -46.65 -12.37 27.49
C LEU B 641 -45.97 -11.03 27.27
N GLU B 642 -44.64 -11.01 27.39
CA GLU B 642 -43.88 -9.81 27.09
C GLU B 642 -43.94 -9.53 25.59
N LEU B 643 -43.89 -10.59 24.80
CA LEU B 643 -44.00 -10.47 23.36
C LEU B 643 -45.37 -9.93 22.99
N LEU B 644 -46.42 -10.54 23.55
CA LEU B 644 -47.78 -10.11 23.30
C LEU B 644 -48.01 -8.68 23.78
N LYS B 645 -47.32 -8.29 24.85
CA LYS B 645 -47.42 -6.92 25.35
C LYS B 645 -46.82 -5.95 24.36
N VAL B 646 -45.59 -6.23 23.93
CA VAL B 646 -44.91 -5.40 22.94
C VAL B 646 -45.75 -5.28 21.67
N LEU B 647 -46.36 -6.40 21.27
CA LEU B 647 -47.16 -6.43 20.05
C LEU B 647 -48.53 -5.76 20.23
N SER B 648 -48.91 -5.51 21.48
CA SER B 648 -50.19 -4.86 21.74
C SER B 648 -50.13 -3.38 21.40
N PHE B 649 -48.92 -2.81 21.44
CA PHE B 649 -48.73 -1.40 21.10
C PHE B 649 -48.72 -1.17 19.60
N THR B 650 -48.24 -2.16 18.84
CA THR B 650 -48.03 -2.01 17.40
C THR B 650 -49.19 -2.61 16.59
N HIS B 651 -49.74 -3.72 17.06
CA HIS B 651 -50.85 -4.38 16.37
C HIS B 651 -52.00 -4.68 17.32
N PRO B 652 -52.59 -3.61 17.91
CA PRO B 652 -53.68 -3.77 18.87
C PRO B 652 -54.96 -4.35 18.25
N ILE B 653 -55.19 -4.04 16.98
CA ILE B 653 -56.40 -4.49 16.29
C ILE B 653 -56.39 -6.01 16.12
N SER B 654 -55.18 -6.57 16.05
CA SER B 654 -55.01 -8.00 15.83
C SER B 654 -55.39 -8.83 17.06
N PHE B 655 -55.54 -8.16 18.20
CA PHE B 655 -55.84 -8.83 19.45
C PHE B 655 -57.34 -8.99 19.68
N HIS B 656 -58.14 -8.23 18.95
CA HIS B 656 -59.57 -8.19 19.17
C HIS B 656 -60.23 -9.51 18.77
N SER B 657 -60.12 -10.51 19.64
CA SER B 657 -60.72 -11.81 19.41
C SER B 657 -61.13 -12.44 20.73
N ALA B 658 -62.18 -13.25 20.70
CA ALA B 658 -62.70 -13.88 21.91
C ALA B 658 -61.67 -14.84 22.52
N GLU B 659 -61.10 -15.70 21.69
CA GLU B 659 -60.15 -16.69 22.17
C GLU B 659 -58.91 -16.05 22.77
N THR B 660 -58.48 -14.93 22.20
CA THR B 660 -57.31 -14.22 22.69
C THR B 660 -57.61 -13.54 24.02
N PHE B 661 -58.77 -12.88 24.10
CA PHE B 661 -59.19 -12.21 25.33
C PHE B 661 -59.48 -13.21 26.44
N GLU B 662 -60.05 -14.36 26.09
CA GLU B 662 -60.34 -15.39 27.06
C GLU B 662 -59.06 -15.94 27.67
N SER B 663 -58.04 -16.10 26.84
CA SER B 663 -56.76 -16.62 27.29
C SER B 663 -56.07 -15.61 28.22
N LEU B 664 -56.16 -14.33 27.86
CA LEU B 664 -55.55 -13.27 28.66
C LEU B 664 -56.19 -13.17 30.04
N LEU B 665 -57.47 -13.52 30.12
CA LEU B 665 -58.17 -13.53 31.41
C LEU B 665 -57.59 -14.59 32.33
N ALA B 666 -57.31 -15.77 31.76
CA ALA B 666 -56.68 -16.84 32.52
C ALA B 666 -55.30 -16.41 33.02
N CYS B 667 -54.56 -15.73 32.16
CA CYS B 667 -53.23 -15.22 32.52
C CYS B 667 -53.31 -14.23 33.68
N LEU B 668 -54.43 -13.52 33.74
CA LEU B 668 -54.64 -12.51 34.78
C LEU B 668 -54.78 -13.14 36.16
N LYS B 669 -55.22 -14.40 36.18
CA LYS B 669 -55.49 -15.10 37.44
C LYS B 669 -54.28 -15.89 37.95
N MSE B 670 -53.21 -15.93 37.16
CA MSE B 670 -52.05 -16.73 37.49
C MSE B 670 -51.20 -16.09 38.58
O MSE B 670 -51.29 -14.88 38.83
CB MSE B 670 -51.19 -16.97 36.25
CG MSE B 670 -51.88 -17.83 35.19
SE MSE B 670 -50.72 -18.35 33.71
CE MSE B 670 -49.35 -19.32 34.71
H MSE B 670 -53.14 -15.49 36.42
HA MSE B 670 -52.34 -17.60 37.81
HB2 MSE B 670 -50.98 -16.12 35.84
HB3 MSE B 670 -50.37 -17.42 36.50
HG2 MSE B 670 -52.21 -18.64 35.61
HG3 MSE B 670 -52.62 -17.33 34.83
HE1 MSE B 670 -48.69 -19.64 34.09
HE2 MSE B 670 -48.95 -18.70 35.35
HE3 MSE B 670 -49.77 -20.06 35.18
N ASP B 671 -50.37 -16.91 39.23
CA ASP B 671 -49.51 -16.45 40.33
C ASP B 671 -48.38 -15.54 39.86
N ASP B 672 -47.84 -15.86 38.69
CA ASP B 672 -46.71 -15.09 38.13
C ASP B 672 -47.13 -13.65 37.91
N GLU B 673 -46.48 -12.74 38.62
CA GLU B 673 -46.85 -11.33 38.55
C GLU B 673 -46.54 -10.73 37.18
N LYS B 674 -45.34 -11.00 36.67
CA LYS B 674 -44.93 -10.43 35.39
C LYS B 674 -45.80 -10.95 34.25
N VAL B 675 -46.52 -12.03 34.51
CA VAL B 675 -47.52 -12.53 33.56
C VAL B 675 -48.82 -11.73 33.72
N ALA B 676 -49.25 -11.56 34.96
CA ALA B 676 -50.46 -10.80 35.26
C ALA B 676 -50.31 -9.33 34.87
N GLU B 677 -49.17 -8.74 35.21
CA GLU B 677 -48.90 -7.34 34.89
C GLU B 677 -48.93 -7.11 33.38
N ALA B 678 -48.49 -8.10 32.62
CA ALA B 678 -48.49 -8.00 31.16
C ALA B 678 -49.92 -8.08 30.63
N ALA B 679 -50.68 -9.04 31.16
CA ALA B 679 -52.05 -9.25 30.72
C ALA B 679 -52.88 -7.99 30.92
N LEU B 680 -52.65 -7.30 32.04
CA LEU B 680 -53.39 -6.08 32.36
C LEU B 680 -53.15 -4.99 31.32
N GLN B 681 -51.92 -4.91 30.82
CA GLN B 681 -51.55 -3.85 29.89
C GLN B 681 -52.03 -4.16 28.48
N ILE B 682 -52.12 -5.44 28.13
CA ILE B 682 -52.63 -5.83 26.83
C ILE B 682 -54.11 -5.48 26.73
N PHE B 683 -54.86 -5.73 27.80
CA PHE B 683 -56.27 -5.33 27.85
C PHE B 683 -56.41 -3.83 27.70
N LYS B 684 -55.50 -3.09 28.32
CA LYS B 684 -55.53 -1.64 28.29
C LYS B 684 -55.29 -1.11 26.88
N ASN B 685 -54.49 -1.84 26.10
CA ASN B 685 -54.09 -1.40 24.77
C ASN B 685 -54.95 -1.96 23.64
N THR B 686 -55.78 -2.96 23.94
CA THR B 686 -56.52 -3.68 22.90
C THR B 686 -58.01 -3.85 23.19
N GLY B 687 -58.38 -3.81 24.47
CA GLY B 687 -59.74 -4.12 24.87
C GLY B 687 -60.72 -2.96 24.74
N SER B 688 -60.45 -2.04 23.82
CA SER B 688 -61.28 -0.85 23.68
C SER B 688 -62.71 -1.15 23.24
N LYS B 689 -62.89 -2.21 22.46
CA LYS B 689 -64.20 -2.59 21.95
C LYS B 689 -64.63 -3.96 22.47
N ILE B 690 -64.34 -4.23 23.74
CA ILE B 690 -64.74 -5.48 24.37
C ILE B 690 -66.20 -5.42 24.82
N GLU B 691 -66.57 -4.30 25.43
CA GLU B 691 -67.90 -4.16 26.02
C GLU B 691 -69.03 -4.17 24.99
N GLU B 692 -68.70 -3.93 23.72
CA GLU B 692 -69.71 -3.85 22.66
C GLU B 692 -69.78 -5.12 21.82
N ASP B 693 -68.65 -5.83 21.71
CA ASP B 693 -68.59 -7.05 20.91
C ASP B 693 -68.53 -8.30 21.78
N PHE B 694 -67.96 -8.18 22.98
CA PHE B 694 -67.84 -9.30 23.91
C PHE B 694 -68.37 -8.92 25.28
N PRO B 695 -69.71 -8.90 25.45
CA PRO B 695 -70.30 -8.46 26.72
C PRO B 695 -69.99 -9.42 27.88
N HIS B 696 -69.72 -10.67 27.56
CA HIS B 696 -69.48 -11.68 28.60
C HIS B 696 -68.07 -11.59 29.17
N ILE B 697 -67.12 -11.16 28.35
CA ILE B 697 -65.75 -10.99 28.80
C ILE B 697 -65.65 -9.78 29.73
N ARG B 698 -66.46 -8.77 29.45
CA ARG B 698 -66.55 -7.59 30.32
C ARG B 698 -66.98 -8.00 31.72
N SER B 699 -67.99 -8.85 31.80
CA SER B 699 -68.55 -9.27 33.08
C SER B 699 -67.53 -10.10 33.88
N ALA B 700 -66.62 -10.75 33.17
CA ALA B 700 -65.61 -11.58 33.82
C ALA B 700 -64.37 -10.77 34.18
N LEU B 701 -64.10 -9.71 33.43
CA LEU B 701 -62.89 -8.92 33.61
C LEU B 701 -63.01 -7.94 34.78
N LEU B 702 -64.12 -7.20 34.82
CA LEU B 702 -64.34 -6.19 35.85
C LEU B 702 -64.11 -6.69 37.28
N PRO B 703 -64.70 -7.84 37.65
CA PRO B 703 -64.47 -8.31 39.02
C PRO B 703 -63.00 -8.57 39.33
N VAL B 704 -62.22 -8.94 38.31
CA VAL B 704 -60.80 -9.17 38.49
C VAL B 704 -60.07 -7.84 38.67
N LEU B 705 -60.49 -6.83 37.90
CA LEU B 705 -59.85 -5.51 37.99
C LEU B 705 -60.17 -4.85 39.33
N HIS B 706 -61.39 -5.02 39.81
CA HIS B 706 -61.79 -4.51 41.11
C HIS B 706 -60.96 -5.18 42.20
N HIS B 707 -60.72 -6.47 42.03
CA HIS B 707 -59.94 -7.25 42.99
C HIS B 707 -58.50 -6.74 43.09
N LYS B 708 -57.86 -6.55 41.94
CA LYS B 708 -56.49 -6.07 41.91
C LYS B 708 -56.39 -4.65 42.49
N SER B 709 -57.43 -3.86 42.24
CA SER B 709 -57.46 -2.48 42.71
C SER B 709 -57.51 -2.39 44.23
N LYS B 710 -58.11 -3.39 44.86
CA LYS B 710 -58.35 -3.35 46.31
C LYS B 710 -57.32 -4.11 47.12
N LYS B 711 -56.79 -5.19 46.55
CA LYS B 711 -55.90 -6.10 47.29
C LYS B 711 -54.53 -6.27 46.64
N GLY B 712 -54.24 -5.45 45.64
CA GLY B 712 -52.91 -5.41 45.05
C GLY B 712 -52.55 -6.68 44.29
N PRO B 713 -51.24 -6.89 44.04
CA PRO B 713 -50.13 -6.03 44.46
C PRO B 713 -50.16 -4.65 43.80
N PRO B 714 -49.37 -3.70 44.32
CA PRO B 714 -49.42 -2.28 43.92
C PRO B 714 -49.37 -2.03 42.41
N ARG B 715 -48.40 -2.61 41.71
CA ARG B 715 -48.24 -2.32 40.29
C ARG B 715 -49.46 -2.83 39.50
N GLN B 716 -49.99 -3.97 39.92
CA GLN B 716 -51.18 -4.53 39.26
C GLN B 716 -52.41 -3.67 39.57
N ALA B 717 -52.42 -3.06 40.75
CA ALA B 717 -53.51 -2.17 41.13
C ALA B 717 -53.50 -0.93 40.25
N LYS B 718 -52.31 -0.39 40.02
CA LYS B 718 -52.14 0.78 39.17
C LYS B 718 -52.62 0.48 37.75
N TYR B 719 -52.12 -0.61 37.18
CA TYR B 719 -52.50 -1.01 35.84
C TYR B 719 -54.01 -1.22 35.74
N ALA B 720 -54.59 -1.82 36.79
CA ALA B 720 -56.01 -2.14 36.81
C ALA B 720 -56.85 -0.88 36.65
N ILE B 721 -56.52 0.16 37.41
CA ILE B 721 -57.25 1.42 37.36
C ILE B 721 -57.14 2.05 35.98
N HIS B 722 -55.91 2.16 35.47
CA HIS B 722 -55.70 2.77 34.17
C HIS B 722 -56.31 1.94 33.05
N CYS B 723 -56.54 0.66 33.30
CA CYS B 723 -57.20 -0.20 32.33
C CYS B 723 -58.70 0.11 32.30
N ILE B 724 -59.30 0.25 33.47
CA ILE B 724 -60.70 0.61 33.57
C ILE B 724 -60.97 1.95 32.88
N HIS B 725 -60.15 2.94 33.22
CA HIS B 725 -60.27 4.29 32.67
C HIS B 725 -60.17 4.30 31.15
N ALA B 726 -59.48 3.31 30.58
CA ALA B 726 -59.12 3.32 29.17
C ALA B 726 -60.20 2.71 28.26
N ILE B 727 -60.76 1.57 28.65
CA ILE B 727 -61.63 0.81 27.76
C ILE B 727 -63.11 0.83 28.16
N PHE B 728 -63.38 0.91 29.46
CA PHE B 728 -64.75 0.89 29.96
C PHE B 728 -65.36 2.29 30.01
N SER B 729 -66.57 2.40 29.49
CA SER B 729 -67.31 3.66 29.51
C SER B 729 -68.04 3.86 30.84
N SER B 730 -68.24 2.76 31.57
CA SER B 730 -68.85 2.81 32.89
C SER B 730 -67.82 3.16 33.96
N LYS B 731 -66.63 3.55 33.51
CA LYS B 731 -65.52 3.91 34.40
C LYS B 731 -65.94 4.79 35.57
N GLU B 732 -66.84 5.74 35.31
CA GLU B 732 -67.27 6.69 36.33
C GLU B 732 -67.93 5.97 37.50
N THR B 733 -68.61 4.86 37.20
CA THR B 733 -69.28 4.07 38.22
C THR B 733 -68.30 3.12 38.89
N GLN B 734 -67.42 2.51 38.10
CA GLN B 734 -66.48 1.52 38.59
C GLN B 734 -65.57 2.09 39.68
N PHE B 735 -65.13 3.33 39.50
CA PHE B 735 -64.26 3.99 40.47
C PHE B 735 -64.97 4.19 41.81
N ALA B 736 -66.25 4.56 41.74
CA ALA B 736 -67.03 4.81 42.96
C ALA B 736 -67.10 3.55 43.82
N GLN B 737 -67.31 2.41 43.19
CA GLN B 737 -67.45 1.14 43.90
C GLN B 737 -66.09 0.64 44.44
N ILE B 738 -65.01 1.25 43.96
CA ILE B 738 -63.67 0.91 44.42
C ILE B 738 -63.18 1.90 45.47
N PHE B 739 -63.60 3.15 45.33
CA PHE B 739 -63.09 4.23 46.17
C PHE B 739 -63.70 4.23 47.57
N GLU B 740 -65.00 3.95 47.67
CA GLU B 740 -65.68 4.02 48.95
C GLU B 740 -65.19 2.93 49.93
N PRO B 741 -65.03 1.69 49.46
CA PRO B 741 -64.47 0.67 50.35
C PRO B 741 -63.06 1.01 50.85
N LEU B 742 -62.26 1.66 50.00
CA LEU B 742 -60.88 1.99 50.36
C LEU B 742 -60.80 3.24 51.22
N HIS B 743 -61.78 4.13 51.09
CA HIS B 743 -61.82 5.34 51.88
C HIS B 743 -62.07 5.00 53.35
N LYS B 744 -62.81 3.92 53.58
CA LYS B 744 -63.09 3.45 54.94
C LYS B 744 -61.99 2.52 55.44
N SER B 745 -61.18 2.01 54.52
CA SER B 745 -60.09 1.11 54.88
C SER B 745 -58.94 1.84 55.56
N LEU B 746 -59.01 3.17 55.57
CA LEU B 746 -57.94 4.00 56.14
C LEU B 746 -58.07 4.10 57.64
N ASP B 747 -57.02 3.66 58.35
CA ASP B 747 -56.99 3.73 59.80
C ASP B 747 -55.55 3.63 60.29
N PRO B 748 -55.09 4.59 61.12
CA PRO B 748 -53.70 4.57 61.59
C PRO B 748 -53.29 3.28 62.28
N SER B 749 -54.25 2.54 62.83
CA SER B 749 -53.97 1.26 63.45
C SER B 749 -53.67 0.20 62.39
N ASN B 750 -54.24 0.40 61.21
CA ASN B 750 -54.09 -0.53 60.10
C ASN B 750 -53.05 -0.03 59.10
N LEU B 751 -51.78 -0.30 59.38
CA LEU B 751 -50.68 0.11 58.50
C LEU B 751 -50.04 -1.08 57.79
N GLU B 752 -50.50 -2.28 58.12
CA GLU B 752 -49.95 -3.50 57.54
C GLU B 752 -50.02 -3.47 56.02
N HIS B 753 -51.06 -2.85 55.49
CA HIS B 753 -51.21 -2.73 54.04
C HIS B 753 -52.09 -1.56 53.65
N LEU B 754 -51.55 -0.34 53.80
CA LEU B 754 -52.15 0.85 53.21
C LEU B 754 -51.47 1.15 51.88
N ILE B 755 -50.58 0.28 51.46
CA ILE B 755 -49.81 0.48 50.25
C ILE B 755 -50.73 0.57 49.04
N THR B 756 -51.46 -0.52 48.77
CA THR B 756 -52.30 -0.58 47.59
C THR B 756 -53.48 0.38 47.66
N PRO B 757 -54.13 0.50 48.84
CA PRO B 757 -55.19 1.52 48.95
C PRO B 757 -54.74 2.93 48.57
N LEU B 758 -53.52 3.30 48.96
CA LEU B 758 -53.02 4.64 48.68
C LEU B 758 -52.61 4.77 47.21
N VAL B 759 -52.10 3.69 46.63
CA VAL B 759 -51.78 3.69 45.21
C VAL B 759 -53.04 3.90 44.39
N THR B 760 -54.05 3.09 44.66
CA THR B 760 -55.32 3.15 43.92
C THR B 760 -56.00 4.50 44.09
N ILE B 761 -56.11 4.97 45.33
CA ILE B 761 -56.72 6.27 45.61
C ILE B 761 -55.99 7.38 44.84
N GLY B 762 -54.68 7.22 44.70
CA GLY B 762 -53.85 8.21 44.02
C GLY B 762 -54.11 8.28 42.53
N HIS B 763 -54.26 7.12 41.89
CA HIS B 763 -54.48 7.07 40.45
C HIS B 763 -55.92 7.43 40.11
N ILE B 764 -56.83 7.16 41.05
CA ILE B 764 -58.21 7.59 40.89
C ILE B 764 -58.28 9.11 41.00
N ALA B 765 -57.48 9.65 41.90
CA ALA B 765 -57.40 11.10 42.09
C ALA B 765 -56.71 11.78 40.90
N LEU B 766 -56.02 10.97 40.09
CA LEU B 766 -55.32 11.47 38.92
C LEU B 766 -56.21 11.40 37.67
N LEU B 767 -57.02 10.36 37.58
CA LEU B 767 -57.88 10.13 36.43
C LEU B 767 -59.29 10.67 36.65
N ALA B 768 -59.63 10.92 37.92
CA ALA B 768 -60.96 11.40 38.28
C ALA B 768 -60.87 12.39 39.44
N PRO B 769 -60.30 13.58 39.17
CA PRO B 769 -60.12 14.60 40.21
C PRO B 769 -61.42 15.28 40.60
N ASP B 770 -62.29 15.53 39.61
CA ASP B 770 -63.55 16.23 39.85
C ASP B 770 -64.57 15.33 40.56
N GLN B 771 -64.61 14.07 40.16
CA GLN B 771 -65.58 13.12 40.69
C GLN B 771 -65.39 12.86 42.19
N PHE B 772 -64.14 12.98 42.66
CA PHE B 772 -63.82 12.72 44.06
C PHE B 772 -63.10 13.89 44.71
N ALA B 773 -63.43 15.10 44.29
CA ALA B 773 -62.75 16.29 44.79
C ALA B 773 -62.99 16.52 46.27
N ALA B 774 -64.17 16.12 46.76
CA ALA B 774 -64.55 16.42 48.14
C ALA B 774 -63.99 15.43 49.15
N PRO B 775 -64.09 14.11 48.88
CA PRO B 775 -63.50 13.17 49.84
C PRO B 775 -61.98 13.30 49.95
N LEU B 776 -61.31 13.46 48.81
CA LEU B 776 -59.85 13.56 48.77
C LEU B 776 -59.35 14.73 49.61
N LYS B 777 -60.01 15.89 49.46
CA LYS B 777 -59.61 17.09 50.16
C LYS B 777 -59.64 16.90 51.67
N SER B 778 -60.70 16.27 52.16
CA SER B 778 -60.82 15.97 53.58
C SER B 778 -59.89 14.81 53.94
N LEU B 779 -59.76 13.85 53.03
CA LEU B 779 -58.90 12.70 53.23
C LEU B 779 -57.45 13.12 53.46
N VAL B 780 -56.89 13.84 52.50
CA VAL B 780 -55.52 14.34 52.61
C VAL B 780 -55.36 15.18 53.87
N ALA B 781 -56.32 16.05 54.12
CA ALA B 781 -56.25 17.02 55.21
C ALA B 781 -56.25 16.35 56.58
N THR B 782 -57.05 15.29 56.73
CA THR B 782 -57.26 14.68 58.04
C THR B 782 -56.41 13.42 58.27
N PHE B 783 -56.35 12.54 57.29
CA PHE B 783 -55.66 11.26 57.45
C PHE B 783 -54.18 11.32 57.07
N ILE B 784 -53.90 11.73 55.83
CA ILE B 784 -52.54 11.77 55.33
C ILE B 784 -51.66 12.70 56.15
N VAL B 785 -52.09 13.95 56.27
CA VAL B 785 -51.31 14.96 56.98
C VAL B 785 -51.24 14.70 58.47
N LYS B 786 -52.39 14.73 59.14
CA LYS B 786 -52.44 14.74 60.60
C LYS B 786 -52.28 13.36 61.25
N ASP B 787 -52.94 12.35 60.68
CA ASP B 787 -52.98 11.03 61.34
C ASP B 787 -51.83 10.12 60.95
N LEU B 788 -51.21 10.38 59.80
CA LEU B 788 -50.18 9.48 59.26
C LEU B 788 -48.79 10.09 59.32
N LEU B 789 -48.61 11.27 58.73
CA LEU B 789 -47.30 11.89 58.64
C LEU B 789 -46.94 12.66 59.91
N MSE B 790 -47.93 13.24 60.56
CA MSE B 790 -47.68 14.13 61.70
C MSE B 790 -47.26 13.38 62.96
O MSE B 790 -47.01 14.01 63.99
CB MSE B 790 -48.92 14.97 61.99
CG MSE B 790 -48.63 16.33 62.62
SE MSE B 790 -47.71 17.54 61.40
CE MSE B 790 -49.10 17.72 60.05
H MSE B 790 -48.77 13.14 60.38
HA MSE B 790 -46.97 14.75 61.45
HB2 MSE B 790 -49.40 15.13 61.17
HB3 MSE B 790 -49.49 14.48 62.61
HG2 MSE B 790 -49.47 16.74 62.88
HG3 MSE B 790 -48.07 16.21 63.40
HE1 MSE B 790 -48.78 18.32 59.35
HE2 MSE B 790 -49.29 16.85 59.68
HE3 MSE B 790 -49.90 18.09 60.46
N ASN B 791 -47.20 12.06 62.89
CA ASN B 791 -46.75 11.28 64.03
C ASN B 791 -46.18 9.92 63.60
N ASP B 792 -45.06 9.54 64.20
CA ASP B 792 -44.40 8.28 63.92
C ASP B 792 -44.80 7.25 64.97
N ARG B 793 -45.68 6.33 64.57
CA ARG B 793 -46.24 5.34 65.48
C ARG B 793 -45.25 4.22 65.74
N LEU B 794 -44.75 3.60 64.67
CA LEU B 794 -43.80 2.50 64.79
C LEU B 794 -42.41 3.06 65.15
N PRO B 795 -41.65 2.32 65.98
CA PRO B 795 -40.37 2.87 66.44
C PRO B 795 -39.29 3.00 65.35
N GLY B 796 -38.83 1.87 64.83
CA GLY B 796 -37.71 1.86 63.89
C GLY B 796 -36.40 1.76 64.64
N LYS B 797 -35.67 0.67 64.40
CA LYS B 797 -34.43 0.39 65.11
C LYS B 797 -33.37 1.46 64.85
N LYS B 798 -32.62 1.82 65.89
CA LYS B 798 -31.55 2.80 65.76
C LYS B 798 -30.38 2.22 64.97
N THR B 799 -29.64 3.11 64.30
CA THR B 799 -28.50 2.71 63.50
C THR B 799 -27.71 3.94 63.06
N THR B 800 -26.44 3.72 62.70
CA THR B 800 -25.58 4.79 62.23
C THR B 800 -25.67 4.94 60.72
N LYS B 801 -26.15 3.89 60.06
CA LYS B 801 -26.31 3.90 58.60
C LYS B 801 -27.32 4.96 58.17
N LEU B 802 -27.19 5.43 56.93
CA LEU B 802 -28.09 6.43 56.38
C LEU B 802 -29.00 5.84 55.30
N TRP B 803 -28.85 4.54 55.05
CA TRP B 803 -29.64 3.88 54.02
C TRP B 803 -29.66 2.36 54.20
N VAL B 804 -30.80 1.76 53.91
CA VAL B 804 -30.94 0.30 53.96
C VAL B 804 -31.69 -0.19 52.72
N PRO B 805 -31.55 -1.48 52.39
CA PRO B 805 -32.30 -2.02 51.26
C PRO B 805 -33.80 -1.86 51.44
N ASP B 806 -34.56 -1.96 50.35
CA ASP B 806 -36.00 -1.75 50.39
C ASP B 806 -36.71 -2.69 51.36
N GLU B 807 -36.15 -3.88 51.54
CA GLU B 807 -36.76 -4.91 52.39
C GLU B 807 -36.67 -4.56 53.87
N GLU B 808 -35.63 -3.81 54.23
CA GLU B 808 -35.36 -3.51 55.65
C GLU B 808 -35.95 -2.18 56.08
N VAL B 809 -36.70 -1.53 55.20
CA VAL B 809 -37.39 -0.30 55.54
C VAL B 809 -38.65 -0.61 56.35
N SER B 810 -38.88 0.15 57.41
CA SER B 810 -40.05 -0.06 58.25
C SER B 810 -41.32 0.12 57.43
N PRO B 811 -42.34 -0.73 57.68
CA PRO B 811 -43.56 -0.67 56.86
C PRO B 811 -44.28 0.67 56.96
N GLU B 812 -44.08 1.38 58.06
CA GLU B 812 -44.70 2.69 58.23
C GLU B 812 -44.07 3.69 57.28
N THR B 813 -42.76 3.58 57.08
CA THR B 813 -42.03 4.50 56.20
C THR B 813 -42.47 4.30 54.75
N MSE B 814 -42.64 3.05 54.35
CA MSE B 814 -43.06 2.74 52.98
C MSE B 814 -44.45 3.29 52.72
O MSE B 814 -44.80 3.59 51.57
CB MSE B 814 -43.02 1.23 52.73
CG MSE B 814 -41.63 0.62 52.76
SE MSE B 814 -40.42 1.36 51.39
CE MSE B 814 -40.35 -0.16 50.17
H MSE B 814 -42.52 2.35 54.84
HA MSE B 814 -42.43 3.16 52.37
HB2 MSE B 814 -43.55 0.79 53.43
HB3 MSE B 814 -43.41 1.05 51.86
HG2 MSE B 814 -41.22 0.79 53.62
HG3 MSE B 814 -41.69 -0.33 52.61
HE1 MSE B 814 -39.78 0.06 49.42
HE2 MSE B 814 -40.00 -0.93 50.64
HE3 MSE B 814 -41.25 -0.36 49.86
N VAL B 815 -45.25 3.44 53.76
CA VAL B 815 -46.58 4.02 53.65
C VAL B 815 -46.49 5.54 53.51
N LYS B 816 -45.69 6.16 54.36
CA LYS B 816 -45.53 7.61 54.35
C LYS B 816 -44.97 8.08 53.01
N ILE B 817 -44.12 7.26 52.41
CA ILE B 817 -43.59 7.55 51.07
C ILE B 817 -44.69 7.44 50.04
N GLN B 818 -45.44 6.35 50.10
CA GLN B 818 -46.52 6.12 49.14
C GLN B 818 -47.65 7.12 49.37
N ALA B 819 -47.73 7.66 50.58
CA ALA B 819 -48.71 8.67 50.92
C ALA B 819 -48.39 9.98 50.20
N ILE B 820 -47.11 10.34 50.15
CA ILE B 820 -46.68 11.55 49.46
C ILE B 820 -46.87 11.37 47.95
N LYS B 821 -46.57 10.19 47.46
CA LYS B 821 -46.80 9.85 46.06
C LYS B 821 -48.26 10.11 45.69
N MSE B 822 -49.15 9.78 46.63
CA MSE B 822 -50.58 9.97 46.41
C MSE B 822 -50.91 11.45 46.31
O MSE B 822 -51.62 11.88 45.39
CB MSE B 822 -51.38 9.31 47.55
CG MSE B 822 -52.86 9.18 47.29
SE MSE B 822 -53.89 10.79 47.73
CE MSE B 822 -53.68 10.73 49.66
H MSE B 822 -48.95 9.45 47.39
HA MSE B 822 -50.83 9.53 45.58
HB2 MSE B 822 -51.02 8.42 47.70
HB3 MSE B 822 -51.27 9.85 48.36
HG2 MSE B 822 -53.01 8.99 46.34
HG3 MSE B 822 -53.21 8.45 47.83
HE1 MSE B 822 -54.14 11.49 50.06
HE2 MSE B 822 -54.06 9.91 50.00
HE3 MSE B 822 -52.73 10.78 49.88
N MSE B 823 -50.40 12.25 47.24
CA MSE B 823 -50.64 13.68 47.25
C MSE B 823 -50.20 14.34 45.96
O MSE B 823 -50.85 15.27 45.47
CB MSE B 823 -49.90 14.35 48.42
CG MSE B 823 -50.45 14.00 49.79
SE MSE B 823 -49.62 15.09 51.18
CE MSE B 823 -50.33 16.84 50.67
H MSE B 823 -49.88 11.97 47.88
HA MSE B 823 -51.58 13.84 47.38
HB2 MSE B 823 -48.97 14.07 48.39
HB3 MSE B 823 -49.96 15.31 48.31
HG2 MSE B 823 -51.41 14.17 49.81
HG3 MSE B 823 -50.27 13.07 49.99
HE1 MSE B 823 -50.00 17.50 51.29
HE2 MSE B 823 -50.04 17.05 49.76
HE3 MSE B 823 -51.30 16.80 50.71
N VAL B 824 -49.10 13.86 45.38
CA VAL B 824 -48.60 14.42 44.14
C VAL B 824 -49.59 14.16 43.00
N ARG B 825 -50.14 12.96 42.95
CA ARG B 825 -51.10 12.61 41.91
C ARG B 825 -52.41 13.35 42.12
N TRP B 826 -52.76 13.55 43.39
CA TRP B 826 -53.95 14.31 43.75
C TRP B 826 -53.89 15.72 43.20
N LEU B 827 -52.70 16.32 43.27
CA LEU B 827 -52.49 17.67 42.77
C LEU B 827 -52.36 17.67 41.24
N LEU B 828 -51.76 16.63 40.69
CA LEU B 828 -51.57 16.54 39.25
C LEU B 828 -52.89 16.29 38.53
N GLY B 829 -53.87 15.76 39.25
CA GLY B 829 -55.18 15.49 38.69
C GLY B 829 -55.97 16.76 38.45
N MSE B 830 -56.05 17.60 39.49
CA MSE B 830 -56.84 18.82 39.42
C MSE B 830 -56.11 19.94 38.68
O MSE B 830 -56.75 20.73 37.98
CB MSE B 830 -57.23 19.28 40.83
CG MSE B 830 -56.06 19.52 41.78
SE MSE B 830 -56.66 19.63 43.64
CE MSE B 830 -56.60 21.56 43.87
H MSE B 830 -55.65 17.47 40.25
HA MSE B 830 -57.66 18.62 38.95
HB2 MSE B 830 -57.72 20.12 40.75
HB3 MSE B 830 -57.80 18.61 41.22
HG2 MSE B 830 -55.44 18.78 41.70
HG3 MSE B 830 -55.63 20.35 41.54
HE1 MSE B 830 -56.88 21.78 44.78
HE2 MSE B 830 -55.70 21.87 43.72
HE3 MSE B 830 -57.21 21.98 43.23
N LYS B 831 -54.80 20.01 38.85
CA LYS B 831 -53.99 21.06 38.21
C LYS B 831 -54.51 22.43 38.60
N ASN B 832 -54.79 22.61 39.89
CA ASN B 832 -55.41 23.83 40.40
C ASN B 832 -54.77 24.26 41.72
N ASN B 833 -54.86 25.56 42.01
CA ASN B 833 -54.32 26.11 43.25
C ASN B 833 -55.29 27.06 43.95
N HIS B 834 -56.39 27.38 43.27
CA HIS B 834 -57.39 28.30 43.82
C HIS B 834 -57.94 27.82 45.16
N SER B 835 -57.77 26.53 45.45
CA SER B 835 -58.19 25.95 46.72
C SER B 835 -57.00 25.75 47.67
N LYS B 836 -55.86 26.35 47.33
CA LYS B 836 -54.66 26.34 48.17
C LYS B 836 -54.01 24.96 48.28
N SER B 837 -54.62 23.94 47.70
CA SER B 837 -54.14 22.56 47.84
C SER B 837 -52.66 22.43 47.46
N GLY B 838 -52.21 23.23 46.51
CA GLY B 838 -50.82 23.22 46.10
C GLY B 838 -49.92 23.85 47.13
N THR B 839 -50.33 25.01 47.63
CA THR B 839 -49.56 25.76 48.61
C THR B 839 -49.33 24.97 49.90
N SER B 840 -50.40 24.40 50.43
CA SER B 840 -50.33 23.65 51.68
C SER B 840 -49.42 22.43 51.55
N THR B 841 -49.42 21.82 50.37
CA THR B 841 -48.59 20.65 50.12
C THR B 841 -47.12 21.02 50.06
N LEU B 842 -46.78 22.03 49.28
CA LEU B 842 -45.40 22.48 49.15
C LEU B 842 -44.83 22.88 50.51
N ARG B 843 -45.64 23.55 51.32
CA ARG B 843 -45.22 23.95 52.66
C ARG B 843 -44.92 22.72 53.51
N LEU B 844 -45.68 21.65 53.30
CA LEU B 844 -45.48 20.40 54.02
C LEU B 844 -44.19 19.73 53.56
N LEU B 845 -44.08 19.52 52.25
CA LEU B 845 -42.90 18.89 51.67
C LEU B 845 -41.63 19.64 52.05
N THR B 846 -41.72 20.96 52.05
CA THR B 846 -40.59 21.82 52.40
C THR B 846 -40.21 21.64 53.87
N THR B 847 -41.20 21.46 54.72
CA THR B 847 -40.96 21.29 56.15
C THR B 847 -40.24 19.98 56.43
N ILE B 848 -40.49 18.98 55.59
CA ILE B 848 -39.85 17.69 55.74
C ILE B 848 -38.36 17.79 55.48
N LEU B 849 -37.99 18.54 54.45
CA LEU B 849 -36.58 18.76 54.11
C LEU B 849 -35.90 19.60 55.19
N HIS B 850 -36.57 20.67 55.61
CA HIS B 850 -36.04 21.52 56.67
C HIS B 850 -35.89 20.75 57.97
N SER B 851 -36.72 19.72 58.13
CA SER B 851 -36.68 18.86 59.31
C SER B 851 -35.70 17.70 59.13
N ASP B 852 -35.07 17.65 57.96
CA ASP B 852 -34.10 16.60 57.64
C ASP B 852 -34.75 15.22 57.65
N GLY B 853 -36.05 15.18 57.39
CA GLY B 853 -36.80 13.93 57.32
C GLY B 853 -37.47 13.53 58.61
N ASP B 854 -37.49 14.46 59.57
CA ASP B 854 -38.12 14.22 60.88
C ASP B 854 -39.22 15.25 61.10
N LEU B 855 -40.33 15.08 60.40
CA LEU B 855 -41.43 16.04 60.43
C LEU B 855 -41.95 16.30 61.84
N THR B 856 -41.92 15.26 62.68
CA THR B 856 -42.40 15.37 64.06
C THR B 856 -41.40 16.11 64.94
N GLU B 857 -40.15 16.22 64.48
CA GLU B 857 -39.05 16.80 65.24
C GLU B 857 -38.69 15.97 66.48
N GLN B 858 -39.30 14.79 66.60
CA GLN B 858 -39.00 13.89 67.71
C GLN B 858 -38.06 12.79 67.24
N GLY B 859 -36.92 12.65 67.92
CA GLY B 859 -35.94 11.65 67.56
C GLY B 859 -36.45 10.24 67.80
N LYS B 860 -37.51 9.86 67.07
CA LYS B 860 -38.15 8.56 67.24
C LYS B 860 -38.19 7.78 65.92
N ILE B 861 -37.50 8.28 64.91
CA ILE B 861 -37.48 7.64 63.59
C ILE B 861 -36.07 7.26 63.19
N SER B 862 -35.96 6.13 62.50
CA SER B 862 -34.66 5.59 62.07
C SER B 862 -34.00 6.53 61.07
N LYS B 863 -32.67 6.51 61.02
CA LYS B 863 -31.93 7.40 60.12
C LYS B 863 -32.09 6.98 58.65
N PRO B 864 -31.99 5.68 58.35
CA PRO B 864 -32.29 5.25 56.98
C PRO B 864 -33.70 5.59 56.52
N ASP B 865 -34.60 5.84 57.45
CA ASP B 865 -35.97 6.22 57.11
C ASP B 865 -36.06 7.70 56.79
N MSE B 866 -35.28 8.52 57.50
CA MSE B 866 -35.26 9.96 57.23
C MSE B 866 -34.73 10.23 55.84
O MSE B 866 -35.17 11.17 55.17
CB MSE B 866 -34.40 10.70 58.26
CG MSE B 866 -34.65 10.37 59.72
SE MSE B 866 -34.05 11.79 60.90
CE MSE B 866 -33.71 10.77 62.53
H MSE B 866 -34.75 8.26 58.13
HA MSE B 866 -36.17 10.29 57.31
HB2 MSE B 866 -33.47 10.51 58.07
HB3 MSE B 866 -34.56 11.65 58.16
HG2 MSE B 866 -35.61 10.23 59.85
HG3 MSE B 866 -34.17 9.55 59.95
HE1 MSE B 866 -33.40 11.37 63.22
HE2 MSE B 866 -34.54 10.33 62.81
HE3 MSE B 866 -33.04 10.10 62.34
N SER B 867 -33.79 9.42 55.40
CA SER B 867 -33.18 9.57 54.08
C SER B 867 -34.22 9.38 52.97
N ARG B 868 -35.02 8.35 53.10
CA ARG B 868 -36.03 8.04 52.09
C ARG B 868 -37.15 9.08 52.11
N LEU B 869 -37.37 9.70 53.26
CA LEU B 869 -38.39 10.74 53.38
C LEU B 869 -37.94 12.01 52.67
N ARG B 870 -36.66 12.38 52.83
CA ARG B 870 -36.10 13.54 52.16
C ARG B 870 -36.12 13.32 50.65
N LEU B 871 -35.87 12.08 50.23
CA LEU B 871 -35.87 11.74 48.82
C LEU B 871 -37.27 11.82 48.25
N ALA B 872 -38.26 11.36 49.02
CA ALA B 872 -39.65 11.40 48.60
C ALA B 872 -40.14 12.84 48.49
N ALA B 873 -39.82 13.64 49.51
CA ALA B 873 -40.20 15.05 49.52
C ALA B 873 -39.51 15.80 48.39
N GLY B 874 -38.24 15.51 48.18
CA GLY B 874 -37.47 16.16 47.14
C GLY B 874 -37.97 15.80 45.76
N SER B 875 -38.15 14.50 45.51
CA SER B 875 -38.65 14.03 44.24
C SER B 875 -40.04 14.58 43.96
N ALA B 876 -40.79 14.86 45.02
CA ALA B 876 -42.15 15.38 44.89
C ALA B 876 -42.12 16.80 44.33
N ILE B 877 -41.34 17.67 44.97
CA ILE B 877 -41.23 19.06 44.53
C ILE B 877 -40.74 19.12 43.09
N VAL B 878 -39.79 18.26 42.75
CA VAL B 878 -39.25 18.21 41.41
C VAL B 878 -40.31 17.77 40.40
N LYS B 879 -41.24 16.94 40.85
CA LYS B 879 -42.29 16.43 39.97
C LYS B 879 -43.40 17.46 39.78
N LEU B 880 -43.75 18.15 40.86
CA LEU B 880 -44.78 19.19 40.80
C LEU B 880 -44.30 20.37 39.96
N ALA B 881 -43.01 20.64 40.00
CA ALA B 881 -42.43 21.76 39.27
C ALA B 881 -42.51 21.53 37.76
N GLN B 882 -42.82 20.30 37.35
CA GLN B 882 -42.99 19.98 35.94
C GLN B 882 -44.40 20.28 35.46
N GLU B 883 -45.26 20.66 36.40
CA GLU B 883 -46.61 21.14 36.09
C GLU B 883 -46.61 22.66 36.21
N PRO B 884 -46.85 23.39 35.09
CA PRO B 884 -46.72 24.85 35.10
C PRO B 884 -47.46 25.59 36.20
N CYS B 885 -48.67 25.16 36.54
CA CYS B 885 -49.51 25.89 37.49
C CYS B 885 -48.98 25.79 38.93
N TYR B 886 -48.20 24.75 39.20
CA TYR B 886 -47.63 24.56 40.53
C TYR B 886 -46.21 25.14 40.63
N HIS B 887 -45.57 25.28 39.48
CA HIS B 887 -44.24 25.90 39.41
C HIS B 887 -44.30 27.34 39.93
N GLU B 888 -45.35 28.05 39.53
CA GLU B 888 -45.53 29.45 39.88
C GLU B 888 -45.64 29.67 41.39
N ILE B 889 -45.92 28.58 42.13
CA ILE B 889 -46.09 28.66 43.57
C ILE B 889 -44.76 28.46 44.31
N ILE B 890 -43.83 27.76 43.67
CA ILE B 890 -42.54 27.42 44.29
C ILE B 890 -41.82 28.67 44.78
N THR B 891 -41.74 28.81 46.11
CA THR B 891 -40.98 29.88 46.72
C THR B 891 -39.49 29.66 46.46
N LEU B 892 -38.72 30.74 46.39
CA LEU B 892 -37.29 30.64 46.24
C LEU B 892 -36.69 29.85 47.40
N GLU B 893 -37.18 30.13 48.61
CA GLU B 893 -36.80 29.37 49.79
C GLU B 893 -37.05 27.88 49.59
N GLN B 894 -38.22 27.56 49.03
CA GLN B 894 -38.61 26.17 48.81
C GLN B 894 -37.76 25.53 47.72
N TYR B 895 -37.55 26.26 46.63
CA TYR B 895 -36.74 25.78 45.52
C TYR B 895 -35.29 25.59 45.94
N GLN B 896 -34.76 26.57 46.67
CA GLN B 896 -33.36 26.54 47.11
C GLN B 896 -33.14 25.43 48.15
N LEU B 897 -34.07 25.29 49.08
CA LEU B 897 -33.96 24.25 50.09
C LEU B 897 -34.07 22.87 49.47
N CYS B 898 -34.81 22.79 48.36
CA CYS B 898 -34.96 21.54 47.64
C CYS B 898 -33.69 21.20 46.87
N ALA B 899 -33.00 22.22 46.39
CA ALA B 899 -31.80 22.04 45.59
C ALA B 899 -30.66 21.46 46.43
N LEU B 900 -30.67 21.73 47.73
CA LEU B 900 -29.64 21.23 48.63
C LEU B 900 -29.63 19.71 48.69
N ALA B 901 -30.71 19.09 48.23
CA ALA B 901 -30.85 17.64 48.26
C ALA B 901 -29.77 16.96 47.42
N ILE B 902 -29.22 17.69 46.45
CA ILE B 902 -28.20 17.11 45.58
C ILE B 902 -26.84 17.08 46.28
N ASN B 903 -26.79 17.59 47.51
CA ASN B 903 -25.61 17.49 48.36
C ASN B 903 -25.93 16.81 49.69
N ASP B 904 -26.98 16.00 49.70
CA ASP B 904 -27.40 15.30 50.90
C ASP B 904 -26.29 14.37 51.38
N GLU B 905 -26.24 14.12 52.68
CA GLU B 905 -25.24 13.24 53.28
C GLU B 905 -25.33 11.84 52.69
N CYS B 906 -26.54 11.39 52.43
CA CYS B 906 -26.78 10.05 51.93
C CYS B 906 -26.57 9.97 50.41
N TYR B 907 -25.69 9.07 49.99
CA TYR B 907 -25.35 8.91 48.58
C TYR B 907 -26.56 8.56 47.74
N GLN B 908 -27.35 7.59 48.20
CA GLN B 908 -28.51 7.12 47.47
C GLN B 908 -29.52 8.26 47.22
N VAL B 909 -29.60 9.19 48.17
CA VAL B 909 -30.51 10.31 48.04
C VAL B 909 -30.14 11.21 46.86
N ARG B 910 -28.93 11.75 46.88
CA ARG B 910 -28.50 12.66 45.82
C ARG B 910 -28.23 11.92 44.51
N GLN B 911 -28.15 10.60 44.56
CA GLN B 911 -28.03 9.80 43.35
C GLN B 911 -29.38 9.75 42.66
N VAL B 912 -30.41 9.37 43.41
CA VAL B 912 -31.75 9.27 42.85
C VAL B 912 -32.32 10.64 42.56
N PHE B 913 -31.99 11.62 43.40
CA PHE B 913 -32.45 12.98 43.19
C PHE B 913 -31.95 13.52 41.85
N ALA B 914 -30.68 13.28 41.57
CA ALA B 914 -30.09 13.73 40.31
C ALA B 914 -30.73 13.03 39.12
N GLN B 915 -31.23 11.82 39.34
CA GLN B 915 -31.91 11.07 38.29
C GLN B 915 -33.26 11.69 37.97
N LYS B 916 -33.90 12.29 38.98
CA LYS B 916 -35.18 12.93 38.79
C LYS B 916 -35.04 14.27 38.08
N LEU B 917 -33.95 14.98 38.35
CA LEU B 917 -33.67 16.23 37.67
C LEU B 917 -33.37 15.96 36.20
N HIS B 918 -32.56 14.92 35.96
CA HIS B 918 -32.16 14.58 34.60
C HIS B 918 -33.37 14.17 33.77
N LYS B 919 -34.31 13.47 34.41
CA LYS B 919 -35.50 13.00 33.70
C LYS B 919 -36.39 14.19 33.34
N GLY B 920 -36.52 15.13 34.26
CA GLY B 920 -37.32 16.32 34.02
C GLY B 920 -36.74 17.18 32.92
N LEU B 921 -35.43 17.40 32.96
CA LEU B 921 -34.77 18.24 31.97
C LEU B 921 -34.71 17.56 30.61
N SER B 922 -34.60 16.24 30.61
CA SER B 922 -34.56 15.48 29.36
C SER B 922 -35.92 15.55 28.66
N ARG B 923 -36.98 15.49 29.44
CA ARG B 923 -38.34 15.61 28.91
C ARG B 923 -38.67 17.06 28.53
N LEU B 924 -37.77 17.98 28.88
CA LEU B 924 -37.96 19.41 28.63
C LEU B 924 -39.19 19.92 29.37
N ARG B 925 -39.58 19.23 30.44
CA ARG B 925 -40.72 19.63 31.25
C ARG B 925 -40.28 20.47 32.45
N LEU B 926 -39.00 20.40 32.79
CA LEU B 926 -38.47 21.07 33.98
C LEU B 926 -37.78 22.38 33.60
N PRO B 927 -38.06 23.47 34.35
CA PRO B 927 -37.38 24.74 34.07
C PRO B 927 -35.86 24.67 34.25
N LEU B 928 -35.15 25.70 33.80
CA LEU B 928 -33.69 25.71 33.84
C LEU B 928 -33.16 26.11 35.20
N GLU B 929 -34.00 26.74 36.02
CA GLU B 929 -33.61 27.09 37.38
C GLU B 929 -33.24 25.83 38.16
N TYR B 930 -33.82 24.70 37.76
CA TYR B 930 -33.53 23.42 38.38
C TYR B 930 -32.29 22.78 37.76
N MSE B 931 -31.92 23.23 36.57
CA MSE B 931 -30.74 22.73 35.89
C MSE B 931 -29.47 23.24 36.56
O MSE B 931 -28.45 22.55 36.59
CB MSE B 931 -30.75 23.14 34.42
CG MSE B 931 -29.65 22.50 33.59
SE MSE B 931 -29.52 23.32 31.83
CE MSE B 931 -28.84 21.81 30.86
H MSE B 931 -32.34 23.84 36.13
HA MSE B 931 -30.74 21.75 35.93
HB2 MSE B 931 -31.59 22.88 34.04
HB3 MSE B 931 -30.64 24.09 34.37
HG2 MSE B 931 -28.80 22.61 34.04
HG3 MSE B 931 -29.85 21.55 33.47
HE1 MSE B 931 -28.71 22.05 29.93
HE2 MSE B 931 -27.99 21.53 31.25
HE3 MSE B 931 -29.47 21.08 30.93
N ALA B 932 -29.54 24.46 37.08
CA ALA B 932 -28.40 25.08 37.75
C ALA B 932 -28.07 24.38 39.06
N ILE B 933 -28.96 23.49 39.49
CA ILE B 933 -28.72 22.70 40.70
C ILE B 933 -27.51 21.79 40.49
N CYS B 934 -27.29 21.39 39.25
CA CYS B 934 -26.16 20.52 38.91
C CYS B 934 -24.82 21.22 39.12
N ALA B 935 -24.85 22.52 39.37
CA ALA B 935 -23.62 23.27 39.63
C ALA B 935 -23.07 22.95 41.02
N LEU B 936 -23.95 22.49 41.90
CA LEU B 936 -23.56 22.19 43.28
C LEU B 936 -22.93 20.80 43.40
N CYS B 937 -22.83 20.10 42.27
CA CYS B 937 -22.23 18.77 42.27
C CYS B 937 -20.71 18.83 42.35
N ALA B 938 -20.16 20.02 42.13
CA ALA B 938 -18.72 20.23 42.26
C ALA B 938 -18.28 20.06 43.72
N LYS B 939 -19.24 20.20 44.63
CA LYS B 939 -18.99 20.00 46.05
C LYS B 939 -18.98 18.53 46.43
N ASP B 940 -19.22 17.66 45.45
CA ASP B 940 -19.40 16.23 45.71
C ASP B 940 -18.06 15.49 45.73
N PRO B 941 -17.76 14.78 46.83
CA PRO B 941 -16.47 14.08 46.91
C PRO B 941 -16.39 12.82 46.04
N VAL B 942 -17.52 12.31 45.58
CA VAL B 942 -17.56 11.12 44.74
C VAL B 942 -17.38 11.49 43.27
N LYS B 943 -16.26 11.09 42.69
CA LYS B 943 -15.94 11.45 41.31
C LYS B 943 -16.98 10.93 40.32
N GLU B 944 -17.55 9.76 40.62
CA GLU B 944 -18.53 9.15 39.75
C GLU B 944 -19.81 10.00 39.68
N ARG B 945 -20.12 10.68 40.78
CA ARG B 945 -21.28 11.56 40.81
C ARG B 945 -20.99 12.87 40.09
N ARG B 946 -19.75 13.35 40.22
CA ARG B 946 -19.34 14.54 39.47
C ARG B 946 -19.41 14.25 37.97
N ALA B 947 -19.04 13.04 37.58
CA ALA B 947 -19.00 12.66 36.17
C ALA B 947 -20.40 12.59 35.58
N HIS B 948 -21.32 11.96 36.31
CA HIS B 948 -22.72 11.86 35.87
C HIS B 948 -23.34 13.25 35.73
N ALA B 949 -23.01 14.12 36.68
CA ALA B 949 -23.53 15.48 36.69
C ALA B 949 -23.12 16.26 35.44
N ARG B 950 -21.89 16.02 34.97
CA ARG B 950 -21.38 16.69 33.79
C ARG B 950 -22.11 16.24 32.52
N GLN B 951 -22.12 14.93 32.28
CA GLN B 951 -22.73 14.41 31.06
C GLN B 951 -24.24 14.65 31.06
N CYS B 952 -24.81 14.94 32.22
CA CYS B 952 -26.19 15.37 32.30
C CYS B 952 -26.33 16.74 31.66
N LEU B 953 -25.45 17.66 32.06
CA LEU B 953 -25.45 19.01 31.51
C LEU B 953 -25.14 18.99 30.02
N VAL B 954 -24.27 18.09 29.59
CA VAL B 954 -23.93 17.96 28.19
C VAL B 954 -25.14 17.52 27.37
N LYS B 955 -25.80 16.46 27.82
CA LYS B 955 -26.97 15.93 27.14
C LYS B 955 -28.10 16.96 27.00
N ASN B 956 -28.41 17.64 28.10
CA ASN B 956 -29.52 18.57 28.14
C ASN B 956 -29.27 19.86 27.37
N ILE B 957 -28.02 20.31 27.37
CA ILE B 957 -27.66 21.52 26.62
C ILE B 957 -27.69 21.25 25.12
N ASN B 958 -27.17 20.09 24.72
CA ASN B 958 -27.10 19.73 23.31
C ASN B 958 -28.48 19.59 22.66
N VAL B 959 -29.44 19.04 23.38
CA VAL B 959 -30.78 18.85 22.84
C VAL B 959 -31.56 20.15 22.83
N ARG B 960 -31.29 21.02 23.79
CA ARG B 960 -31.96 22.32 23.85
C ARG B 960 -31.50 23.23 22.71
N ARG B 961 -30.31 22.96 22.18
CA ARG B 961 -29.78 23.71 21.05
C ARG B 961 -30.21 23.11 19.72
N GLU B 962 -30.43 21.80 19.72
CA GLU B 962 -30.87 21.10 18.52
C GLU B 962 -32.38 21.27 18.34
N TYR B 963 -33.09 21.49 19.45
CA TYR B 963 -34.52 21.74 19.39
C TYR B 963 -34.80 23.15 18.89
N LEU B 964 -34.02 24.11 19.38
CA LEU B 964 -34.15 25.49 18.92
C LEU B 964 -33.66 25.64 17.48
N LYS B 965 -32.90 24.66 17.01
CA LYS B 965 -32.41 24.65 15.63
C LYS B 965 -33.48 24.15 14.67
N GLN B 966 -33.95 22.93 14.91
CA GLN B 966 -34.96 22.32 14.05
C GLN B 966 -36.27 23.10 14.08
N HIS B 967 -36.71 23.48 15.28
CA HIS B 967 -37.89 24.32 15.44
C HIS B 967 -37.46 25.79 15.52
N ALA B 968 -38.40 26.65 15.85
CA ALA B 968 -38.12 28.07 16.01
C ALA B 968 -39.29 28.74 16.73
N ALA B 969 -38.97 29.55 17.75
CA ALA B 969 -40.01 30.18 18.55
C ALA B 969 -39.51 31.49 19.15
N VAL B 970 -40.37 32.12 19.95
CA VAL B 970 -40.07 33.40 20.56
C VAL B 970 -40.80 33.50 21.90
N SER B 971 -40.44 34.49 22.70
CA SER B 971 -41.10 34.77 23.98
C SER B 971 -40.86 33.65 24.99
N GLU B 972 -41.91 32.93 25.37
CA GLU B 972 -41.82 31.93 26.42
C GLU B 972 -41.03 30.70 25.99
N LYS B 973 -40.91 30.51 24.68
CA LYS B 973 -40.27 29.31 24.12
C LYS B 973 -38.79 29.52 23.80
N LEU B 974 -38.33 30.77 23.81
CA LEU B 974 -36.94 31.08 23.54
C LEU B 974 -36.20 31.45 24.83
N LEU B 975 -36.90 32.11 25.74
CA LEU B 975 -36.30 32.46 27.03
C LEU B 975 -36.13 31.23 27.91
N SER B 976 -37.04 30.26 27.74
CA SER B 976 -37.04 29.06 28.57
C SER B 976 -36.02 28.02 28.08
N LEU B 977 -35.98 27.81 26.77
CA LEU B 977 -35.21 26.69 26.21
C LEU B 977 -33.76 27.04 25.86
N LEU B 978 -33.40 28.31 25.98
CA LEU B 978 -32.03 28.72 25.65
C LEU B 978 -31.09 28.39 26.82
N PRO B 979 -30.09 27.52 26.58
CA PRO B 979 -29.22 27.08 27.68
C PRO B 979 -28.51 28.22 28.42
N GLU B 980 -28.12 29.25 27.69
CA GLU B 980 -27.30 30.33 28.26
C GLU B 980 -28.00 31.04 29.41
N TYR B 981 -29.32 30.85 29.53
CA TYR B 981 -30.09 31.49 30.59
C TYR B 981 -29.96 30.75 31.93
N VAL B 982 -29.12 29.72 31.97
CA VAL B 982 -28.88 28.99 33.21
C VAL B 982 -27.95 29.77 34.13
N VAL B 983 -27.11 30.59 33.54
CA VAL B 983 -26.07 31.31 34.29
C VAL B 983 -26.64 32.24 35.36
N PRO B 984 -27.69 33.01 35.03
CA PRO B 984 -28.36 33.80 36.08
C PRO B 984 -28.83 32.97 37.27
N TYR B 985 -29.42 31.80 37.00
CA TYR B 985 -29.90 30.92 38.06
C TYR B 985 -28.74 30.34 38.87
N THR B 986 -27.67 29.96 38.17
CA THR B 986 -26.48 29.42 38.81
C THR B 986 -25.87 30.46 39.74
N ILE B 987 -25.72 31.69 39.22
CA ILE B 987 -25.18 32.79 40.01
C ILE B 987 -26.04 33.05 41.25
N HIS B 988 -27.36 33.06 41.06
CA HIS B 988 -28.27 33.34 42.15
C HIS B 988 -28.27 32.21 43.19
N LEU B 989 -28.26 30.97 42.70
CA LEU B 989 -28.29 29.81 43.57
C LEU B 989 -27.06 29.77 44.47
N LEU B 990 -25.89 29.95 43.86
CA LEU B 990 -24.63 29.92 44.60
C LEU B 990 -24.51 31.10 45.56
N ALA B 991 -25.19 32.20 45.23
CA ALA B 991 -25.18 33.37 46.09
C ALA B 991 -25.93 33.10 47.40
N HIS B 992 -26.86 32.15 47.36
CA HIS B 992 -27.68 31.82 48.52
C HIS B 992 -27.30 30.48 49.13
N ASP B 993 -26.15 29.95 48.72
CA ASP B 993 -25.72 28.65 49.24
C ASP B 993 -25.35 28.76 50.72
N PRO B 994 -25.72 27.76 51.54
CA PRO B 994 -25.42 27.83 52.98
C PRO B 994 -23.94 27.94 53.30
N ASP B 995 -23.09 27.29 52.52
CA ASP B 995 -21.65 27.29 52.76
C ASP B 995 -21.06 28.68 52.57
N TYR B 996 -21.71 29.48 51.73
CA TYR B 996 -21.22 30.83 51.44
C TYR B 996 -21.70 31.82 52.50
N VAL B 997 -20.90 31.99 53.55
CA VAL B 997 -21.26 32.87 54.66
C VAL B 997 -20.53 34.20 54.55
N LYS B 998 -19.21 34.18 54.72
CA LYS B 998 -18.39 35.38 54.63
C LYS B 998 -18.34 35.90 53.20
N VAL B 999 -18.56 37.20 53.03
CA VAL B 999 -18.67 37.81 51.71
C VAL B 999 -17.41 37.64 50.87
N GLN B 1000 -16.25 37.81 51.50
CA GLN B 1000 -14.97 37.86 50.79
C GLN B 1000 -13.99 36.74 51.17
N ASP B 1001 -14.49 35.68 51.79
CA ASP B 1001 -13.62 34.56 52.16
C ASP B 1001 -13.09 33.87 50.91
N ILE B 1002 -11.79 33.60 50.91
CA ILE B 1002 -11.11 33.06 49.73
C ILE B 1002 -11.56 31.63 49.45
N GLU B 1003 -11.51 30.78 50.47
CA GLU B 1003 -11.91 29.39 50.34
C GLU B 1003 -13.34 29.27 49.82
N GLN B 1004 -14.24 30.05 50.41
CA GLN B 1004 -15.66 30.00 50.05
C GLN B 1004 -15.90 30.55 48.65
N LEU B 1005 -15.10 31.53 48.25
CA LEU B 1005 -15.23 32.11 46.91
C LEU B 1005 -14.58 31.21 45.86
N LYS B 1006 -13.60 30.42 46.28
CA LYS B 1006 -13.03 29.40 45.40
C LYS B 1006 -14.05 28.28 45.21
N ASP B 1007 -14.87 28.06 46.24
CA ASP B 1007 -15.93 27.08 46.17
C ASP B 1007 -16.98 27.53 45.15
N VAL B 1008 -17.35 28.80 45.23
CA VAL B 1008 -18.28 29.40 44.27
C VAL B 1008 -17.70 29.29 42.86
N LYS B 1009 -16.39 29.50 42.75
CA LYS B 1009 -15.71 29.48 41.47
C LYS B 1009 -15.80 28.13 40.78
N GLU B 1010 -15.46 27.06 41.52
CA GLU B 1010 -15.43 25.73 40.93
C GLU B 1010 -16.84 25.27 40.55
N CYS B 1011 -17.84 25.78 41.26
CA CYS B 1011 -19.23 25.48 40.93
C CYS B 1011 -19.65 26.20 39.66
N LEU B 1012 -19.26 27.47 39.52
CA LEU B 1012 -19.57 28.23 38.32
C LEU B 1012 -18.84 27.65 37.11
N TRP B 1013 -17.57 27.30 37.30
CA TRP B 1013 -16.76 26.74 36.23
C TRP B 1013 -17.25 25.33 35.85
N PHE B 1014 -18.02 24.72 36.74
CA PHE B 1014 -18.53 23.37 36.50
C PHE B 1014 -19.47 23.33 35.30
N VAL B 1015 -20.32 24.35 35.17
CA VAL B 1015 -21.29 24.39 34.08
C VAL B 1015 -20.76 25.23 32.93
N LEU B 1016 -20.00 26.29 33.26
CA LEU B 1016 -19.50 27.21 32.24
C LEU B 1016 -18.61 26.51 31.23
N GLU B 1017 -17.71 25.67 31.71
CA GLU B 1017 -16.81 24.92 30.84
C GLU B 1017 -17.58 24.11 29.81
N ILE B 1018 -18.73 23.57 30.23
CA ILE B 1018 -19.58 22.78 29.35
C ILE B 1018 -20.42 23.69 28.45
N LEU B 1019 -20.89 24.80 29.00
CA LEU B 1019 -21.74 25.72 28.26
C LEU B 1019 -20.97 26.47 27.18
N MSE B 1020 -19.68 26.69 27.43
CA MSE B 1020 -18.85 27.51 26.56
C MSE B 1020 -18.12 26.73 25.47
O MSE B 1020 -17.43 27.31 24.63
CB MSE B 1020 -17.82 28.28 27.39
CG MSE B 1020 -18.39 29.43 28.19
SE MSE B 1020 -17.08 30.20 29.42
CE MSE B 1020 -15.50 30.14 28.26
H MSE B 1020 -19.25 26.36 28.10
HA MSE B 1020 -19.42 28.16 26.12
HB2 MSE B 1020 -17.41 27.67 28.01
HB3 MSE B 1020 -17.15 28.65 26.79
HG2 MSE B 1020 -18.68 30.14 27.59
HG3 MSE B 1020 -19.15 29.12 28.71
HE1 MSE B 1020 -14.74 30.49 28.76
HE2 MSE B 1020 -15.33 29.21 28.02
HE3 MSE B 1020 -15.67 30.66 27.48
N ALA B 1021 -18.26 25.41 25.49
CA ALA B 1021 -17.52 24.55 24.57
C ALA B 1021 -17.79 24.87 23.10
N LYS B 1022 -19.06 25.10 22.77
CA LYS B 1022 -19.44 25.34 21.37
C LYS B 1022 -18.90 26.68 20.88
N ASN B 1023 -19.17 27.74 21.63
CA ASN B 1023 -18.63 29.07 21.35
C ASN B 1023 -19.06 29.59 19.98
N GLU B 1024 -20.35 29.44 19.67
CA GLU B 1024 -20.90 29.92 18.40
C GLU B 1024 -22.06 30.89 18.65
N ASN B 1025 -22.38 31.67 17.62
CA ASN B 1025 -23.48 32.63 17.67
C ASN B 1025 -23.32 33.63 18.82
N ASN B 1026 -22.08 34.02 19.08
CA ASN B 1026 -21.77 34.99 20.12
C ASN B 1026 -22.34 34.55 21.48
N SER B 1027 -22.17 33.27 21.79
CA SER B 1027 -22.67 32.72 23.06
C SER B 1027 -21.94 33.35 24.23
N HIS B 1028 -20.64 33.51 24.10
CA HIS B 1028 -19.82 34.06 25.18
C HIS B 1028 -20.18 35.51 25.46
N ALA B 1029 -20.33 36.29 24.40
CA ALA B 1029 -20.66 37.71 24.53
C ALA B 1029 -22.04 37.86 25.17
N PHE B 1030 -22.95 36.95 24.85
CA PHE B 1030 -24.30 36.98 25.40
C PHE B 1030 -24.26 36.73 26.90
N ILE B 1031 -23.47 35.73 27.30
CA ILE B 1031 -23.31 35.41 28.72
C ILE B 1031 -22.71 36.60 29.46
N ARG B 1032 -21.74 37.27 28.85
CA ARG B 1032 -21.14 38.46 29.44
C ARG B 1032 -22.20 39.52 29.68
N LYS B 1033 -22.97 39.83 28.64
CA LYS B 1033 -24.00 40.87 28.73
C LYS B 1033 -25.00 40.52 29.82
N MSE B 1034 -25.17 39.22 30.06
CA MSE B 1034 -26.05 38.73 31.10
C MSE B 1034 -25.49 39.09 32.48
O MSE B 1034 -26.15 39.75 33.27
CB MSE B 1034 -26.24 37.22 31.00
CG MSE B 1034 -27.68 36.78 30.98
SE MSE B 1034 -27.85 34.91 30.47
CE MSE B 1034 -27.26 35.04 28.61
H MSE B 1034 -24.77 38.59 29.62
HA MSE B 1034 -26.92 39.16 31.00
HB2 MSE B 1034 -25.83 36.92 30.17
HB3 MSE B 1034 -25.81 36.80 31.75
HG2 MSE B 1034 -28.06 36.88 31.86
HG3 MSE B 1034 -28.18 37.31 30.33
HE1 MSE B 1034 -27.29 34.16 28.21
HE2 MSE B 1034 -27.85 35.64 28.13
HE3 MSE B 1034 -26.35 35.38 28.59
N VAL B 1035 -24.27 38.64 32.74
CA VAL B 1035 -23.63 38.89 34.02
C VAL B 1035 -23.47 40.39 34.28
N GLU B 1036 -23.26 41.16 33.21
CA GLU B 1036 -23.14 42.60 33.32
C GLU B 1036 -24.45 43.22 33.79
N ASN B 1037 -25.54 42.82 33.17
CA ASN B 1037 -26.86 43.36 33.52
C ASN B 1037 -27.29 42.98 34.93
N ILE B 1038 -26.85 41.81 35.40
CA ILE B 1038 -27.18 41.36 36.74
C ILE B 1038 -26.54 42.25 37.79
N LYS B 1039 -25.33 42.73 37.50
CA LYS B 1039 -24.60 43.59 38.45
C LYS B 1039 -25.34 44.90 38.66
N GLN B 1040 -26.01 45.39 37.62
CA GLN B 1040 -26.81 46.61 37.69
C GLN B 1040 -28.27 46.26 38.00
N THR B 1041 -28.46 45.14 38.70
CA THR B 1041 -29.79 44.68 39.09
C THR B 1041 -29.72 44.10 40.50
N LYS B 1042 -30.82 44.21 41.24
CA LYS B 1042 -30.84 43.79 42.64
C LYS B 1042 -31.58 42.46 42.84
N ASP B 1043 -31.37 41.86 44.01
CA ASP B 1043 -31.94 40.56 44.34
C ASP B 1043 -33.38 40.70 44.81
N ALA B 1044 -34.24 39.79 44.35
CA ALA B 1044 -35.67 39.88 44.63
C ALA B 1044 -36.05 39.25 45.97
N GLN B 1045 -35.06 38.74 46.69
CA GLN B 1045 -35.31 38.14 48.01
C GLN B 1045 -35.09 39.15 49.14
N GLY B 1046 -34.72 40.37 48.80
CA GLY B 1046 -34.50 41.40 49.80
C GLY B 1046 -33.71 42.59 49.26
N PRO B 1047 -34.35 43.43 48.44
CA PRO B 1047 -33.71 44.62 47.86
C PRO B 1047 -33.13 45.56 48.92
N ASP B 1048 -33.73 45.59 50.10
CA ASP B 1048 -33.26 46.45 51.19
C ASP B 1048 -32.02 45.87 51.84
N ASP B 1049 -31.92 44.54 51.86
CA ASP B 1049 -30.76 43.87 52.44
C ASP B 1049 -29.54 44.07 51.54
N ALA B 1050 -28.69 45.03 51.91
CA ALA B 1050 -27.51 45.36 51.11
C ALA B 1050 -26.49 44.22 51.11
N LYS B 1051 -26.45 43.48 52.22
CA LYS B 1051 -25.53 42.35 52.34
C LYS B 1051 -25.82 41.29 51.29
N MSE B 1052 -27.09 41.01 51.06
CA MSE B 1052 -27.49 40.03 50.04
C MSE B 1052 -27.02 40.47 48.67
O MSE B 1052 -26.46 39.68 47.91
CB MSE B 1052 -29.00 39.85 50.03
CG MSE B 1052 -29.52 38.84 51.03
SE MSE B 1052 -31.33 38.23 50.61
CE MSE B 1052 -31.58 36.97 52.07
H MSE B 1052 -27.76 41.36 51.48
HA MSE B 1052 -27.09 39.18 50.26
HB2 MSE B 1052 -29.42 40.70 50.21
HB3 MSE B 1052 -29.27 39.54 49.15
HG2 MSE B 1052 -28.94 38.06 51.04
HG3 MSE B 1052 -29.55 39.25 51.91
HE1 MSE B 1052 -32.46 36.56 51.99
HE2 MSE B 1052 -30.90 36.28 52.01
HE3 MSE B 1052 -31.50 37.44 52.91
N ASN B 1053 -27.26 41.73 48.34
CA ASN B 1053 -26.84 42.27 47.05
C ASN B 1053 -25.32 42.25 46.91
N GLU B 1054 -24.63 42.47 48.02
CA GLU B 1054 -23.18 42.42 48.04
C GLU B 1054 -22.70 41.01 47.71
N LYS B 1055 -23.30 40.01 48.35
CA LYS B 1055 -22.98 38.62 48.08
C LYS B 1055 -23.27 38.26 46.62
N LEU B 1056 -24.32 38.85 46.06
CA LEU B 1056 -24.70 38.58 44.69
C LEU B 1056 -23.65 39.13 43.72
N TYR B 1057 -23.28 40.38 43.90
CA TYR B 1057 -22.37 41.06 42.99
C TYR B 1057 -20.99 40.41 42.97
N THR B 1058 -20.55 39.90 44.12
CA THR B 1058 -19.27 39.20 44.19
C THR B 1058 -19.28 37.99 43.27
N VAL B 1059 -20.33 37.19 43.35
CA VAL B 1059 -20.47 36.00 42.50
C VAL B 1059 -20.46 36.38 41.03
N CYS B 1060 -21.08 37.51 40.70
CA CYS B 1060 -21.09 38.01 39.33
C CYS B 1060 -19.68 38.29 38.84
N ASP B 1061 -18.85 38.87 39.70
CA ASP B 1061 -17.48 39.21 39.33
C ASP B 1061 -16.63 37.96 39.21
N VAL B 1062 -16.88 36.98 40.08
CA VAL B 1062 -16.19 35.69 39.99
C VAL B 1062 -16.55 35.03 38.66
N ALA B 1063 -17.83 35.08 38.33
CA ALA B 1063 -18.31 34.53 37.06
C ALA B 1063 -17.67 35.28 35.89
N MSE B 1064 -17.46 36.57 36.08
CA MSE B 1064 -16.90 37.42 35.04
C MSE B 1064 -15.45 37.02 34.73
O MSE B 1064 -15.09 36.86 33.57
CB MSE B 1064 -16.96 38.89 35.46
CG MSE B 1064 -16.75 39.89 34.32
SE MSE B 1064 -18.20 39.90 33.02
CE MSE B 1064 -17.43 38.73 31.67
H MSE B 1064 -17.62 37.00 36.82
HA MSE B 1064 -17.42 37.33 34.24
HB2 MSE B 1064 -17.83 39.07 35.85
HB3 MSE B 1064 -16.27 39.06 36.12
HG2 MSE B 1064 -16.68 40.78 34.70
HG3 MSE B 1064 -15.93 39.65 33.86
HE1 MSE B 1064 -18.05 38.63 30.94
HE2 MSE B 1064 -16.59 39.11 31.35
HE3 MSE B 1064 -17.25 37.86 32.08
N ASN B 1065 -14.65 36.86 35.78
CA ASN B 1065 -13.23 36.53 35.61
C ASN B 1065 -13.01 35.16 34.97
N ILE B 1066 -13.93 34.23 35.20
CA ILE B 1066 -13.84 32.92 34.57
C ILE B 1066 -14.01 33.07 33.06
N ILE B 1067 -14.99 33.87 32.66
CA ILE B 1067 -15.26 34.12 31.25
C ILE B 1067 -14.06 34.77 30.56
N MSE B 1068 -13.53 35.82 31.17
CA MSE B 1068 -12.41 36.55 30.58
C MSE B 1068 -11.13 35.72 30.53
O MSE B 1068 -10.28 35.93 29.66
CB MSE B 1068 -12.15 37.83 31.38
CG MSE B 1068 -13.34 38.78 31.45
SE MSE B 1068 -12.91 40.52 32.22
CE MSE B 1068 -12.26 39.93 33.96
H MSE B 1068 -13.79 36.12 31.93
HA MSE B 1068 -12.65 36.81 29.68
HB2 MSE B 1068 -11.90 37.60 32.29
HB3 MSE B 1068 -11.41 38.31 30.95
HG2 MSE B 1068 -13.68 38.92 30.55
HG3 MSE B 1068 -14.03 38.37 32.00
HE1 MSE B 1068 -12.00 40.71 34.48
HE2 MSE B 1068 -12.96 39.45 34.42
HE3 MSE B 1068 -11.49 39.35 33.82
N SER B 1069 -10.99 34.77 31.46
CA SER B 1069 -9.77 33.99 31.58
C SER B 1069 -9.77 32.72 30.73
N LYS B 1070 -10.89 32.42 30.10
CA LYS B 1070 -11.05 31.16 29.37
C LYS B 1070 -11.44 31.38 27.91
N SER B 1071 -11.90 32.58 27.59
CA SER B 1071 -12.37 32.89 26.23
C SER B 1071 -11.72 34.14 25.67
N THR B 1072 -11.79 34.26 24.34
CA THR B 1072 -11.28 35.44 23.63
C THR B 1072 -12.38 36.06 22.77
N THR B 1073 -13.60 35.57 22.93
CA THR B 1073 -14.73 35.97 22.08
C THR B 1073 -15.83 36.63 22.89
N TYR B 1074 -15.50 37.04 24.12
CA TYR B 1074 -16.50 37.63 25.01
C TYR B 1074 -16.62 39.14 24.80
N SER B 1075 -15.58 39.76 24.26
CA SER B 1075 -15.54 41.20 24.07
C SER B 1075 -16.51 41.65 22.98
N LEU B 1076 -16.95 40.71 22.14
CA LEU B 1076 -17.84 41.02 21.03
C LEU B 1076 -19.21 41.48 21.51
N GLU B 1077 -20.03 41.96 20.58
CA GLU B 1077 -21.36 42.46 20.92
C GLU B 1077 -22.38 41.33 20.95
N SER B 1078 -23.33 41.42 21.88
CA SER B 1078 -24.33 40.38 22.08
C SER B 1078 -25.44 40.48 21.02
N PRO B 1079 -25.94 39.32 20.54
CA PRO B 1079 -26.98 39.32 19.52
C PRO B 1079 -28.38 39.52 20.09
N LYS B 1080 -28.48 39.72 21.40
CA LYS B 1080 -29.77 39.81 22.08
C LYS B 1080 -29.66 40.60 23.38
N ASP B 1081 -30.77 41.22 23.77
CA ASP B 1081 -30.87 41.89 25.06
C ASP B 1081 -31.31 40.88 26.11
N PRO B 1082 -30.45 40.59 27.10
CA PRO B 1082 -30.78 39.53 28.07
C PRO B 1082 -31.98 39.86 28.96
N VAL B 1083 -32.99 39.01 28.91
CA VAL B 1083 -34.19 39.19 29.74
C VAL B 1083 -34.05 38.38 31.02
N LEU B 1084 -33.63 39.04 32.09
CA LEU B 1084 -33.39 38.35 33.36
C LEU B 1084 -34.69 37.82 33.96
N PRO B 1085 -34.63 36.66 34.65
CA PRO B 1085 -35.80 36.12 35.35
C PRO B 1085 -36.44 37.12 36.30
N ALA B 1086 -37.73 37.35 36.13
CA ALA B 1086 -38.44 38.35 36.92
C ALA B 1086 -38.53 37.95 38.39
N ARG B 1087 -38.54 36.65 38.66
CA ARG B 1087 -38.72 36.15 40.03
C ARG B 1087 -37.45 36.24 40.86
N PHE B 1088 -36.30 36.35 40.19
CA PHE B 1088 -35.00 36.34 40.86
C PHE B 1088 -34.38 37.73 40.95
N PHE B 1089 -34.63 38.57 39.95
CA PHE B 1089 -33.99 39.88 39.85
C PHE B 1089 -35.01 41.00 39.64
N THR B 1090 -34.62 42.21 40.01
CA THR B 1090 -35.48 43.39 39.89
C THR B 1090 -34.69 44.59 39.38
N GLN B 1091 -35.12 45.14 38.25
CA GLN B 1091 -34.40 46.23 37.60
C GLN B 1091 -34.28 47.44 38.52
N THR B 1099 -19.82 50.73 38.61
CA THR B 1099 -19.45 49.33 38.39
C THR B 1099 -18.19 48.96 39.14
N LYS B 1100 -18.24 49.08 40.47
CA LYS B 1100 -17.10 48.74 41.31
C LYS B 1100 -16.84 47.23 41.32
N ASN B 1101 -15.59 46.85 41.51
CA ASN B 1101 -15.20 45.45 41.56
C ASN B 1101 -15.29 44.90 42.98
N TYR B 1102 -16.22 43.97 43.18
CA TYR B 1102 -16.50 43.43 44.52
C TYR B 1102 -15.53 42.31 44.91
N LEU B 1103 -14.61 41.95 44.02
CA LEU B 1103 -13.65 40.90 44.31
C LEU B 1103 -12.59 41.34 45.31
N PRO B 1104 -12.16 40.43 46.20
CA PRO B 1104 -10.94 40.74 46.96
C PRO B 1104 -9.72 40.62 46.06
N PRO B 1105 -8.66 41.39 46.33
CA PRO B 1105 -7.49 41.41 45.43
C PRO B 1105 -6.83 40.04 45.25
N GLU B 1106 -7.00 39.15 46.23
CA GLU B 1106 -6.31 37.88 46.24
C GLU B 1106 -6.83 36.91 45.18
N MSE B 1107 -8.08 37.10 44.75
CA MSE B 1107 -8.72 36.18 43.81
C MSE B 1107 -8.11 36.25 42.41
O MSE B 1107 -8.20 35.28 41.65
CB MSE B 1107 -10.22 36.47 43.73
CG MSE B 1107 -11.04 35.90 44.89
SE MSE B 1107 -11.03 33.95 44.93
CE MSE B 1107 -11.93 33.59 43.23
H MSE B 1107 -8.58 37.75 45.01
HA MSE B 1107 -8.61 35.28 44.16
HB2 MSE B 1107 -10.35 37.43 43.72
HB3 MSE B 1107 -10.56 36.09 42.91
HG2 MSE B 1107 -10.66 36.22 45.72
HG3 MSE B 1107 -11.95 36.20 44.80
HE1 MSE B 1107 -12.00 32.64 43.10
HE2 MSE B 1107 -12.81 33.99 43.25
HE3 MSE B 1107 -11.40 33.98 42.51
N LYS B 1108 -7.50 37.38 42.08
CA LYS B 1108 -7.03 37.63 40.72
C LYS B 1108 -6.02 36.59 40.21
N SER B 1109 -5.42 35.82 41.12
CA SER B 1109 -4.39 34.86 40.75
C SER B 1109 -4.93 33.47 40.44
N PHE B 1110 -5.97 33.06 41.17
CA PHE B 1110 -6.50 31.72 41.06
C PHE B 1110 -7.22 31.46 39.74
N PHE B 1111 -7.43 32.52 38.95
CA PHE B 1111 -8.05 32.39 37.63
C PHE B 1111 -7.00 32.07 36.58
N LYS C 7 16.90 19.00 62.64
CA LYS C 7 15.79 18.09 62.88
C LYS C 7 14.63 18.39 61.93
N THR C 8 14.09 17.35 61.30
CA THR C 8 13.01 17.49 60.34
C THR C 8 12.04 16.31 60.43
N TYR C 9 10.96 16.38 59.66
CA TYR C 9 9.97 15.30 59.60
C TYR C 9 10.30 14.37 58.43
N SER C 10 10.67 13.13 58.75
CA SER C 10 11.01 12.14 57.72
C SER C 10 10.52 10.75 58.07
N ARG C 11 10.37 9.91 57.05
CA ARG C 11 9.88 8.55 57.22
C ARG C 11 10.65 7.57 56.34
C1 IHP D . 41.98 2.60 -42.16
C2 IHP D . 40.80 1.76 -42.67
C3 IHP D . 41.08 0.32 -43.10
C4 IHP D . 42.10 -0.40 -42.27
C5 IHP D . 43.31 0.49 -42.22
C6 IHP D . 43.21 1.87 -41.63
O11 IHP D . 41.51 3.45 -41.13
P1 IHP D . 41.46 5.01 -41.47
O21 IHP D . 42.71 5.41 -42.22
O31 IHP D . 41.37 5.83 -40.20
O41 IHP D . 40.26 5.29 -42.35
O12 IHP D . 39.76 1.77 -41.68
P2 IHP D . 38.30 2.26 -42.07
O22 IHP D . 37.28 1.36 -41.42
O32 IHP D . 38.10 3.68 -41.56
O42 IHP D . 38.10 2.25 -43.57
O13 IHP D . 39.88 -0.44 -43.08
P3 IHP D . 39.33 -1.05 -44.45
O23 IHP D . 38.44 -2.22 -44.14
O33 IHP D . 40.47 -1.48 -45.34
O43 IHP D . 38.53 0.02 -45.16
O14 IHP D . 42.42 -1.65 -42.91
P4 IHP D . 42.92 -2.95 -42.09
O24 IHP D . 43.92 -2.56 -41.01
O34 IHP D . 43.57 -3.91 -43.06
O44 IHP D . 41.75 -3.62 -41.44
O15 IHP D . 44.60 -0.01 -42.59
P5 IHP D . 45.39 0.80 -43.68
O25 IHP D . 44.45 1.74 -44.41
O35 IHP D . 46.01 -0.15 -44.67
O45 IHP D . 46.46 1.62 -42.99
O16 IHP D . 43.17 1.82 -40.21
P6 IHP D . 44.32 2.38 -39.33
O26 IHP D . 43.74 3.26 -38.25
O36 IHP D . 45.33 3.17 -40.11
O46 IHP D . 45.03 1.21 -38.69
H1 IHP D . 42.27 3.16 -42.90
H2 IHP D . 40.44 2.23 -43.48
H3 IHP D . 41.41 0.34 -44.02
H4 IHP D . 41.77 -0.56 -41.37
H5 IHP D . 43.48 0.15 -41.31
H6 IHP D . 44.02 2.39 -41.90
C1 IHP E . -43.93 5.15 36.88
C2 IHP E . -43.15 6.47 36.97
C3 IHP E . -42.51 6.80 38.31
C4 IHP E . -41.93 5.65 39.08
C5 IHP E . -42.96 4.54 39.11
C6 IHP E . -43.55 4.01 37.82
O11 IHP E . -43.80 4.69 35.55
P1 IHP E . -45.08 4.08 34.82
O21 IHP E . -46.35 4.43 35.56
O31 IHP E . -44.94 2.57 34.75
O41 IHP E . -45.15 4.63 33.42
O12 IHP E . -42.17 6.53 35.92
P2 IHP E . -42.45 7.45 34.66
O22 IHP E . -41.16 7.65 33.90
O32 IHP E . -43.46 6.79 33.74
O42 IHP E . -42.99 8.79 35.09
O13 IHP E . -41.45 7.74 38.10
P3 IHP E . -41.72 9.24 38.54
O23 IHP E . -40.42 10.01 38.47
O33 IHP E . -42.27 9.28 39.95
O43 IHP E . -42.72 9.84 37.59
O14 IHP E . -41.68 6.10 40.42
P4 IHP E . -40.31 5.71 41.18
O24 IHP E . -40.07 4.21 41.11
O34 IHP E . -40.42 6.14 42.63
O44 IHP E . -39.15 6.43 40.54
O15 IHP E . -43.23 3.86 40.32
P5 IHP E . -44.70 4.01 40.90
O25 IHP E . -45.59 4.68 39.89
O35 IHP E . -44.68 4.83 42.16
O45 IHP E . -45.22 2.62 41.19
O16 IHP E . -42.66 3.09 37.19
P6 IHP E . -42.84 1.56 37.44
O26 IHP E . -42.01 0.79 36.45
O36 IHP E . -44.28 1.14 37.26
O46 IHP E . -42.40 1.20 38.84
H1 IHP E . -44.88 5.36 37.03
H2 IHP E . -43.81 7.20 36.78
H3 IHP E . -43.18 7.24 38.87
H4 IHP E . -41.11 5.33 38.66
H5 IHP E . -42.21 3.92 38.97
H6 IHP E . -44.39 3.53 38.05
#